data_6OKD
#
_entry.id   6OKD
#
_cell.length_a   102.601
_cell.length_b   145.500
_cell.length_c   133.494
_cell.angle_alpha   90.00
_cell.angle_beta   90.02
_cell.angle_gamma   90.00
#
_symmetry.space_group_name_H-M   'C 1 2 1'
#
loop_
_entity.id
_entity.type
_entity.pdbx_description
1 polymer 'Transferrin receptor protein 1'
2 polymer 'transferrin receptor binding cystine-dense peptide'
3 non-polymer '2-(N-MORPHOLINO)-ETHANESULFONIC ACID'
4 non-polymer GLYCEROL
5 non-polymer 2-acetamido-2-deoxy-beta-D-glucopyranose
6 water water
#
loop_
_entity_poly.entity_id
_entity_poly.type
_entity_poly.pdbx_seq_one_letter_code
_entity_poly.pdbx_strand_id
1 'polypeptide(L)'
;GSRLYWDDLKRKLSEKLDSTDFTSTIKLLNENSYVPREAGSQKDENLALYVENQFREFKLSKVWRDQHFVKIQVKDSAQN
SVIIVDKNGRLVYLVENPGGYVAYSKAATVTGKLVHANFGTKKDFEDLYTPVNGSIVIVRAGKITFAEKVANAESLNAIG
VLIYMDQTKFPIVNAELSFFGHAHLGTGDPYTPGFPSFNHTQFPPSRSSGLPNIPVQTISRAAAEKLFGNMEGDCPSDWK
TDSTCRMVTSESKNVKLTVSNVLKEIKILNIFGVIKGFVEPDHYVVVGAQRDAWGPGAAKSGVGTALLLKLAQMFSDMVL
KDGFQPSRSIIFASWSAGDFGSVGATEWLEGYLSSLHLKAFTYINLDKAVLGTSNFKVSASPLLYTLIEKTMQNVKHPVT
GQFLYQDSNWASKVEKLTLDNAAFPFLAYSGIPAVSFCFCEDTDYPYLGTTMDTYKELIERIPELNKVARAAAEVAGQFV
IKLTHDVELNLDYERYNSQLLSFVRDLNQYRADIKEMGLSLQWLYSARGDFFRATSRLTTDFGNAEKTDRFVMKKLNDRV
MRVEYHFLSPYVSPKESPFRHVFWGSGSHTLPALLENLKLRKQNNGAFNETLFRNQLALATWTIQGAANALSGDVWDIDN
EFGGGSHHHHHHGGGSLNDIFEAQKIEWHE
;
A,B
2 'polypeptide(L)' GSREGCASRCMKYNDELEKCEARMMSMSNTEEDCEQELEDLLYCLDHCHSQ C,D
#
loop_
_chem_comp.id
_chem_comp.type
_chem_comp.name
_chem_comp.formula
GOL non-polymer GLYCEROL 'C3 H8 O3'
MES non-polymer '2-(N-MORPHOLINO)-ETHANESULFONIC ACID' 'C6 H13 N O4 S'
NAG D-saccharide, beta linking 2-acetamido-2-deoxy-beta-D-glucopyranose 'C8 H15 N O6'
#
# COMPACT_ATOMS: atom_id res chain seq x y z
N SER A 2 33.56 17.62 25.16
CA SER A 2 34.18 16.67 24.19
C SER A 2 33.08 15.84 23.50
N ARG A 3 33.05 15.93 22.17
CA ARG A 3 32.21 15.04 21.34
C ARG A 3 32.62 13.58 21.59
N LEU A 4 31.63 12.71 21.85
CA LEU A 4 31.91 11.28 22.10
C LEU A 4 31.91 10.48 20.81
N TYR A 5 32.78 9.49 20.73
CA TYR A 5 32.88 8.65 19.56
C TYR A 5 32.59 7.27 20.03
N TRP A 6 32.42 6.38 19.06
CA TRP A 6 31.94 5.04 19.28
C TRP A 6 32.70 4.37 20.45
N ASP A 7 34.03 4.42 20.40
CA ASP A 7 34.88 3.78 21.44
C ASP A 7 34.52 4.26 22.85
N ASP A 8 34.31 5.55 22.98
CA ASP A 8 33.89 6.17 24.26
C ASP A 8 32.52 5.69 24.69
N LEU A 9 31.58 5.61 23.74
CA LEU A 9 30.24 5.13 24.07
C LEU A 9 30.23 3.69 24.44
N LYS A 10 30.98 2.85 23.69
CA LYS A 10 31.04 1.44 23.95
C LYS A 10 31.59 1.19 25.37
N ARG A 11 32.67 1.88 25.71
CA ARG A 11 33.30 1.74 27.03
C ARG A 11 32.45 2.28 28.21
N LYS A 12 31.72 3.35 27.95
CA LYS A 12 30.71 3.81 28.89
C LYS A 12 29.58 2.85 29.13
N LEU A 13 29.00 2.26 28.07
CA LEU A 13 27.99 1.27 28.25
C LEU A 13 28.52 0.12 29.11
N SER A 14 29.69 -0.37 28.71
CA SER A 14 30.28 -1.56 29.33
CA SER A 14 30.28 -1.57 29.35
C SER A 14 30.47 -1.28 30.85
N GLU A 15 30.84 -0.06 31.14
CA GLU A 15 31.08 0.37 32.51
C GLU A 15 29.79 0.30 33.33
N LYS A 16 28.72 0.86 32.76
CA LYS A 16 27.44 0.87 33.42
C LYS A 16 26.90 -0.51 33.56
N LEU A 17 27.03 -1.35 32.53
CA LEU A 17 26.60 -2.72 32.66
C LEU A 17 27.28 -3.49 33.81
N ASP A 18 28.58 -3.32 33.94
CA ASP A 18 29.34 -3.97 35.02
C ASP A 18 28.76 -3.76 36.42
N SER A 19 28.06 -2.65 36.64
CA SER A 19 27.48 -2.38 37.97
CA SER A 19 27.47 -2.33 37.95
C SER A 19 25.97 -2.62 38.02
N THR A 20 25.41 -3.18 36.96
CA THR A 20 23.98 -3.32 36.91
C THR A 20 23.58 -4.65 37.52
N ASP A 21 22.49 -4.59 38.27
CA ASP A 21 21.94 -5.76 38.98
C ASP A 21 20.61 -6.13 38.32
N PHE A 22 20.66 -7.12 37.47
CA PHE A 22 19.49 -7.50 36.69
C PHE A 22 18.62 -8.49 37.51
N THR A 23 19.29 -9.30 38.32
CA THR A 23 18.57 -10.36 39.03
C THR A 23 17.58 -9.81 40.07
N SER A 24 17.87 -8.66 40.67
CA SER A 24 16.94 -8.03 41.63
C SER A 24 15.65 -7.63 41.00
N THR A 25 15.74 -7.15 39.75
CA THR A 25 14.56 -6.77 39.05
C THR A 25 13.76 -7.95 38.58
N ILE A 26 14.45 -8.98 38.10
CA ILE A 26 13.71 -10.21 37.77
C ILE A 26 12.96 -10.79 38.96
N LYS A 27 13.64 -10.85 40.11
CA LYS A 27 13.04 -11.28 41.33
C LYS A 27 11.84 -10.44 41.82
N LEU A 28 11.93 -9.11 41.67
CA LEU A 28 10.80 -8.23 41.98
C LEU A 28 9.57 -8.51 41.12
N LEU A 29 9.80 -8.82 39.86
CA LEU A 29 8.67 -9.24 38.99
C LEU A 29 8.09 -10.62 39.22
N ASN A 30 8.67 -11.42 40.11
CA ASN A 30 8.07 -12.67 40.60
C ASN A 30 7.42 -12.50 41.95
N GLU A 31 7.36 -11.26 42.49
CA GLU A 31 6.70 -11.10 43.76
C GLU A 31 5.21 -11.19 43.52
N ASN A 32 4.47 -11.38 44.62
CA ASN A 32 3.02 -11.71 44.59
C ASN A 32 2.18 -10.58 43.97
N SER A 33 2.69 -9.36 43.99
CA SER A 33 1.90 -8.29 43.41
C SER A 33 1.87 -8.34 41.87
N TYR A 34 2.79 -9.09 41.23
CA TYR A 34 2.89 -9.09 39.80
C TYR A 34 2.76 -10.51 39.19
N VAL A 35 2.44 -11.51 40.01
CA VAL A 35 2.17 -12.85 39.46
C VAL A 35 0.90 -13.44 40.05
N PRO A 36 0.18 -14.27 39.27
CA PRO A 36 0.32 -14.40 37.81
C PRO A 36 -0.21 -13.14 37.12
N ARG A 37 0.05 -12.96 35.82
CA ARG A 37 -0.29 -11.68 35.17
C ARG A 37 -0.78 -11.86 33.74
N GLU A 38 -1.91 -12.54 33.64
CA GLU A 38 -2.56 -12.72 32.35
C GLU A 38 -2.92 -11.32 31.83
N ALA A 39 -2.89 -11.18 30.51
CA ALA A 39 -3.22 -9.89 29.91
C ALA A 39 -4.57 -9.36 30.36
N GLY A 40 -4.58 -8.09 30.71
CA GLY A 40 -5.83 -7.38 31.12
C GLY A 40 -6.18 -7.56 32.58
N SER A 41 -5.43 -8.42 33.27
CA SER A 41 -5.63 -8.66 34.71
C SER A 41 -5.19 -7.48 35.56
N GLN A 42 -5.70 -7.44 36.79
CA GLN A 42 -5.26 -6.43 37.71
C GLN A 42 -3.72 -6.44 37.86
N LYS A 43 -3.14 -7.61 38.00
CA LYS A 43 -1.68 -7.72 38.12
C LYS A 43 -0.86 -7.29 36.94
N ASP A 44 -1.35 -7.56 35.74
CA ASP A 44 -0.73 -7.01 34.53
C ASP A 44 -0.76 -5.49 34.58
N GLU A 45 -1.92 -4.95 34.94
CA GLU A 45 -2.02 -3.55 35.06
C GLU A 45 -1.10 -2.96 36.13
N ASN A 46 -1.04 -3.61 37.28
CA ASN A 46 -0.11 -3.15 38.34
C ASN A 46 1.31 -3.09 37.80
N LEU A 47 1.75 -4.14 37.10
CA LEU A 47 3.08 -4.12 36.54
C LEU A 47 3.28 -3.01 35.49
N ALA A 48 2.29 -2.80 34.59
CA ALA A 48 2.32 -1.66 33.63
C ALA A 48 2.57 -0.32 34.33
N LEU A 49 1.85 -0.08 35.41
CA LEU A 49 1.90 1.21 36.10
C LEU A 49 3.20 1.35 36.88
N TYR A 50 3.75 0.23 37.33
CA TYR A 50 5.09 0.16 37.86
C TYR A 50 6.18 0.51 36.85
N VAL A 51 6.06 -0.05 35.67
CA VAL A 51 6.97 0.22 34.55
C VAL A 51 6.89 1.71 34.18
N GLU A 52 5.66 2.21 34.09
CA GLU A 52 5.44 3.62 33.82
C GLU A 52 6.13 4.53 34.80
N ASN A 53 5.93 4.27 36.07
CA ASN A 53 6.49 5.12 37.07
C ASN A 53 8.01 5.00 37.11
N GLN A 54 8.57 3.82 36.81
CA GLN A 54 10.04 3.70 36.61
C GLN A 54 10.56 4.57 35.47
N PHE A 55 9.91 4.49 34.30
CA PHE A 55 10.29 5.33 33.16
C PHE A 55 10.30 6.80 33.50
N ARG A 56 9.29 7.23 34.25
CA ARG A 56 9.30 8.57 34.78
C ARG A 56 10.46 8.86 35.72
N GLU A 57 10.75 7.96 36.65
CA GLU A 57 11.90 8.12 37.52
C GLU A 57 13.22 8.25 36.76
N PHE A 58 13.38 7.54 35.67
CA PHE A 58 14.56 7.64 34.81
C PHE A 58 14.63 8.95 33.98
N LYS A 59 13.61 9.81 34.05
CA LYS A 59 13.59 11.10 33.37
C LYS A 59 13.66 10.95 31.83
N LEU A 60 13.02 9.91 31.30
CA LEU A 60 12.79 9.82 29.86
C LEU A 60 12.12 11.11 29.35
N SER A 61 12.32 11.44 28.06
CA SER A 61 11.81 12.68 27.47
C SER A 61 10.28 12.73 27.59
N LYS A 62 9.64 11.61 27.38
CA LYS A 62 8.20 11.49 27.48
C LYS A 62 7.84 10.07 27.77
N VAL A 63 6.76 9.91 28.55
CA VAL A 63 6.29 8.59 28.90
C VAL A 63 4.76 8.58 28.67
N TRP A 64 4.23 7.56 28.06
CA TRP A 64 2.81 7.57 27.70
C TRP A 64 2.24 6.17 27.67
N ARG A 65 0.91 6.12 27.74
CA ARG A 65 0.16 4.87 27.64
C ARG A 65 -0.54 4.75 26.32
N ASP A 66 -0.67 3.54 25.85
CA ASP A 66 -1.39 3.21 24.60
C ASP A 66 -2.33 2.10 25.00
N GLN A 67 -3.62 2.39 25.05
CA GLN A 67 -4.60 1.37 25.44
C GLN A 67 -5.46 0.84 24.28
N HIS A 68 -5.83 -0.43 24.37
CA HIS A 68 -6.66 -1.08 23.37
C HIS A 68 -7.65 -1.93 24.12
N PHE A 69 -8.84 -2.08 23.60
CA PHE A 69 -9.77 -3.11 24.09
C PHE A 69 -9.76 -4.25 23.10
N VAL A 70 -9.50 -5.45 23.55
CA VAL A 70 -9.35 -6.57 22.66
C VAL A 70 -10.12 -7.71 23.28
N LYS A 71 -10.51 -8.66 22.46
CA LYS A 71 -11.18 -9.90 22.90
C LYS A 71 -10.17 -11.04 22.94
N ILE A 72 -10.03 -11.63 24.13
CA ILE A 72 -9.18 -12.81 24.27
C ILE A 72 -10.10 -13.99 24.59
N GLN A 73 -9.55 -15.17 24.67
CA GLN A 73 -10.30 -16.28 25.17
C GLN A 73 -9.72 -16.72 26.49
N VAL A 74 -10.59 -17.18 27.37
CA VAL A 74 -10.20 -17.63 28.70
C VAL A 74 -11.02 -18.87 29.07
N LYS A 75 -10.62 -19.54 30.15
CA LYS A 75 -11.45 -20.66 30.68
C LYS A 75 -12.81 -20.22 31.20
N ASP A 76 -13.80 -21.09 30.99
CA ASP A 76 -15.20 -20.88 31.37
C ASP A 76 -15.26 -21.29 32.84
N SER A 77 -16.45 -21.20 33.42
CA SER A 77 -16.67 -21.80 34.73
C SER A 77 -16.84 -23.34 34.70
N ALA A 78 -17.38 -23.90 33.61
CA ALA A 78 -17.33 -25.35 33.37
C ALA A 78 -15.91 -25.82 33.01
N GLN A 79 -15.48 -26.92 33.60
CA GLN A 79 -14.12 -27.37 33.40
C GLN A 79 -14.00 -28.07 32.05
N ASN A 80 -12.91 -27.80 31.36
CA ASN A 80 -12.50 -28.62 30.20
C ASN A 80 -12.07 -30.00 30.73
N SER A 81 -12.29 -31.03 29.92
CA SER A 81 -11.99 -32.36 30.35
C SER A 81 -11.59 -33.30 29.21
N VAL A 82 -10.88 -34.34 29.62
CA VAL A 82 -10.48 -35.45 28.76
C VAL A 82 -10.94 -36.74 29.45
N ILE A 83 -11.76 -37.51 28.76
CA ILE A 83 -12.47 -38.63 29.29
C ILE A 83 -12.26 -39.84 28.38
N ILE A 84 -12.06 -41.01 28.99
CA ILE A 84 -12.02 -42.28 28.26
C ILE A 84 -13.41 -42.90 28.27
N VAL A 85 -13.84 -43.25 27.07
CA VAL A 85 -15.08 -43.97 26.83
C VAL A 85 -14.76 -45.45 26.47
N ASP A 86 -15.10 -46.38 27.35
CA ASP A 86 -14.61 -47.81 27.18
C ASP A 86 -15.77 -48.77 26.88
N GLY A 89 -19.15 -46.33 27.32
CA GLY A 89 -20.29 -47.10 26.91
C GLY A 89 -20.81 -47.80 28.15
N ARG A 90 -20.24 -48.99 28.39
CA ARG A 90 -20.23 -49.67 29.71
C ARG A 90 -19.41 -48.97 30.82
N LEU A 91 -18.32 -48.27 30.48
CA LEU A 91 -17.78 -47.29 31.41
C LEU A 91 -17.14 -46.08 30.83
N VAL A 92 -17.13 -45.02 31.62
CA VAL A 92 -16.60 -43.77 31.18
C VAL A 92 -15.84 -43.21 32.37
N TYR A 93 -14.61 -42.79 32.16
CA TYR A 93 -13.88 -42.19 33.27
C TYR A 93 -12.98 -41.04 32.93
N LEU A 94 -12.86 -40.15 33.91
CA LEU A 94 -12.17 -38.92 33.75
C LEU A 94 -10.66 -39.19 33.72
N VAL A 95 -10.00 -38.72 32.69
CA VAL A 95 -8.52 -38.68 32.67
C VAL A 95 -7.95 -37.47 33.36
N GLU A 96 -8.42 -36.30 32.99
CA GLU A 96 -7.90 -35.06 33.66
C GLU A 96 -8.94 -33.97 33.42
N ASN A 97 -9.12 -33.08 34.41
CA ASN A 97 -9.58 -31.68 34.20
C ASN A 97 -8.35 -30.71 34.12
N PRO A 98 -7.87 -30.40 32.91
CA PRO A 98 -6.55 -29.74 32.85
C PRO A 98 -6.56 -28.33 33.43
N GLY A 99 -5.46 -27.90 34.08
CA GLY A 99 -5.42 -26.56 34.67
C GLY A 99 -5.12 -25.47 33.64
N GLY A 100 -4.44 -25.84 32.59
CA GLY A 100 -4.16 -24.92 31.47
C GLY A 100 -5.21 -25.00 30.35
N TYR A 101 -5.02 -24.19 29.31
CA TYR A 101 -5.89 -24.27 28.14
C TYR A 101 -5.16 -23.69 26.93
N VAL A 102 -5.79 -23.84 25.77
CA VAL A 102 -5.26 -23.26 24.56
C VAL A 102 -6.21 -22.17 24.05
N ALA A 103 -5.73 -20.94 24.03
CA ALA A 103 -6.55 -19.83 23.64
C ALA A 103 -6.82 -19.91 22.13
N TYR A 104 -8.07 -19.58 21.78
CA TYR A 104 -8.63 -19.56 20.40
C TYR A 104 -9.00 -20.99 19.95
N SER A 105 -9.04 -21.91 20.91
CA SER A 105 -9.71 -23.22 20.68
C SER A 105 -11.15 -23.00 20.29
N LYS A 106 -11.69 -23.83 19.41
CA LYS A 106 -13.13 -23.94 19.29
C LYS A 106 -13.69 -24.48 20.62
N ALA A 107 -14.77 -23.92 21.11
CA ALA A 107 -15.55 -24.55 22.18
C ALA A 107 -16.42 -25.67 21.60
N ALA A 108 -16.16 -26.92 21.98
CA ALA A 108 -16.87 -28.03 21.43
C ALA A 108 -16.60 -29.26 22.28
N THR A 109 -17.40 -30.28 22.07
CA THR A 109 -17.15 -31.61 22.64
C THR A 109 -17.06 -32.58 21.49
N VAL A 110 -16.01 -33.36 21.44
CA VAL A 110 -15.84 -34.36 20.37
C VAL A 110 -15.48 -35.68 21.01
N THR A 111 -15.78 -36.77 20.30
CA THR A 111 -15.38 -38.10 20.79
C THR A 111 -14.88 -38.89 19.57
N GLY A 112 -13.79 -39.61 19.70
CA GLY A 112 -13.40 -40.60 18.71
C GLY A 112 -12.10 -41.30 19.07
N LYS A 113 -11.47 -41.93 18.08
CA LYS A 113 -10.17 -42.53 18.26
C LYS A 113 -9.16 -41.44 18.58
N LEU A 114 -8.11 -41.81 19.30
CA LEU A 114 -6.94 -40.96 19.50
C LEU A 114 -5.74 -41.51 18.75
N VAL A 115 -5.11 -40.64 17.99
CA VAL A 115 -3.99 -40.98 17.11
C VAL A 115 -2.80 -40.06 17.42
N HIS A 116 -1.61 -40.63 17.62
CA HIS A 116 -0.42 -39.82 17.91
C HIS A 116 0.11 -39.35 16.54
N ALA A 117 0.48 -38.09 16.47
CA ALA A 117 1.13 -37.51 15.30
C ALA A 117 2.44 -36.82 15.60
N ASN A 118 3.13 -37.26 16.64
CA ASN A 118 4.46 -36.78 16.98
C ASN A 118 4.43 -35.26 17.29
N PHE A 119 5.11 -34.41 16.53
CA PHE A 119 4.99 -32.98 16.72
C PHE A 119 3.85 -32.30 15.90
N GLY A 120 3.15 -33.06 15.07
CA GLY A 120 2.14 -32.47 14.21
C GLY A 120 2.64 -31.66 13.07
N THR A 121 3.84 -31.96 12.60
CA THR A 121 4.35 -31.33 11.37
C THR A 121 3.66 -32.03 10.18
N LYS A 122 3.71 -31.40 9.02
CA LYS A 122 3.15 -32.00 7.82
C LYS A 122 3.76 -33.34 7.48
N LYS A 123 5.09 -33.44 7.62
CA LYS A 123 5.79 -34.71 7.39
C LYS A 123 5.42 -35.76 8.45
N ASP A 124 5.35 -35.35 9.71
CA ASP A 124 4.88 -36.27 10.77
C ASP A 124 3.53 -36.95 10.40
N PHE A 125 2.53 -36.15 10.01
CA PHE A 125 1.26 -36.72 9.57
C PHE A 125 1.43 -37.64 8.34
N GLU A 126 2.24 -37.24 7.37
CA GLU A 126 2.41 -38.02 6.13
C GLU A 126 2.93 -39.42 6.44
N ASP A 127 3.70 -39.54 7.50
CA ASP A 127 4.39 -40.81 7.81
C ASP A 127 3.61 -41.77 8.72
N LEU A 128 2.45 -41.36 9.20
CA LEU A 128 1.63 -42.21 10.05
C LEU A 128 0.99 -43.26 9.19
N TYR A 129 0.79 -44.46 9.74
CA TYR A 129 0.05 -45.46 9.04
C TYR A 129 -1.47 -45.32 9.24
N THR A 130 -1.89 -44.54 10.22
CA THR A 130 -3.31 -44.39 10.59
C THR A 130 -3.85 -43.06 10.01
N PRO A 131 -4.89 -43.10 9.14
CA PRO A 131 -5.55 -41.83 8.76
C PRO A 131 -6.16 -41.16 9.94
N VAL A 132 -5.98 -39.87 10.03
CA VAL A 132 -6.48 -39.13 11.15
C VAL A 132 -7.88 -38.51 10.98
N ASN A 133 -8.47 -38.63 9.81
CA ASN A 133 -9.76 -38.06 9.59
C ASN A 133 -10.82 -38.61 10.54
N GLY A 134 -11.57 -37.72 11.17
CA GLY A 134 -12.59 -38.12 12.10
C GLY A 134 -12.06 -38.56 13.46
N SER A 135 -10.74 -38.39 13.68
CA SER A 135 -10.08 -38.73 14.96
C SER A 135 -9.53 -37.53 15.70
N ILE A 136 -9.37 -37.68 17.00
CA ILE A 136 -8.59 -36.74 17.79
C ILE A 136 -7.11 -37.10 17.68
N VAL A 137 -6.27 -36.10 17.62
CA VAL A 137 -4.85 -36.31 17.48
C VAL A 137 -4.16 -35.79 18.76
N ILE A 138 -3.18 -36.55 19.22
CA ILE A 138 -2.30 -36.13 20.30
C ILE A 138 -0.92 -35.82 19.74
N VAL A 139 -0.38 -34.67 20.13
CA VAL A 139 0.92 -34.28 19.72
C VAL A 139 1.75 -33.77 20.89
N ARG A 140 3.06 -33.87 20.73
CA ARG A 140 4.05 -33.26 21.61
C ARG A 140 4.18 -31.79 21.30
N ALA A 141 4.37 -30.98 22.35
CA ALA A 141 4.74 -29.57 22.19
C ALA A 141 6.14 -29.55 21.55
N GLY A 142 6.42 -28.45 20.85
CA GLY A 142 7.68 -28.24 20.24
C GLY A 142 7.73 -28.20 18.74
N LYS A 143 8.91 -27.87 18.26
CA LYS A 143 9.28 -27.78 16.83
C LYS A 143 8.51 -26.70 16.05
N ILE A 144 7.18 -26.75 16.13
CA ILE A 144 6.34 -25.74 15.47
C ILE A 144 5.36 -25.18 16.46
N THR A 145 4.64 -24.13 16.10
CA THR A 145 3.70 -23.49 17.03
C THR A 145 2.45 -24.38 17.22
N PHE A 146 1.71 -24.13 18.30
CA PHE A 146 0.42 -24.80 18.51
C PHE A 146 -0.50 -24.53 17.30
N ALA A 147 -0.49 -23.26 16.84
CA ALA A 147 -1.37 -22.90 15.73
C ALA A 147 -1.13 -23.76 14.49
N GLU A 148 0.13 -23.99 14.16
CA GLU A 148 0.47 -24.81 13.02
C GLU A 148 0.10 -26.28 13.20
N LYS A 149 0.27 -26.82 14.39
CA LYS A 149 -0.20 -28.18 14.70
C LYS A 149 -1.67 -28.35 14.45
N VAL A 150 -2.45 -27.37 14.89
CA VAL A 150 -3.85 -27.42 14.75
C VAL A 150 -4.23 -27.26 13.32
N ALA A 151 -3.60 -26.35 12.60
CA ALA A 151 -3.91 -26.16 11.19
C ALA A 151 -3.59 -27.47 10.42
N ASN A 152 -2.45 -28.10 10.72
CA ASN A 152 -2.05 -29.31 10.01
C ASN A 152 -3.04 -30.43 10.28
N ALA A 153 -3.50 -30.56 11.53
CA ALA A 153 -4.46 -31.58 11.87
C ALA A 153 -5.79 -31.33 11.16
N GLU A 154 -6.21 -30.07 11.15
CA GLU A 154 -7.50 -29.72 10.50
C GLU A 154 -7.52 -29.95 9.03
N SER A 155 -6.39 -29.75 8.40
CA SER A 155 -6.22 -29.99 7.00
CA SER A 155 -6.26 -29.99 6.99
C SER A 155 -6.48 -31.44 6.61
N LEU A 156 -6.39 -32.34 7.58
CA LEU A 156 -6.54 -33.73 7.34
C LEU A 156 -7.79 -34.20 8.04
N ASN A 157 -8.66 -33.24 8.37
CA ASN A 157 -9.98 -33.56 8.94
C ASN A 157 -9.95 -34.26 10.32
N ALA A 158 -8.92 -33.98 11.11
CA ALA A 158 -8.95 -34.38 12.52
C ALA A 158 -10.04 -33.55 13.21
N ILE A 159 -10.59 -34.09 14.31
CA ILE A 159 -11.71 -33.43 14.97
C ILE A 159 -11.37 -32.72 16.29
N GLY A 160 -10.16 -32.95 16.76
CA GLY A 160 -9.60 -32.27 17.96
C GLY A 160 -8.13 -32.59 18.13
N VAL A 161 -7.47 -31.82 19.01
CA VAL A 161 -6.06 -31.94 19.24
C VAL A 161 -5.79 -31.84 20.74
N LEU A 162 -4.98 -32.78 21.21
CA LEU A 162 -4.40 -32.75 22.54
C LEU A 162 -2.92 -32.50 22.42
N ILE A 163 -2.37 -31.66 23.31
CA ILE A 163 -0.95 -31.32 23.29
C ILE A 163 -0.31 -31.58 24.67
N TYR A 164 0.81 -32.30 24.71
CA TYR A 164 1.48 -32.58 25.99
C TYR A 164 3.01 -32.44 25.85
N MET A 165 3.68 -32.35 26.99
CA MET A 165 5.13 -32.28 27.10
C MET A 165 5.67 -33.65 27.53
N ASP A 166 6.34 -34.34 26.59
CA ASP A 166 7.00 -35.60 26.92
C ASP A 166 8.28 -35.38 27.75
N GLN A 167 8.62 -36.34 28.59
CA GLN A 167 9.74 -36.17 29.49
C GLN A 167 11.07 -36.04 28.74
N THR A 168 11.22 -36.75 27.62
CA THR A 168 12.49 -36.71 26.89
C THR A 168 12.86 -35.34 26.36
N LYS A 169 11.90 -34.66 25.79
CA LYS A 169 12.14 -33.32 25.29
C LYS A 169 12.01 -32.26 26.38
N PHE A 170 11.13 -32.53 27.34
CA PHE A 170 10.80 -31.59 28.45
C PHE A 170 10.98 -32.26 29.81
N PRO A 171 12.22 -32.39 30.23
CA PRO A 171 12.52 -33.22 31.44
C PRO A 171 12.11 -32.43 32.68
N ILE A 172 10.90 -32.65 33.11
CA ILE A 172 10.32 -31.94 34.23
C ILE A 172 9.96 -33.03 35.23
N VAL A 173 10.33 -32.88 36.49
CA VAL A 173 10.06 -33.90 37.48
C VAL A 173 8.57 -34.08 37.74
N ASN A 174 7.86 -32.98 37.83
CA ASN A 174 6.39 -33.00 38.02
C ASN A 174 5.61 -33.39 36.74
N ALA A 175 5.05 -34.58 36.77
CA ALA A 175 4.30 -35.07 35.59
C ALA A 175 2.92 -34.50 35.45
N GLU A 176 2.45 -33.86 36.51
CA GLU A 176 1.14 -33.29 36.57
C GLU A 176 1.10 -31.81 36.14
N LEU A 177 2.18 -31.25 35.63
CA LEU A 177 2.26 -29.80 35.38
C LEU A 177 1.31 -29.42 34.21
N SER A 178 0.53 -28.34 34.41
CA SER A 178 -0.35 -27.83 33.35
C SER A 178 0.43 -26.82 32.51
N PHE A 179 -0.12 -26.47 31.37
CA PHE A 179 0.49 -25.43 30.54
C PHE A 179 -0.52 -24.75 29.58
N PHE A 180 -0.09 -23.60 29.05
CA PHE A 180 -0.89 -22.67 28.25
C PHE A 180 -0.19 -22.35 26.96
N GLY A 181 -0.98 -22.18 25.90
CA GLY A 181 -0.54 -21.54 24.70
C GLY A 181 -1.73 -21.05 23.92
N HIS A 182 -1.53 -20.59 22.69
CA HIS A 182 -2.65 -20.19 21.87
C HIS A 182 -2.49 -20.78 20.49
N ALA A 183 -3.61 -20.88 19.80
CA ALA A 183 -3.66 -21.54 18.48
C ALA A 183 -4.15 -20.63 17.35
N HIS A 184 -3.89 -19.34 17.43
CA HIS A 184 -4.24 -18.46 16.31
C HIS A 184 -3.08 -18.49 15.34
N LEU A 185 -3.38 -18.74 14.07
CA LEU A 185 -2.29 -18.75 13.06
C LEU A 185 -2.10 -17.34 12.51
N GLY A 186 -1.66 -16.48 13.38
CA GLY A 186 -1.53 -15.05 13.10
C GLY A 186 -1.11 -14.31 14.32
N THR A 187 -1.26 -12.99 14.28
CA THR A 187 -1.02 -12.13 15.44
C THR A 187 -2.25 -11.20 15.61
N GLY A 188 -2.28 -10.49 16.70
CA GLY A 188 -3.31 -9.49 16.87
C GLY A 188 -4.63 -10.10 17.27
N ASP A 189 -5.66 -9.29 17.32
CA ASP A 189 -6.97 -9.74 17.79
C ASP A 189 -7.73 -10.19 16.54
N PRO A 190 -8.07 -11.45 16.47
CA PRO A 190 -8.72 -11.94 15.25
C PRO A 190 -10.22 -11.72 15.22
N TYR A 191 -10.76 -11.27 16.35
CA TYR A 191 -12.22 -11.22 16.54
C TYR A 191 -12.88 -9.94 16.18
N THR A 192 -12.30 -8.87 16.63
CA THR A 192 -13.08 -7.70 16.90
C THR A 192 -13.31 -6.94 15.54
N PRO A 193 -14.59 -6.78 15.10
CA PRO A 193 -14.73 -6.24 13.74
C PRO A 193 -14.38 -4.75 13.70
N GLY A 194 -14.62 -4.11 12.55
CA GLY A 194 -14.37 -2.68 12.36
C GLY A 194 -15.60 -1.81 12.58
N PHE A 195 -16.64 -2.42 13.16
CA PHE A 195 -17.76 -1.64 13.73
C PHE A 195 -18.15 -2.15 15.14
N PRO A 196 -18.80 -1.28 15.95
CA PRO A 196 -19.49 -1.77 17.16
C PRO A 196 -20.81 -2.54 16.90
N SER A 209 -9.60 -16.28 9.36
CA SER A 209 -8.82 -15.32 10.15
C SER A 209 -7.64 -15.99 10.91
N GLY A 210 -7.31 -17.25 10.49
CA GLY A 210 -6.34 -18.18 11.19
C GLY A 210 -6.85 -18.85 12.48
N LEU A 211 -8.18 -18.85 12.68
CA LEU A 211 -8.76 -19.47 13.87
C LEU A 211 -9.09 -20.93 13.64
N PRO A 212 -8.87 -21.74 14.65
CA PRO A 212 -9.23 -23.15 14.63
C PRO A 212 -10.71 -23.40 14.58
N ASN A 213 -11.11 -24.42 13.85
CA ASN A 213 -12.47 -24.89 13.87
C ASN A 213 -12.67 -26.17 14.62
N ILE A 214 -11.70 -26.59 15.41
CA ILE A 214 -11.74 -27.81 16.22
C ILE A 214 -11.23 -27.44 17.58
N PRO A 215 -11.64 -28.21 18.62
CA PRO A 215 -11.10 -28.01 19.96
C PRO A 215 -9.68 -28.46 20.12
N VAL A 216 -8.91 -27.73 20.93
CA VAL A 216 -7.52 -28.05 21.16
C VAL A 216 -7.23 -27.76 22.62
N GLN A 217 -6.47 -28.62 23.26
CA GLN A 217 -6.31 -28.63 24.73
C GLN A 217 -4.95 -29.19 25.16
N THR A 218 -4.31 -28.50 26.10
CA THR A 218 -3.10 -28.98 26.73
C THR A 218 -3.43 -29.93 27.89
N ILE A 219 -2.68 -31.03 27.99
CA ILE A 219 -2.81 -31.98 29.07
C ILE A 219 -1.42 -32.23 29.69
N SER A 220 -1.45 -32.70 30.94
CA SER A 220 -0.22 -33.04 31.63
C SER A 220 0.42 -34.28 31.04
N ARG A 221 1.69 -34.50 31.35
CA ARG A 221 2.34 -35.74 30.95
C ARG A 221 1.65 -36.96 31.58
N ALA A 222 1.30 -36.82 32.83
CA ALA A 222 0.58 -37.87 33.55
C ALA A 222 -0.68 -38.26 32.83
N ALA A 223 -1.47 -37.28 32.40
CA ALA A 223 -2.68 -37.50 31.60
C ALA A 223 -2.33 -38.21 30.29
N ALA A 224 -1.31 -37.76 29.60
CA ALA A 224 -0.90 -38.40 28.37
C ALA A 224 -0.54 -39.88 28.61
N GLU A 225 0.16 -40.14 29.70
CA GLU A 225 0.53 -41.50 30.03
C GLU A 225 -0.65 -42.41 30.38
N LYS A 226 -1.69 -41.84 30.96
CA LYS A 226 -2.95 -42.59 31.17
C LYS A 226 -3.63 -42.89 29.85
N LEU A 227 -3.58 -41.93 28.92
CA LEU A 227 -4.06 -42.19 27.57
C LEU A 227 -3.27 -43.29 26.87
N PHE A 228 -1.94 -43.23 26.95
CA PHE A 228 -1.11 -44.23 26.28
C PHE A 228 -1.36 -45.64 26.83
N GLY A 229 -1.83 -45.75 28.08
CA GLY A 229 -2.21 -47.01 28.67
C GLY A 229 -3.48 -47.56 28.07
N ASN A 230 -4.17 -46.79 27.26
CA ASN A 230 -5.36 -47.23 26.51
C ASN A 230 -5.10 -47.32 25.00
N MET A 231 -3.81 -47.30 24.62
CA MET A 231 -3.38 -47.22 23.22
C MET A 231 -2.41 -48.36 22.85
N GLU A 232 -2.24 -48.61 21.57
CA GLU A 232 -1.46 -49.75 21.05
C GLU A 232 -0.47 -49.20 20.08
N GLY A 233 0.62 -49.94 19.94
CA GLY A 233 1.65 -49.67 18.97
C GLY A 233 2.75 -48.85 19.57
N ASP A 234 3.97 -49.30 19.40
CA ASP A 234 5.09 -48.51 19.81
C ASP A 234 5.27 -47.31 18.89
N CYS A 235 5.78 -46.21 19.44
CA CYS A 235 6.11 -45.03 18.66
C CYS A 235 7.45 -45.32 17.99
N PRO A 236 7.70 -44.77 16.78
CA PRO A 236 8.98 -45.03 16.13
C PRO A 236 10.19 -44.53 16.95
N SER A 237 11.30 -45.26 16.94
CA SER A 237 12.43 -44.82 17.74
CA SER A 237 12.54 -44.86 17.66
C SER A 237 13.05 -43.51 17.27
N ASP A 238 12.88 -43.16 16.00
CA ASP A 238 13.41 -41.89 15.52
C ASP A 238 12.62 -40.66 16.02
N TRP A 239 11.46 -40.86 16.62
CA TRP A 239 10.81 -39.78 17.36
C TRP A 239 11.59 -39.38 18.64
N LYS A 240 12.40 -40.29 19.17
CA LYS A 240 13.21 -40.01 20.37
C LYS A 240 12.34 -39.50 21.53
N THR A 241 11.26 -40.20 21.77
CA THR A 241 10.38 -39.83 22.87
C THR A 241 10.34 -40.97 23.92
N ASP A 242 9.46 -40.84 24.90
CA ASP A 242 9.48 -41.68 26.10
C ASP A 242 9.10 -43.13 25.66
N SER A 243 9.43 -44.09 26.48
CA SER A 243 9.14 -45.48 26.16
C SER A 243 7.63 -45.78 26.36
N THR A 244 6.94 -44.91 27.05
CA THR A 244 5.52 -45.09 27.38
C THR A 244 4.63 -44.66 26.23
N CYS A 245 5.18 -43.89 25.29
CA CYS A 245 4.39 -43.35 24.13
C CYS A 245 3.73 -44.52 23.34
N ARG A 246 2.52 -44.33 22.88
CA ARG A 246 1.82 -45.34 22.05
C ARG A 246 1.10 -44.58 20.91
N MET A 247 0.60 -45.30 19.91
CA MET A 247 0.23 -44.67 18.65
C MET A 247 -1.25 -44.46 18.40
N VAL A 248 -2.07 -45.42 18.77
CA VAL A 248 -3.50 -45.42 18.46
C VAL A 248 -4.29 -46.04 19.58
N THR A 249 -5.47 -45.50 19.87
CA THR A 249 -6.36 -46.15 20.85
C THR A 249 -6.67 -47.59 20.42
N SER A 250 -6.78 -48.46 21.39
CA SER A 250 -7.41 -49.77 21.20
C SER A 250 -8.78 -49.64 20.55
N GLU A 251 -9.25 -50.73 19.93
CA GLU A 251 -10.54 -50.66 19.23
C GLU A 251 -11.66 -50.43 20.28
N SER A 252 -11.51 -50.94 21.51
CA SER A 252 -12.61 -50.84 22.48
C SER A 252 -12.68 -49.43 23.14
N LYS A 253 -11.75 -48.55 22.83
CA LYS A 253 -11.75 -47.29 23.55
C LYS A 253 -11.68 -46.03 22.73
N ASN A 254 -12.42 -45.04 23.19
CA ASN A 254 -12.41 -43.72 22.53
C ASN A 254 -12.14 -42.65 23.57
N VAL A 255 -11.77 -41.48 23.09
CA VAL A 255 -11.45 -40.37 23.96
C VAL A 255 -12.49 -39.31 23.69
N LYS A 256 -12.96 -38.67 24.76
CA LYS A 256 -13.91 -37.55 24.66
C LYS A 256 -13.23 -36.29 25.21
N LEU A 257 -13.10 -35.29 24.35
CA LEU A 257 -12.51 -34.02 24.73
C LEU A 257 -13.61 -32.97 24.81
N THR A 258 -13.64 -32.20 25.90
CA THR A 258 -14.64 -31.15 26.09
C THR A 258 -13.95 -29.86 26.40
N VAL A 259 -14.10 -28.88 25.50
CA VAL A 259 -13.51 -27.54 25.73
C VAL A 259 -14.62 -26.51 25.78
N SER A 260 -14.65 -25.70 26.84
CA SER A 260 -15.72 -24.69 26.95
C SER A 260 -15.24 -23.26 27.10
N ASN A 261 -14.04 -22.98 26.67
CA ASN A 261 -13.45 -21.64 26.78
C ASN A 261 -14.45 -20.62 26.26
N VAL A 262 -14.38 -19.39 26.80
CA VAL A 262 -15.26 -18.29 26.47
C VAL A 262 -14.43 -17.05 26.08
N LEU A 263 -15.03 -16.18 25.29
CA LEU A 263 -14.40 -14.90 24.89
C LEU A 263 -14.62 -13.89 25.98
N LYS A 264 -13.69 -12.98 26.14
CA LYS A 264 -13.84 -11.94 27.13
C LYS A 264 -13.13 -10.68 26.63
N GLU A 265 -13.79 -9.54 26.78
CA GLU A 265 -13.21 -8.28 26.38
C GLU A 265 -12.30 -7.84 27.51
N ILE A 266 -11.06 -7.44 27.19
CA ILE A 266 -10.18 -6.89 28.22
C ILE A 266 -9.61 -5.55 27.74
N LYS A 267 -9.09 -4.76 28.68
CA LYS A 267 -8.38 -3.53 28.38
C LYS A 267 -6.92 -3.87 28.54
N ILE A 268 -6.12 -3.60 27.53
CA ILE A 268 -4.68 -3.77 27.65
C ILE A 268 -3.96 -2.46 27.49
N LEU A 269 -2.83 -2.37 28.17
CA LEU A 269 -2.02 -1.16 28.18
C LEU A 269 -0.65 -1.50 27.68
N ASN A 270 -0.24 -0.84 26.61
CA ASN A 270 1.16 -0.79 26.23
C ASN A 270 1.77 0.46 26.86
N ILE A 271 2.93 0.31 27.52
CA ILE A 271 3.59 1.45 28.16
C ILE A 271 4.84 1.83 27.39
N PHE A 272 4.94 3.11 27.05
CA PHE A 272 5.99 3.62 26.20
C PHE A 272 6.80 4.69 26.95
N GLY A 273 8.07 4.78 26.60
CA GLY A 273 8.94 5.86 26.96
C GLY A 273 9.91 6.17 25.85
N VAL A 274 10.25 7.45 25.68
CA VAL A 274 11.16 7.82 24.65
C VAL A 274 12.29 8.68 25.22
N ILE A 275 13.48 8.50 24.64
CA ILE A 275 14.61 9.41 24.73
C ILE A 275 14.71 10.06 23.37
N LYS A 276 14.45 11.37 23.34
CA LYS A 276 14.39 12.07 22.04
C LYS A 276 15.76 12.27 21.42
N GLY A 277 15.84 12.04 20.12
CA GLY A 277 17.07 12.30 19.36
C GLY A 277 17.43 13.77 19.28
N PHE A 278 18.74 14.06 19.16
CA PHE A 278 19.21 15.40 19.13
C PHE A 278 19.12 16.08 17.76
N VAL A 279 19.03 15.32 16.71
CA VAL A 279 19.13 15.79 15.35
C VAL A 279 17.85 15.43 14.56
N GLU A 280 17.50 14.16 14.59
CA GLU A 280 16.35 13.58 13.86
C GLU A 280 15.48 12.85 14.85
N PRO A 281 14.79 13.61 15.74
CA PRO A 281 13.96 12.94 16.76
C PRO A 281 12.76 12.20 16.21
N ASP A 282 12.36 12.55 14.98
CA ASP A 282 11.20 11.95 14.35
C ASP A 282 11.45 10.54 13.77
N HIS A 283 12.69 10.08 13.82
CA HIS A 283 13.05 8.74 13.46
C HIS A 283 13.48 7.99 14.73
N TYR A 284 13.03 6.76 14.87
CA TYR A 284 13.24 6.01 16.11
C TYR A 284 13.63 4.58 15.93
N VAL A 285 14.48 4.10 16.83
CA VAL A 285 14.60 2.65 17.06
C VAL A 285 13.68 2.32 18.21
N VAL A 286 12.98 1.22 18.09
CA VAL A 286 12.00 0.78 19.09
C VAL A 286 12.54 -0.51 19.73
N VAL A 287 12.61 -0.53 21.06
CA VAL A 287 13.05 -1.65 21.87
C VAL A 287 11.87 -2.12 22.72
N GLY A 288 11.52 -3.40 22.59
CA GLY A 288 10.29 -3.89 23.17
C GLY A 288 10.42 -5.19 23.97
N ALA A 289 9.49 -5.38 24.89
CA ALA A 289 9.39 -6.60 25.69
C ALA A 289 7.97 -6.86 26.13
N GLN A 290 7.59 -8.14 26.06
CA GLN A 290 6.29 -8.60 26.53
C GLN A 290 6.26 -8.54 28.09
N ARG A 291 5.14 -8.08 28.65
CA ARG A 291 4.96 -7.91 30.06
C ARG A 291 4.03 -8.96 30.67
N ASP A 292 3.05 -9.43 29.91
CA ASP A 292 2.03 -10.33 30.40
C ASP A 292 2.53 -11.78 30.36
N ALA A 293 1.88 -12.65 31.15
CA ALA A 293 2.09 -14.08 31.03
C ALA A 293 0.99 -14.78 31.78
N TRP A 294 0.57 -15.93 31.25
CA TRP A 294 -0.16 -16.95 32.04
C TRP A 294 0.86 -17.50 33.01
N GLY A 295 0.52 -17.54 34.30
CA GLY A 295 1.43 -18.01 35.34
C GLY A 295 2.47 -16.92 35.68
N PRO A 296 3.59 -17.30 36.25
CA PRO A 296 4.61 -16.30 36.71
C PRO A 296 5.54 -15.74 35.65
N GLY A 297 5.71 -16.45 34.52
CA GLY A 297 6.37 -15.87 33.39
C GLY A 297 7.77 -15.30 33.57
N ALA A 298 8.57 -15.88 34.46
CA ALA A 298 9.92 -15.36 34.67
C ALA A 298 10.77 -15.25 33.41
N ALA A 299 11.03 -16.39 32.77
CA ALA A 299 11.78 -16.37 31.52
C ALA A 299 10.97 -15.76 30.38
N LYS A 300 9.67 -16.00 30.35
CA LYS A 300 8.82 -15.58 29.22
C LYS A 300 8.70 -14.04 29.16
N SER A 301 8.52 -13.41 30.32
CA SER A 301 8.24 -11.97 30.38
C SER A 301 9.15 -11.21 31.31
N GLY A 302 9.52 -11.83 32.41
CA GLY A 302 10.32 -11.15 33.44
C GLY A 302 11.66 -10.69 33.00
N VAL A 303 12.41 -11.56 32.35
CA VAL A 303 13.71 -11.23 31.88
C VAL A 303 13.69 -10.09 30.86
N GLY A 304 12.79 -10.16 29.88
CA GLY A 304 12.70 -9.10 28.91
C GLY A 304 12.36 -7.77 29.55
N THR A 305 11.36 -7.82 30.42
CA THR A 305 10.88 -6.58 31.08
C THR A 305 12.01 -5.97 31.94
N ALA A 306 12.80 -6.83 32.61
CA ALA A 306 13.97 -6.41 33.39
C ALA A 306 15.04 -5.75 32.50
N LEU A 307 15.31 -6.36 31.33
CA LEU A 307 16.19 -5.81 30.35
C LEU A 307 15.71 -4.46 29.89
N LEU A 308 14.43 -4.36 29.61
CA LEU A 308 13.85 -3.11 29.13
C LEU A 308 14.04 -1.98 30.15
N LEU A 309 13.70 -2.26 31.40
CA LEU A 309 13.89 -1.33 32.48
C LEU A 309 15.33 -0.90 32.62
N LYS A 310 16.25 -1.85 32.61
CA LYS A 310 17.66 -1.51 32.87
C LYS A 310 18.26 -0.76 31.70
N LEU A 311 17.90 -1.10 30.48
CA LEU A 311 18.31 -0.35 29.30
C LEU A 311 17.79 1.06 29.29
N ALA A 312 16.52 1.27 29.62
CA ALA A 312 15.99 2.63 29.67
C ALA A 312 16.72 3.47 30.72
N GLN A 313 16.93 2.88 31.90
CA GLN A 313 17.64 3.60 32.95
C GLN A 313 19.06 3.96 32.52
N MET A 314 19.76 3.00 31.99
CA MET A 314 21.17 3.21 31.62
C MET A 314 21.32 4.25 30.48
N PHE A 315 20.45 4.15 29.47
CA PHE A 315 20.55 5.09 28.35
C PHE A 315 20.17 6.48 28.77
N SER A 316 19.14 6.58 29.60
CA SER A 316 18.79 7.88 30.14
C SER A 316 19.92 8.55 30.94
N ASP A 317 20.59 7.75 31.78
CA ASP A 317 21.74 8.22 32.55
C ASP A 317 22.86 8.62 31.59
N MET A 318 23.06 7.86 30.50
CA MET A 318 24.16 8.18 29.59
C MET A 318 23.93 9.53 28.91
N VAL A 319 22.68 9.81 28.58
CA VAL A 319 22.30 11.11 28.01
C VAL A 319 22.34 12.26 28.99
N LEU A 320 21.78 12.04 30.17
CA LEU A 320 21.71 13.15 31.14
C LEU A 320 23.00 13.42 31.86
N LYS A 321 23.84 12.41 32.05
CA LYS A 321 25.04 12.56 32.86
C LYS A 321 26.35 12.40 32.09
N ASP A 322 26.36 11.62 31.03
CA ASP A 322 27.61 11.24 30.40
C ASP A 322 27.82 11.83 28.99
N GLY A 323 26.92 12.72 28.55
CA GLY A 323 27.07 13.41 27.28
C GLY A 323 26.70 12.63 26.02
N PHE A 324 26.04 11.45 26.15
CA PHE A 324 25.55 10.76 24.96
C PHE A 324 24.46 11.62 24.27
N GLN A 325 24.66 11.91 22.99
CA GLN A 325 23.70 12.67 22.20
C GLN A 325 23.19 11.83 21.01
N PRO A 326 22.30 10.89 21.25
CA PRO A 326 21.79 10.06 20.11
C PRO A 326 21.19 10.96 19.04
N SER A 327 21.53 10.74 17.77
CA SER A 327 20.98 11.55 16.67
C SER A 327 19.46 11.28 16.52
N ARG A 328 19.09 10.04 16.68
CA ARG A 328 17.73 9.59 16.54
C ARG A 328 17.14 9.12 17.87
N SER A 329 15.82 9.12 17.95
CA SER A 329 15.12 8.69 19.14
C SER A 329 15.17 7.21 19.47
N ILE A 330 15.08 6.92 20.75
CA ILE A 330 15.02 5.56 21.25
C ILE A 330 13.71 5.39 22.02
N ILE A 331 12.88 4.46 21.58
CA ILE A 331 11.58 4.19 22.23
C ILE A 331 11.67 2.86 22.93
N PHE A 332 11.23 2.85 24.21
CA PHE A 332 11.11 1.59 25.00
C PHE A 332 9.63 1.27 25.13
N ALA A 333 9.26 0.05 24.78
CA ALA A 333 7.86 -0.38 24.74
C ALA A 333 7.63 -1.65 25.59
N SER A 334 6.80 -1.53 26.59
CA SER A 334 6.32 -2.68 27.38
C SER A 334 4.93 -3.08 26.91
N TRP A 335 4.87 -4.22 26.22
CA TRP A 335 3.66 -4.66 25.50
C TRP A 335 2.79 -5.55 26.40
N SER A 336 1.47 -5.52 26.21
CA SER A 336 0.65 -6.57 26.82
C SER A 336 0.08 -7.50 25.74
N ALA A 337 -0.57 -8.53 26.23
CA ALA A 337 -1.19 -9.61 25.40
C ALA A 337 -0.24 -10.23 24.36
N GLY A 338 1.02 -10.31 24.74
CA GLY A 338 2.06 -11.02 23.99
C GLY A 338 1.80 -12.52 23.94
N ASP A 339 1.27 -13.07 25.04
CA ASP A 339 0.98 -14.50 25.15
C ASP A 339 -0.12 -14.98 24.24
N PHE A 340 -0.97 -14.06 23.81
CA PHE A 340 -2.01 -14.34 22.88
C PHE A 340 -1.67 -14.13 21.39
N GLY A 341 -0.42 -13.89 21.06
CA GLY A 341 0.04 -13.67 19.68
C GLY A 341 0.42 -12.22 19.42
N SER A 342 1.30 -11.69 20.26
CA SER A 342 1.78 -10.30 20.08
C SER A 342 0.64 -9.34 19.86
N VAL A 343 -0.40 -9.45 20.65
CA VAL A 343 -1.59 -8.71 20.38
C VAL A 343 -1.42 -7.19 20.61
N GLY A 344 -0.88 -6.83 21.76
CA GLY A 344 -0.58 -5.39 22.10
C GLY A 344 0.31 -4.73 21.07
N ALA A 345 1.33 -5.44 20.64
CA ALA A 345 2.26 -4.84 19.66
C ALA A 345 1.56 -4.73 18.30
N THR A 346 0.83 -5.78 17.93
CA THR A 346 0.08 -5.76 16.67
C THR A 346 -0.96 -4.67 16.59
N GLU A 347 -1.71 -4.47 17.65
CA GLU A 347 -2.71 -3.40 17.67
C GLU A 347 -2.04 -2.01 17.44
N TRP A 348 -0.89 -1.81 18.06
CA TRP A 348 -0.08 -0.56 17.89
C TRP A 348 0.38 -0.35 16.43
N LEU A 349 0.92 -1.41 15.82
CA LEU A 349 1.29 -1.43 14.41
C LEU A 349 0.16 -1.09 13.51
N GLU A 350 -0.98 -1.66 13.79
CA GLU A 350 -2.14 -1.47 12.92
C GLU A 350 -2.68 -0.07 12.89
N GLY A 351 -2.43 0.68 13.96
CA GLY A 351 -2.82 2.08 14.00
C GLY A 351 -2.04 2.95 13.02
N TYR A 352 -0.92 2.44 12.51
CA TYR A 352 0.01 3.21 11.67
C TYR A 352 0.28 2.42 10.39
N LEU A 353 -0.75 1.70 9.92
CA LEU A 353 -0.71 1.07 8.63
C LEU A 353 -0.33 2.12 7.60
N SER A 354 0.70 1.74 6.85
CA SER A 354 1.26 2.40 5.71
C SER A 354 2.28 3.48 6.09
N SER A 355 2.34 3.89 7.35
CA SER A 355 3.21 5.08 7.64
C SER A 355 4.28 4.81 8.73
N LEU A 356 4.17 3.70 9.47
CA LEU A 356 5.08 3.54 10.61
C LEU A 356 6.53 3.45 10.15
N HIS A 357 6.75 2.82 9.00
CA HIS A 357 8.09 2.64 8.45
C HIS A 357 8.81 3.95 8.09
N LEU A 358 8.05 5.04 8.01
CA LEU A 358 8.61 6.37 7.81
C LEU A 358 9.13 7.00 9.11
N LYS A 359 8.91 6.35 10.24
CA LYS A 359 9.28 6.89 11.56
C LYS A 359 10.17 5.91 12.31
N ALA A 360 9.69 4.69 12.47
CA ALA A 360 10.47 3.66 13.12
C ALA A 360 11.31 2.90 12.12
N PHE A 361 12.62 2.85 12.34
CA PHE A 361 13.51 2.29 11.32
C PHE A 361 14.05 0.93 11.71
N THR A 362 13.87 0.53 12.98
CA THR A 362 14.28 -0.81 13.45
C THR A 362 13.56 -1.13 14.73
N TYR A 363 13.26 -2.40 14.90
CA TYR A 363 12.67 -2.95 16.16
C TYR A 363 13.58 -4.01 16.77
N ILE A 364 13.86 -3.88 18.06
CA ILE A 364 14.67 -4.82 18.80
C ILE A 364 13.84 -5.50 19.90
N ASN A 365 13.63 -6.80 19.74
CA ASN A 365 12.78 -7.52 20.68
C ASN A 365 13.70 -8.04 21.79
N LEU A 366 13.23 -7.95 23.01
CA LEU A 366 13.99 -8.48 24.16
C LEU A 366 13.42 -9.74 24.81
N ASP A 367 12.32 -10.26 24.31
CA ASP A 367 11.68 -11.41 24.93
C ASP A 367 12.57 -12.64 24.87
N LYS A 368 12.55 -13.43 25.95
CA LYS A 368 13.21 -14.70 25.99
C LYS A 368 14.65 -14.59 25.56
N ALA A 369 15.30 -13.53 25.95
CA ALA A 369 16.72 -13.33 25.62
C ALA A 369 17.67 -14.14 26.46
N VAL A 370 17.20 -14.68 27.60
CA VAL A 370 18.05 -15.51 28.43
C VAL A 370 17.35 -16.84 28.80
N LEU A 371 17.70 -17.90 28.08
CA LEU A 371 17.13 -19.23 28.32
C LEU A 371 18.18 -20.23 28.65
N GLY A 372 19.46 -19.81 28.60
CA GLY A 372 20.55 -20.73 28.87
C GLY A 372 21.87 -20.04 28.60
N THR A 373 22.93 -20.82 28.50
CA THR A 373 24.29 -20.28 28.27
C THR A 373 25.07 -20.78 27.06
N SER A 374 24.69 -21.93 26.50
CA SER A 374 25.57 -22.57 25.53
C SER A 374 25.65 -21.79 24.23
N ASN A 375 24.54 -21.32 23.69
CA ASN A 375 24.53 -20.80 22.29
C ASN A 375 24.08 -19.34 22.32
N PHE A 376 24.52 -18.55 21.33
CA PHE A 376 23.96 -17.25 21.04
C PHE A 376 23.26 -17.40 19.67
N LYS A 377 21.97 -17.17 19.62
CA LYS A 377 21.16 -17.24 18.37
C LYS A 377 20.57 -15.91 18.03
N VAL A 378 20.43 -15.65 16.73
CA VAL A 378 19.88 -14.43 16.27
C VAL A 378 19.05 -14.67 15.02
N SER A 379 17.92 -14.00 14.96
CA SER A 379 17.07 -13.96 13.75
C SER A 379 16.73 -12.51 13.45
N ALA A 380 16.81 -12.10 12.17
CA ALA A 380 16.64 -10.69 11.87
C ALA A 380 16.40 -10.51 10.40
N SER A 381 15.85 -9.37 10.04
CA SER A 381 15.99 -8.84 8.65
C SER A 381 17.46 -8.79 8.24
N PRO A 382 17.78 -9.24 7.02
CA PRO A 382 19.14 -9.02 6.46
C PRO A 382 19.64 -7.59 6.55
N LEU A 383 18.76 -6.59 6.56
CA LEU A 383 19.23 -5.19 6.76
C LEU A 383 20.05 -5.02 8.03
N LEU A 384 19.77 -5.83 9.04
CA LEU A 384 20.50 -5.74 10.31
C LEU A 384 21.76 -6.64 10.41
N TYR A 385 22.06 -7.42 9.39
CA TYR A 385 23.15 -8.40 9.51
C TYR A 385 24.53 -7.82 9.80
N THR A 386 24.87 -6.69 9.19
CA THR A 386 26.17 -6.08 9.47
C THR A 386 26.26 -5.54 10.89
N LEU A 387 25.19 -4.94 11.33
CA LEU A 387 25.10 -4.48 12.73
C LEU A 387 25.28 -5.64 13.74
N ILE A 388 24.59 -6.74 13.50
CA ILE A 388 24.75 -7.94 14.33
C ILE A 388 26.18 -8.49 14.32
N GLU A 389 26.78 -8.57 13.12
CA GLU A 389 28.16 -9.03 12.94
C GLU A 389 29.17 -8.14 13.72
N LYS A 390 28.98 -6.83 13.60
CA LYS A 390 29.90 -5.92 14.30
C LYS A 390 29.71 -5.99 15.81
N THR A 391 28.49 -6.17 16.24
CA THR A 391 28.20 -6.36 17.64
C THR A 391 28.78 -7.64 18.24
N MET A 392 28.62 -8.73 17.50
CA MET A 392 29.30 -9.98 17.89
C MET A 392 30.81 -9.87 18.04
N GLN A 393 31.44 -9.02 17.21
CA GLN A 393 32.83 -8.75 17.32
C GLN A 393 33.22 -8.03 18.58
N ASN A 394 32.26 -7.45 19.27
CA ASN A 394 32.54 -6.55 20.40
C ASN A 394 31.85 -6.95 21.67
N VAL A 395 31.19 -8.11 21.71
CA VAL A 395 30.57 -8.59 22.96
C VAL A 395 31.17 -10.00 23.23
N LYS A 396 31.52 -10.25 24.47
CA LYS A 396 32.00 -11.56 24.88
C LYS A 396 30.88 -12.46 25.39
N HIS A 397 31.04 -13.71 25.06
CA HIS A 397 30.21 -14.73 25.65
C HIS A 397 30.34 -14.72 27.18
N PRO A 398 29.21 -14.81 27.88
CA PRO A 398 29.21 -14.61 29.33
C PRO A 398 29.78 -15.75 30.16
N VAL A 399 30.06 -16.89 29.52
CA VAL A 399 30.72 -17.99 30.23
C VAL A 399 32.15 -18.20 29.69
N THR A 400 32.33 -18.27 28.39
CA THR A 400 33.67 -18.58 27.89
C THR A 400 34.63 -17.40 27.84
N GLY A 401 34.10 -16.17 27.85
CA GLY A 401 34.98 -15.01 27.62
C GLY A 401 35.37 -14.76 26.16
N GLN A 402 34.98 -15.63 25.23
CA GLN A 402 35.35 -15.45 23.82
C GLN A 402 34.37 -14.46 23.18
N PHE A 403 34.85 -13.67 22.22
CA PHE A 403 33.93 -12.81 21.48
C PHE A 403 32.93 -13.68 20.73
N LEU A 404 31.72 -13.18 20.55
CA LEU A 404 30.66 -13.92 19.90
C LEU A 404 30.92 -14.27 18.43
N TYR A 405 31.68 -13.42 17.72
CA TYR A 405 31.99 -13.65 16.32
C TYR A 405 33.07 -14.70 16.03
N GLN A 406 32.62 -15.95 15.97
CA GLN A 406 33.55 -17.05 15.77
C GLN A 406 33.20 -17.83 14.51
N ASP A 407 32.25 -17.35 13.72
CA ASP A 407 31.92 -17.98 12.45
C ASP A 407 31.69 -16.91 11.40
N SER A 408 32.60 -16.74 10.51
CA SER A 408 32.43 -15.70 9.52
C SER A 408 31.28 -15.95 8.53
N ASN A 409 30.79 -17.18 8.49
CA ASN A 409 29.72 -17.57 7.57
C ASN A 409 28.40 -17.68 8.28
N TRP A 410 28.31 -17.04 9.45
CA TRP A 410 27.10 -17.10 10.26
C TRP A 410 25.87 -16.66 9.48
N ALA A 411 25.98 -15.69 8.60
CA ALA A 411 24.75 -15.02 8.11
C ALA A 411 24.02 -16.00 7.19
N SER A 412 24.75 -16.90 6.57
CA SER A 412 24.14 -17.90 5.67
C SER A 412 23.40 -19.02 6.41
N LYS A 413 23.42 -18.99 7.74
CA LYS A 413 22.82 -20.02 8.57
C LYS A 413 21.62 -19.53 9.35
N VAL A 414 21.29 -18.24 9.31
CA VAL A 414 20.29 -17.63 10.18
C VAL A 414 18.92 -18.21 9.78
N GLU A 415 18.04 -18.45 10.74
CA GLU A 415 16.66 -18.88 10.44
C GLU A 415 15.78 -17.67 10.49
N LYS A 416 14.74 -17.67 9.70
CA LYS A 416 13.85 -16.48 9.64
C LYS A 416 13.01 -16.40 10.88
N LEU A 417 12.54 -15.20 11.18
CA LEU A 417 11.62 -15.02 12.32
C LEU A 417 10.34 -15.80 12.14
N THR A 418 9.83 -16.35 13.26
CA THR A 418 8.56 -17.10 13.26
C THR A 418 7.38 -16.32 13.82
N LEU A 419 6.17 -16.84 13.60
CA LEU A 419 4.96 -16.18 13.99
C LEU A 419 4.80 -15.96 15.49
N ASP A 420 5.44 -16.76 16.28
CA ASP A 420 5.33 -16.54 17.72
C ASP A 420 6.32 -15.54 18.27
N ASN A 421 7.14 -14.96 17.42
CA ASN A 421 8.13 -13.94 17.91
C ASN A 421 7.59 -12.55 17.66
N ALA A 422 7.64 -11.70 18.66
CA ALA A 422 7.09 -10.38 18.56
C ALA A 422 7.78 -9.51 17.52
N ALA A 423 8.99 -9.89 17.13
CA ALA A 423 9.64 -9.17 16.02
C ALA A 423 9.03 -9.44 14.65
N PHE A 424 8.34 -10.58 14.52
CA PHE A 424 7.77 -10.97 13.23
C PHE A 424 6.80 -9.95 12.62
N PRO A 425 5.80 -9.49 13.37
CA PRO A 425 4.90 -8.55 12.69
C PRO A 425 5.55 -7.26 12.36
N PHE A 426 6.52 -6.81 13.16
CA PHE A 426 7.20 -5.56 12.81
C PHE A 426 7.80 -5.69 11.39
N LEU A 427 8.45 -6.81 11.10
CA LEU A 427 9.10 -7.00 9.82
C LEU A 427 8.07 -7.34 8.72
N ALA A 428 7.27 -8.37 8.97
CA ALA A 428 6.45 -8.96 7.90
C ALA A 428 5.14 -8.23 7.61
N TYR A 429 4.61 -7.50 8.59
CA TYR A 429 3.39 -6.72 8.46
C TYR A 429 3.68 -5.24 8.19
N SER A 430 4.60 -4.66 8.97
CA SER A 430 4.85 -3.21 8.92
C SER A 430 6.07 -2.83 8.09
N GLY A 431 6.89 -3.78 7.73
CA GLY A 431 8.02 -3.49 6.88
C GLY A 431 9.15 -2.74 7.61
N ILE A 432 9.31 -3.04 8.90
CA ILE A 432 10.36 -2.42 9.75
C ILE A 432 11.38 -3.49 10.08
N PRO A 433 12.65 -3.27 9.74
CA PRO A 433 13.67 -4.25 10.06
C PRO A 433 13.71 -4.58 11.55
N ALA A 434 13.73 -5.86 11.86
CA ALA A 434 13.59 -6.30 13.23
C ALA A 434 14.56 -7.41 13.55
N VAL A 435 14.90 -7.51 14.85
CA VAL A 435 15.84 -8.49 15.35
C VAL A 435 15.37 -9.06 16.68
N SER A 436 15.61 -10.37 16.81
CA SER A 436 15.40 -11.11 18.07
C SER A 436 16.66 -11.91 18.33
N PHE A 437 17.06 -12.07 19.60
CA PHE A 437 18.27 -12.79 19.87
C PHE A 437 18.13 -13.42 21.25
N CYS A 438 18.93 -14.44 21.50
CA CYS A 438 18.95 -15.09 22.83
C CYS A 438 20.24 -15.82 23.12
N PHE A 439 20.56 -15.92 24.40
CA PHE A 439 21.41 -16.97 24.86
C PHE A 439 20.54 -18.12 25.27
N CYS A 440 20.83 -19.26 24.72
CA CYS A 440 19.94 -20.42 24.85
C CYS A 440 20.70 -21.74 24.78
N GLU A 441 19.95 -22.82 24.95
CA GLU A 441 20.45 -24.14 24.73
C GLU A 441 19.90 -24.72 23.40
N ASP A 442 20.35 -25.94 23.07
CA ASP A 442 19.72 -26.76 21.99
C ASP A 442 18.32 -27.23 22.33
N THR A 443 18.09 -27.48 23.61
CA THR A 443 16.80 -27.92 24.12
C THR A 443 15.95 -26.70 24.41
N ASP A 444 14.64 -26.84 24.29
CA ASP A 444 13.73 -25.78 24.68
C ASP A 444 13.77 -25.53 26.20
N TYR A 445 13.49 -24.30 26.60
CA TYR A 445 13.36 -24.03 28.06
C TYR A 445 12.04 -24.66 28.53
N PRO A 446 12.13 -25.54 29.50
CA PRO A 446 10.98 -26.42 29.68
C PRO A 446 9.78 -25.83 30.36
N TYR A 447 9.96 -24.71 31.04
CA TYR A 447 8.91 -24.20 31.91
C TYR A 447 8.09 -23.08 31.29
N LEU A 448 8.40 -22.69 30.04
CA LEU A 448 7.65 -21.69 29.38
C LEU A 448 6.18 -22.07 29.24
N GLY A 449 5.31 -21.18 29.66
CA GLY A 449 3.87 -21.48 29.60
C GLY A 449 3.35 -22.30 30.76
N THR A 450 4.11 -22.37 31.86
CA THR A 450 3.71 -23.20 33.02
C THR A 450 3.79 -22.38 34.31
N THR A 451 3.25 -22.93 35.39
CA THR A 451 3.43 -22.31 36.72
C THR A 451 4.80 -22.49 37.32
N MET A 452 5.68 -23.24 36.67
CA MET A 452 7.08 -23.37 37.10
C MET A 452 8.03 -22.37 36.47
N ASP A 453 7.54 -21.43 35.66
CA ASP A 453 8.40 -20.42 35.09
C ASP A 453 8.67 -19.32 36.10
N THR A 454 9.46 -19.68 37.09
CA THR A 454 9.73 -18.79 38.22
C THR A 454 11.18 -18.33 38.27
N TYR A 455 11.42 -17.27 39.04
CA TYR A 455 12.80 -16.83 39.27
C TYR A 455 13.64 -17.96 39.93
N LYS A 456 13.07 -18.64 40.91
CA LYS A 456 13.74 -19.78 41.57
C LYS A 456 14.27 -20.80 40.55
N GLU A 457 13.41 -21.18 39.58
CA GLU A 457 13.80 -22.22 38.61
C GLU A 457 14.84 -21.66 37.67
N LEU A 458 14.69 -20.39 37.29
CA LEU A 458 15.58 -19.71 36.35
C LEU A 458 17.01 -19.59 36.91
N ILE A 459 17.10 -19.15 38.16
CA ILE A 459 18.42 -19.02 38.80
C ILE A 459 19.07 -20.39 39.12
N GLU A 460 18.24 -21.41 39.35
CA GLU A 460 18.79 -22.74 39.58
C GLU A 460 19.39 -23.30 38.29
N ARG A 461 18.71 -23.10 37.17
CA ARG A 461 19.24 -23.57 35.89
C ARG A 461 20.38 -22.72 35.39
N ILE A 462 20.31 -21.42 35.67
CA ILE A 462 21.39 -20.50 35.19
C ILE A 462 21.98 -19.67 36.35
N PRO A 463 22.89 -20.26 37.13
CA PRO A 463 23.32 -19.56 38.35
C PRO A 463 24.08 -18.28 38.05
N GLU A 464 24.62 -18.17 36.84
CA GLU A 464 25.20 -16.89 36.38
C GLU A 464 24.24 -16.04 35.57
N LEU A 465 22.98 -16.05 35.97
CA LEU A 465 21.94 -15.35 35.30
C LEU A 465 22.33 -13.86 35.22
N ASN A 466 22.90 -13.29 36.30
CA ASN A 466 23.17 -11.85 36.20
C ASN A 466 24.17 -11.53 35.04
N LYS A 467 25.25 -12.32 34.88
CA LYS A 467 26.24 -12.09 33.81
C LYS A 467 25.67 -12.39 32.44
N VAL A 468 24.73 -13.33 32.37
CA VAL A 468 24.13 -13.62 31.05
C VAL A 468 23.16 -12.53 30.62
N ALA A 469 22.39 -12.02 31.60
CA ALA A 469 21.53 -10.86 31.36
C ALA A 469 22.32 -9.65 30.99
N ARG A 470 23.49 -9.50 31.62
CA ARG A 470 24.37 -8.37 31.28
C ARG A 470 24.80 -8.46 29.83
N ALA A 471 25.15 -9.67 29.35
CA ALA A 471 25.53 -9.87 27.94
C ALA A 471 24.39 -9.60 26.99
N ALA A 472 23.16 -10.02 27.35
CA ALA A 472 22.00 -9.75 26.49
C ALA A 472 21.73 -8.24 26.44
N ALA A 473 21.95 -7.57 27.56
CA ALA A 473 21.84 -6.11 27.60
C ALA A 473 22.90 -5.42 26.79
N GLU A 474 24.11 -6.00 26.75
CA GLU A 474 25.18 -5.38 26.03
C GLU A 474 24.91 -5.48 24.52
N VAL A 475 24.43 -6.64 24.05
CA VAL A 475 24.04 -6.81 22.66
C VAL A 475 23.04 -5.75 22.27
N ALA A 476 21.91 -5.71 22.98
CA ALA A 476 20.85 -4.76 22.66
C ALA A 476 21.31 -3.29 22.77
N GLY A 477 22.14 -3.00 23.77
CA GLY A 477 22.72 -1.64 23.99
C GLY A 477 23.63 -1.23 22.89
N GLN A 478 24.47 -2.15 22.41
CA GLN A 478 25.31 -1.85 21.28
C GLN A 478 24.52 -1.64 20.01
N PHE A 479 23.49 -2.50 19.77
CA PHE A 479 22.61 -2.23 18.63
C PHE A 479 22.13 -0.74 18.70
N VAL A 480 21.53 -0.37 19.83
CA VAL A 480 20.96 0.95 20.00
C VAL A 480 21.95 2.06 19.71
N ILE A 481 23.14 1.97 20.32
CA ILE A 481 24.18 2.99 20.07
C ILE A 481 24.57 3.09 18.61
N LYS A 482 24.81 1.95 17.97
CA LYS A 482 25.14 1.95 16.55
C LYS A 482 24.08 2.54 15.70
N LEU A 483 22.83 2.26 16.01
CA LEU A 483 21.74 2.74 15.24
C LEU A 483 21.47 4.24 15.43
N THR A 484 21.87 4.79 16.58
CA THR A 484 21.44 6.16 16.90
C THR A 484 22.54 7.17 16.94
N HIS A 485 23.81 6.74 16.98
CA HIS A 485 24.95 7.61 17.25
C HIS A 485 25.23 8.53 16.02
N ASP A 486 25.69 7.92 14.94
CA ASP A 486 26.21 8.65 13.78
C ASP A 486 25.12 9.45 13.01
N VAL A 487 25.56 10.21 12.03
CA VAL A 487 24.62 10.85 11.07
C VAL A 487 24.03 9.90 10.04
N GLU A 488 24.74 8.81 9.76
CA GLU A 488 24.36 7.73 8.89
C GLU A 488 23.57 6.61 9.55
N LEU A 489 22.66 5.98 8.80
CA LEU A 489 22.03 4.75 9.23
C LEU A 489 22.75 3.42 8.94
N ASN A 490 22.96 2.63 9.98
CA ASN A 490 23.71 1.39 9.84
C ASN A 490 22.73 0.34 9.34
N LEU A 491 22.06 0.56 8.19
CA LEU A 491 21.17 -0.49 7.60
C LEU A 491 21.66 -1.04 6.23
N ASP A 492 21.80 -2.37 6.13
CA ASP A 492 22.65 -2.96 5.08
C ASP A 492 21.72 -3.45 3.97
N TYR A 493 21.26 -2.52 3.17
CA TYR A 493 20.31 -2.83 2.08
C TYR A 493 20.94 -3.74 1.03
N GLU A 494 22.26 -3.67 0.89
CA GLU A 494 22.94 -4.51 -0.14
C GLU A 494 22.84 -6.03 0.19
N ARG A 495 22.50 -6.36 1.44
CA ARG A 495 22.27 -7.74 1.85
C ARG A 495 21.13 -8.43 1.05
N TYR A 496 20.18 -7.64 0.56
CA TYR A 496 19.16 -8.20 -0.32
C TYR A 496 19.63 -8.67 -1.70
N ASN A 497 20.84 -8.29 -2.14
CA ASN A 497 21.36 -8.82 -3.41
C ASN A 497 21.60 -10.29 -3.28
N SER A 498 22.09 -10.74 -2.14
CA SER A 498 22.32 -12.17 -1.92
C SER A 498 20.96 -12.90 -1.82
N GLN A 499 19.98 -12.25 -1.19
CA GLN A 499 18.66 -12.89 -0.99
C GLN A 499 17.91 -13.06 -2.29
N LEU A 500 18.01 -12.07 -3.19
CA LEU A 500 17.40 -12.14 -4.49
C LEU A 500 18.10 -13.16 -5.33
N LEU A 501 19.44 -13.19 -5.26
CA LEU A 501 20.20 -14.09 -6.10
C LEU A 501 19.97 -15.55 -5.75
N SER A 502 19.84 -15.80 -4.47
CA SER A 502 19.51 -17.11 -3.91
C SER A 502 18.11 -17.59 -4.41
N PHE A 503 17.17 -16.68 -4.41
CA PHE A 503 15.87 -16.97 -5.00
C PHE A 503 15.98 -17.32 -6.47
N VAL A 504 16.73 -16.54 -7.24
CA VAL A 504 16.82 -16.76 -8.67
C VAL A 504 17.51 -18.10 -8.93
N ARG A 505 18.40 -18.48 -8.03
CA ARG A 505 19.03 -19.79 -8.09
C ARG A 505 18.04 -20.92 -7.91
N ASP A 506 17.19 -20.81 -6.90
CA ASP A 506 16.08 -21.76 -6.67
C ASP A 506 15.12 -21.82 -7.83
N LEU A 507 14.76 -20.66 -8.36
CA LEU A 507 13.86 -20.61 -9.52
C LEU A 507 14.50 -21.27 -10.74
N ASN A 508 15.83 -21.10 -10.87
CA ASN A 508 16.53 -21.52 -12.07
C ASN A 508 16.57 -23.04 -12.17
N GLN A 509 16.32 -23.77 -11.09
CA GLN A 509 16.16 -25.24 -11.18
C GLN A 509 14.95 -25.65 -12.02
N TYR A 510 13.94 -24.80 -12.08
CA TYR A 510 12.74 -25.09 -12.90
C TYR A 510 12.74 -24.41 -14.28
N ARG A 511 13.93 -24.07 -14.81
CA ARG A 511 14.05 -23.42 -16.13
C ARG A 511 13.27 -24.16 -17.24
N ALA A 512 13.26 -25.50 -17.18
CA ALA A 512 12.65 -26.30 -18.26
C ALA A 512 11.10 -26.30 -18.20
N ASP A 513 10.56 -26.39 -16.99
CA ASP A 513 9.16 -26.10 -16.74
C ASP A 513 8.76 -24.72 -17.26
N ILE A 514 9.55 -23.71 -16.95
CA ILE A 514 9.25 -22.38 -17.43
C ILE A 514 9.25 -22.22 -18.97
N LYS A 515 10.21 -22.85 -19.66
CA LYS A 515 10.20 -22.89 -21.12
C LYS A 515 8.98 -23.61 -21.62
N GLU A 516 8.64 -24.75 -21.02
CA GLU A 516 7.46 -25.51 -21.49
C GLU A 516 6.17 -24.68 -21.48
N MET A 517 6.01 -23.78 -20.50
CA MET A 517 4.80 -22.98 -20.34
C MET A 517 4.81 -21.71 -21.25
N GLY A 518 5.90 -21.53 -22.01
CA GLY A 518 6.03 -20.37 -22.93
C GLY A 518 6.47 -19.04 -22.27
N LEU A 519 7.06 -19.16 -21.09
CA LEU A 519 7.39 -17.99 -20.27
C LEU A 519 8.89 -17.75 -20.32
N SER A 520 9.31 -16.58 -19.90
CA SER A 520 10.72 -16.25 -19.90
C SER A 520 11.00 -15.51 -18.61
N LEU A 521 12.15 -15.78 -18.01
CA LEU A 521 12.57 -15.07 -16.81
C LEU A 521 13.31 -13.75 -17.11
N GLN A 522 13.38 -13.33 -18.38
CA GLN A 522 14.18 -12.14 -18.71
C GLN A 522 13.87 -10.93 -17.81
N TRP A 523 12.59 -10.69 -17.48
CA TRP A 523 12.25 -9.45 -16.81
C TRP A 523 12.50 -9.60 -15.31
N LEU A 524 12.43 -10.82 -14.81
CA LEU A 524 12.85 -11.06 -13.42
C LEU A 524 14.37 -10.92 -13.28
N TYR A 525 15.14 -11.51 -14.18
CA TYR A 525 16.58 -11.33 -14.19
C TYR A 525 16.95 -9.86 -14.24
N SER A 526 16.30 -9.18 -15.14
CA SER A 526 16.52 -7.79 -15.34
C SER A 526 16.18 -6.96 -14.09
N ALA A 527 15.13 -7.33 -13.37
CA ALA A 527 14.79 -6.63 -12.16
C ALA A 527 15.82 -6.86 -11.04
N ARG A 528 16.36 -8.07 -10.97
CA ARG A 528 17.43 -8.36 -10.05
C ARG A 528 18.66 -7.47 -10.28
N GLY A 529 19.09 -7.42 -11.54
CA GLY A 529 20.17 -6.55 -11.97
C GLY A 529 19.94 -5.06 -11.70
N ASP A 530 18.72 -4.60 -11.92
CA ASP A 530 18.34 -3.24 -11.57
C ASP A 530 18.47 -2.96 -10.06
N PHE A 531 18.02 -3.87 -9.22
CA PHE A 531 18.17 -3.69 -7.76
C PHE A 531 19.64 -3.68 -7.36
N PHE A 532 20.41 -4.59 -7.94
CA PHE A 532 21.84 -4.64 -7.70
C PHE A 532 22.54 -3.29 -7.96
N ARG A 533 22.33 -2.75 -9.15
CA ARG A 533 22.98 -1.53 -9.54
C ARG A 533 22.38 -0.39 -8.72
N ALA A 534 21.13 -0.50 -8.35
CA ALA A 534 20.55 0.59 -7.60
C ALA A 534 21.08 0.64 -6.14
N THR A 535 21.42 -0.52 -5.58
CA THR A 535 22.04 -0.53 -4.22
C THR A 535 23.44 0.03 -4.31
N SER A 536 24.17 -0.34 -5.37
CA SER A 536 25.53 0.17 -5.57
C SER A 536 25.55 1.71 -5.63
N ARG A 537 24.61 2.27 -6.39
CA ARG A 537 24.53 3.72 -6.62
C ARG A 537 24.21 4.42 -5.30
N LEU A 538 23.36 3.81 -4.48
CA LEU A 538 23.00 4.42 -3.22
C LEU A 538 24.22 4.40 -2.27
N THR A 539 25.01 3.34 -2.35
CA THR A 539 26.17 3.25 -1.52
C THR A 539 27.20 4.32 -1.91
N THR A 540 27.44 4.44 -3.19
CA THR A 540 28.26 5.51 -3.73
C THR A 540 27.81 6.90 -3.27
N ASP A 541 26.51 7.15 -3.29
CA ASP A 541 25.97 8.44 -2.87
C ASP A 541 26.25 8.71 -1.39
N PHE A 542 26.06 7.72 -0.54
CA PHE A 542 26.48 7.83 0.87
C PHE A 542 27.97 8.14 0.99
N GLY A 543 28.79 7.40 0.28
CA GLY A 543 30.23 7.65 0.25
C GLY A 543 30.55 9.08 -0.12
N ASN A 544 29.84 9.66 -1.09
CA ASN A 544 30.16 11.01 -1.53
C ASN A 544 29.50 12.11 -0.69
N ALA A 545 28.50 11.80 0.12
CA ALA A 545 27.77 12.85 0.80
C ALA A 545 28.64 13.58 1.82
N GLU A 546 28.38 14.87 1.96
CA GLU A 546 28.97 15.72 3.00
C GLU A 546 28.31 15.34 4.31
N LYS A 547 29.02 14.58 5.13
CA LYS A 547 28.43 14.00 6.33
C LYS A 547 27.89 15.02 7.33
N THR A 548 28.39 16.27 7.28
CA THR A 548 27.95 17.34 8.21
C THR A 548 26.71 18.11 7.73
N ASP A 549 26.29 17.88 6.49
CA ASP A 549 25.12 18.54 5.93
C ASP A 549 23.87 17.77 6.35
N ARG A 550 23.16 18.34 7.34
CA ARG A 550 22.04 17.63 7.99
C ARG A 550 20.96 17.37 6.91
N PHE A 551 20.84 18.26 5.93
CA PHE A 551 19.84 18.13 4.83
C PHE A 551 20.13 17.00 3.79
N VAL A 552 21.37 16.85 3.35
CA VAL A 552 21.78 15.71 2.50
C VAL A 552 21.59 14.41 3.25
N MET A 553 21.95 14.39 4.53
CA MET A 553 21.97 13.12 5.20
C MET A 553 20.55 12.65 5.51
N LYS A 554 19.65 13.57 5.90
CA LYS A 554 18.23 13.25 6.18
C LYS A 554 17.54 12.68 4.97
N LYS A 555 17.82 13.26 3.79
CA LYS A 555 17.30 12.71 2.53
C LYS A 555 17.79 11.29 2.25
N LEU A 556 19.09 11.01 2.41
CA LEU A 556 19.63 9.67 2.14
C LEU A 556 19.13 8.65 3.12
N ASN A 557 19.06 9.04 4.37
CA ASN A 557 18.62 8.14 5.41
C ASN A 557 17.10 7.84 5.21
N ASP A 558 16.30 8.86 4.91
CA ASP A 558 14.86 8.64 4.57
C ASP A 558 14.71 7.56 3.50
N ARG A 559 15.57 7.59 2.47
CA ARG A 559 15.56 6.55 1.44
C ARG A 559 15.85 5.15 1.96
N VAL A 560 16.87 5.02 2.80
CA VAL A 560 17.23 3.72 3.35
C VAL A 560 16.14 3.19 4.23
N MET A 561 15.37 4.06 4.89
CA MET A 561 14.23 3.61 5.73
C MET A 561 13.06 3.02 5.01
N ARG A 562 12.98 3.23 3.70
CA ARG A 562 11.90 2.64 2.88
C ARG A 562 12.26 1.32 2.16
N VAL A 563 13.47 0.83 2.31
CA VAL A 563 13.88 -0.37 1.60
C VAL A 563 13.07 -1.60 2.05
N GLU A 564 12.96 -1.81 3.34
CA GLU A 564 12.22 -3.00 3.80
C GLU A 564 10.77 -2.94 3.40
N TYR A 565 10.17 -1.75 3.51
CA TYR A 565 8.75 -1.60 3.18
C TYR A 565 8.47 -1.96 1.72
N HIS A 566 9.39 -1.66 0.81
CA HIS A 566 9.13 -1.96 -0.60
C HIS A 566 9.20 -3.45 -0.96
N PHE A 567 9.61 -4.30 -0.02
CA PHE A 567 9.39 -5.72 -0.18
C PHE A 567 8.07 -6.25 0.39
N LEU A 568 7.18 -5.38 0.88
CA LEU A 568 5.81 -5.77 1.19
C LEU A 568 5.01 -5.76 -0.09
N SER A 569 4.34 -6.86 -0.46
CA SER A 569 3.62 -6.87 -1.72
C SER A 569 2.53 -5.78 -1.68
N PRO A 570 2.44 -4.96 -2.74
CA PRO A 570 1.39 -3.96 -2.77
C PRO A 570 0.10 -4.50 -3.36
N TYR A 571 0.10 -5.80 -3.69
CA TYR A 571 -0.96 -6.42 -4.41
C TYR A 571 -1.88 -7.27 -3.58
N VAL A 572 -1.73 -7.25 -2.28
CA VAL A 572 -2.63 -7.99 -1.41
C VAL A 572 -3.10 -7.10 -0.26
N SER A 573 -4.32 -7.33 0.20
CA SER A 573 -4.85 -6.60 1.34
C SER A 573 -4.26 -7.10 2.65
N PRO A 574 -3.79 -6.18 3.47
CA PRO A 574 -3.31 -6.56 4.80
C PRO A 574 -4.39 -7.07 5.75
N LYS A 575 -5.66 -6.94 5.39
CA LYS A 575 -6.72 -7.60 6.12
C LYS A 575 -6.85 -9.10 5.74
N GLU A 576 -6.58 -9.43 4.50
CA GLU A 576 -6.63 -10.82 4.04
C GLU A 576 -5.29 -11.51 4.32
N SER A 577 -4.18 -10.84 4.05
CA SER A 577 -2.88 -11.39 4.21
C SER A 577 -2.02 -10.36 4.88
N PRO A 578 -2.00 -10.40 6.21
CA PRO A 578 -1.31 -9.30 6.94
C PRO A 578 0.19 -9.37 6.69
N PHE A 579 0.72 -10.56 6.46
CA PHE A 579 2.16 -10.74 6.37
C PHE A 579 2.62 -10.63 4.95
N ARG A 580 2.70 -9.40 4.49
CA ARG A 580 2.81 -9.08 3.04
C ARG A 580 4.26 -9.16 2.51
N HIS A 581 5.23 -9.21 3.40
CA HIS A 581 6.64 -9.24 3.01
C HIS A 581 6.93 -10.46 2.15
N VAL A 582 7.44 -10.22 0.93
CA VAL A 582 7.58 -11.29 -0.02
C VAL A 582 8.69 -12.28 0.35
N PHE A 583 9.66 -11.87 1.18
CA PHE A 583 10.63 -12.83 1.69
C PHE A 583 10.14 -13.48 2.96
N TRP A 584 9.65 -12.69 3.89
CA TRP A 584 9.53 -13.15 5.29
C TRP A 584 8.11 -13.39 5.74
N GLY A 585 7.14 -13.10 4.87
CA GLY A 585 5.74 -13.14 5.19
C GLY A 585 5.13 -14.52 4.95
N SER A 586 3.83 -14.50 4.73
CA SER A 586 3.05 -15.72 4.61
CA SER A 586 3.00 -15.73 4.63
C SER A 586 1.90 -15.58 3.62
N GLY A 587 1.80 -16.52 2.71
CA GLY A 587 0.72 -16.60 1.72
C GLY A 587 1.21 -16.62 0.26
N SER A 588 0.28 -16.58 -0.69
CA SER A 588 0.59 -16.92 -2.08
C SER A 588 1.43 -15.87 -2.78
N HIS A 589 1.66 -14.72 -2.13
CA HIS A 589 2.44 -13.63 -2.71
C HIS A 589 3.91 -13.75 -2.33
N THR A 590 4.27 -14.71 -1.48
CA THR A 590 5.68 -14.80 -1.08
C THR A 590 6.53 -15.51 -2.14
N LEU A 591 7.81 -15.18 -2.14
CA LEU A 591 8.73 -15.89 -3.01
C LEU A 591 8.85 -17.39 -2.71
N PRO A 592 8.86 -17.78 -1.45
CA PRO A 592 8.83 -19.23 -1.25
C PRO A 592 7.57 -19.89 -1.79
N ALA A 593 6.41 -19.21 -1.71
CA ALA A 593 5.15 -19.83 -2.19
C ALA A 593 5.15 -20.04 -3.68
N LEU A 594 5.83 -19.16 -4.42
CA LEU A 594 6.00 -19.29 -5.85
C LEU A 594 6.77 -20.59 -6.14
N LEU A 595 7.80 -20.84 -5.34
CA LEU A 595 8.62 -22.05 -5.53
C LEU A 595 7.89 -23.33 -5.11
N GLU A 596 7.09 -23.25 -4.05
CA GLU A 596 6.28 -24.39 -3.59
C GLU A 596 5.24 -24.83 -4.63
N ASN A 597 4.55 -23.89 -5.25
CA ASN A 597 3.66 -24.19 -6.39
C ASN A 597 4.45 -24.84 -7.51
N LEU A 598 5.54 -24.18 -7.95
CA LEU A 598 6.27 -24.66 -9.16
C LEU A 598 6.82 -26.03 -8.93
N LYS A 599 7.15 -26.34 -7.67
CA LYS A 599 7.61 -27.65 -7.30
C LYS A 599 6.62 -28.78 -7.60
N LEU A 600 5.33 -28.46 -7.60
CA LEU A 600 4.27 -29.46 -7.86
C LEU A 600 4.10 -29.90 -9.33
N ARG A 601 4.57 -29.10 -10.27
CA ARG A 601 4.38 -29.39 -11.68
C ARG A 601 4.94 -30.75 -12.11
N LYS A 602 5.93 -31.25 -11.36
CA LYS A 602 6.35 -32.66 -11.43
C LYS A 602 5.52 -33.47 -10.45
N GLY A 606 -2.63 -32.73 -11.11
CA GLY A 606 -2.75 -31.28 -11.14
C GLY A 606 -2.99 -30.67 -9.77
N ALA A 607 -2.05 -30.89 -8.84
CA ALA A 607 -1.91 -30.00 -7.69
C ALA A 607 -1.22 -28.66 -8.09
N PHE A 608 -0.46 -28.65 -9.19
CA PHE A 608 0.15 -27.43 -9.72
C PHE A 608 -0.90 -26.52 -10.39
N ASN A 609 -0.82 -25.22 -10.12
CA ASN A 609 -1.75 -24.31 -10.76
C ASN A 609 -0.99 -23.32 -11.63
N GLU A 610 -1.16 -23.45 -12.92
CA GLU A 610 -0.37 -22.70 -13.87
C GLU A 610 -0.80 -21.23 -13.89
N THR A 611 -2.11 -21.03 -13.74
CA THR A 611 -2.70 -19.68 -13.72
C THR A 611 -2.18 -18.88 -12.55
N LEU A 612 -2.19 -19.49 -11.37
CA LEU A 612 -1.61 -18.91 -10.21
C LEU A 612 -0.11 -18.61 -10.45
N PHE A 613 0.63 -19.58 -10.98
CA PHE A 613 2.08 -19.38 -11.18
C PHE A 613 2.34 -18.16 -12.08
N ARG A 614 1.61 -18.05 -13.20
CA ARG A 614 1.80 -16.89 -14.11
C ARG A 614 1.65 -15.55 -13.33
N ASN A 615 0.61 -15.47 -12.49
CA ASN A 615 0.35 -14.26 -11.74
C ASN A 615 1.46 -14.05 -10.72
N GLN A 616 1.87 -15.13 -10.03
CA GLN A 616 2.95 -15.06 -9.05
C GLN A 616 4.25 -14.57 -9.67
N LEU A 617 4.59 -15.04 -10.85
CA LEU A 617 5.82 -14.58 -11.50
C LEU A 617 5.69 -13.11 -11.85
N ALA A 618 4.51 -12.70 -12.32
CA ALA A 618 4.31 -11.31 -12.76
C ALA A 618 4.42 -10.38 -11.56
N LEU A 619 3.77 -10.77 -10.47
CA LEU A 619 3.62 -9.89 -9.32
C LEU A 619 4.96 -9.80 -8.56
N ALA A 620 5.72 -10.90 -8.54
CA ALA A 620 7.04 -10.90 -7.91
C ALA A 620 7.93 -9.98 -8.70
N THR A 621 7.86 -10.08 -10.02
CA THR A 621 8.75 -9.34 -10.89
C THR A 621 8.43 -7.85 -10.72
N TRP A 622 7.14 -7.51 -10.74
CA TRP A 622 6.75 -6.09 -10.56
C TRP A 622 7.21 -5.56 -9.18
N THR A 623 7.10 -6.38 -8.15
CA THR A 623 7.49 -5.96 -6.81
C THR A 623 9.00 -5.72 -6.72
N ILE A 624 9.79 -6.60 -7.31
CA ILE A 624 11.24 -6.42 -7.27
C ILE A 624 11.67 -5.24 -8.12
N GLN A 625 11.03 -5.08 -9.29
CA GLN A 625 11.37 -3.99 -10.18
C GLN A 625 11.00 -2.67 -9.52
N GLY A 626 9.85 -2.63 -8.87
CA GLY A 626 9.36 -1.41 -8.19
C GLY A 626 10.23 -1.04 -6.98
N ALA A 627 10.80 -2.06 -6.35
CA ALA A 627 11.79 -1.83 -5.28
C ALA A 627 13.10 -1.24 -5.80
N ALA A 628 13.54 -1.70 -6.97
CA ALA A 628 14.72 -1.12 -7.63
C ALA A 628 14.45 0.34 -8.00
N ASN A 629 13.33 0.62 -8.66
CA ASN A 629 13.00 2.00 -9.07
C ASN A 629 12.95 2.95 -7.87
N ALA A 630 12.36 2.44 -6.78
CA ALA A 630 12.19 3.20 -5.53
C ALA A 630 13.53 3.57 -4.86
N LEU A 631 14.58 2.86 -5.21
CA LEU A 631 15.89 3.19 -4.69
C LEU A 631 16.57 4.36 -5.41
N SER A 632 16.09 4.73 -6.59
CA SER A 632 16.56 5.93 -7.31
C SER A 632 16.12 7.18 -6.50
N GLY A 633 16.91 8.23 -6.53
CA GLY A 633 16.56 9.44 -5.75
C GLY A 633 15.43 10.18 -6.46
N ASP A 634 15.79 10.96 -7.43
CA ASP A 634 14.81 11.75 -8.07
C ASP A 634 14.31 11.04 -9.35
N VAL A 635 13.20 11.53 -9.90
CA VAL A 635 12.70 10.98 -11.19
C VAL A 635 13.61 11.11 -12.37
N TRP A 636 14.46 12.14 -12.41
CA TRP A 636 15.34 12.35 -13.53
C TRP A 636 16.70 11.55 -13.42
N ASP A 637 16.86 10.77 -12.37
CA ASP A 637 18.05 9.86 -12.15
C ASP A 637 17.88 8.41 -12.67
N ARG B 3 14.28 38.36 -1.73
CA ARG B 3 14.45 39.48 -2.65
C ARG B 3 13.17 39.74 -3.44
N LEU B 4 12.49 38.63 -3.78
CA LEU B 4 11.26 38.67 -4.56
C LEU B 4 10.10 38.08 -3.82
N TYR B 5 9.03 38.81 -3.75
CA TYR B 5 7.85 38.28 -3.09
C TYR B 5 6.80 37.83 -4.10
N TRP B 6 5.58 37.62 -3.62
CA TRP B 6 4.50 37.18 -4.49
C TRP B 6 4.07 38.29 -5.47
N ASP B 7 3.90 39.51 -4.98
CA ASP B 7 3.43 40.67 -5.78
C ASP B 7 4.36 40.87 -6.99
N ASP B 8 5.64 40.86 -6.71
CA ASP B 8 6.73 40.97 -7.70
C ASP B 8 6.70 39.83 -8.70
N LEU B 9 6.53 38.59 -8.22
CA LEU B 9 6.50 37.46 -9.12
C LEU B 9 5.30 37.50 -10.02
N LYS B 10 4.12 37.76 -9.44
CA LYS B 10 2.88 37.84 -10.18
C LYS B 10 3.01 38.90 -11.31
N ARG B 11 3.52 40.06 -10.97
CA ARG B 11 3.70 41.14 -11.96
C ARG B 11 4.75 40.84 -13.06
N LYS B 12 5.83 40.17 -12.68
CA LYS B 12 6.75 39.60 -13.66
C LYS B 12 6.14 38.56 -14.59
N LEU B 13 5.38 37.59 -14.07
CA LEU B 13 4.75 36.64 -14.95
C LEU B 13 3.88 37.38 -15.95
N SER B 14 3.09 38.29 -15.42
CA SER B 14 2.04 38.92 -16.18
C SER B 14 2.71 39.78 -17.32
N GLU B 15 3.84 40.34 -17.01
CA GLU B 15 4.65 41.13 -17.96
C GLU B 15 5.14 40.25 -19.10
N LYS B 16 5.64 39.08 -18.75
CA LYS B 16 6.13 38.12 -19.72
C LYS B 16 5.03 37.56 -20.57
N LEU B 17 3.89 37.25 -19.96
CA LEU B 17 2.75 36.79 -20.70
C LEU B 17 2.27 37.77 -21.75
N ASP B 18 2.18 39.02 -21.38
CA ASP B 18 1.77 40.08 -22.31
C ASP B 18 2.52 40.09 -23.64
N SER B 19 3.77 39.64 -23.65
CA SER B 19 4.51 39.61 -24.91
C SER B 19 4.67 38.22 -25.54
N THR B 20 3.95 37.24 -25.03
CA THR B 20 4.11 35.89 -25.48
C THR B 20 3.15 35.69 -26.64
N ASP B 21 3.67 35.00 -27.65
CA ASP B 21 2.90 34.66 -28.84
C ASP B 21 2.64 33.17 -28.81
N PHE B 22 1.43 32.80 -28.47
CA PHE B 22 1.08 31.40 -28.33
C PHE B 22 0.64 30.82 -29.69
N THR B 23 -0.02 31.67 -30.48
CA THR B 23 -0.57 31.21 -31.76
C THR B 23 0.48 30.75 -32.80
N SER B 24 1.66 31.34 -32.79
CA SER B 24 2.76 30.86 -33.63
C SER B 24 3.19 29.43 -33.34
N THR B 25 3.18 29.08 -32.04
CA THR B 25 3.49 27.74 -31.66
C THR B 25 2.39 26.77 -31.98
N ILE B 26 1.15 27.18 -31.75
CA ILE B 26 0.05 26.30 -32.14
C ILE B 26 0.06 26.04 -33.63
N LYS B 27 0.29 27.09 -34.43
CA LYS B 27 0.41 26.97 -35.90
C LYS B 27 1.59 26.09 -36.39
N LEU B 28 2.75 26.19 -35.72
CA LEU B 28 3.88 25.31 -35.99
C LEU B 28 3.53 23.85 -35.78
N LEU B 29 2.81 23.56 -34.70
CA LEU B 29 2.32 22.20 -34.45
C LEU B 29 1.27 21.64 -35.38
N ASN B 30 0.75 22.46 -36.30
CA ASN B 30 -0.14 22.00 -37.35
C ASN B 30 0.59 21.89 -38.65
N GLU B 31 1.91 22.12 -38.68
CA GLU B 31 2.61 22.01 -39.97
C GLU B 31 2.72 20.56 -40.28
N ASN B 32 3.07 20.27 -41.52
CA ASN B 32 3.01 18.90 -42.00
CA ASN B 32 3.14 18.94 -42.12
C ASN B 32 4.06 17.98 -41.37
N SER B 33 5.12 18.53 -40.80
CA SER B 33 6.08 17.76 -40.07
C SER B 33 5.48 17.03 -38.89
N TYR B 34 4.41 17.58 -38.29
CA TYR B 34 3.92 17.10 -37.02
C TYR B 34 2.44 16.66 -37.04
N VAL B 35 1.84 16.63 -38.24
CA VAL B 35 0.50 16.10 -38.41
C VAL B 35 0.42 15.09 -39.55
N PRO B 36 -0.49 14.11 -39.43
CA PRO B 36 -1.08 13.66 -38.15
C PRO B 36 -0.01 13.01 -37.27
N ARG B 37 -0.34 12.76 -36.02
CA ARG B 37 0.68 12.29 -35.04
C ARG B 37 0.13 11.27 -34.03
N GLU B 38 -0.29 10.13 -34.58
CA GLU B 38 -0.75 9.04 -33.76
C GLU B 38 0.42 8.61 -32.88
N ALA B 39 0.11 8.17 -31.65
CA ALA B 39 1.18 7.72 -30.77
C ALA B 39 2.10 6.67 -31.38
N GLY B 40 3.39 6.87 -31.18
CA GLY B 40 4.42 5.95 -31.69
C GLY B 40 4.78 6.14 -33.16
N SER B 41 4.07 7.04 -33.84
CA SER B 41 4.38 7.36 -35.25
C SER B 41 5.65 8.18 -35.40
N GLN B 42 6.19 8.22 -36.61
CA GLN B 42 7.36 9.04 -36.89
C GLN B 42 7.08 10.51 -36.55
N LYS B 43 5.89 11.00 -36.88
CA LYS B 43 5.57 12.40 -36.58
C LYS B 43 5.44 12.74 -35.10
N ASP B 44 4.87 11.80 -34.33
CA ASP B 44 4.88 11.92 -32.86
C ASP B 44 6.29 12.02 -32.32
N GLU B 45 7.17 11.19 -32.83
CA GLU B 45 8.53 11.20 -32.37
C GLU B 45 9.23 12.50 -32.83
N ASN B 46 8.97 12.94 -34.05
CA ASN B 46 9.56 14.22 -34.51
C ASN B 46 9.14 15.32 -33.56
N LEU B 47 7.86 15.38 -33.20
CA LEU B 47 7.43 16.44 -32.26
C LEU B 47 8.09 16.30 -30.86
N ALA B 48 8.20 15.06 -30.36
CA ALA B 48 8.89 14.78 -29.07
C ALA B 48 10.32 15.35 -29.08
N LEU B 49 11.02 15.11 -30.17
CA LEU B 49 12.44 15.54 -30.30
C LEU B 49 12.55 17.05 -30.48
N TYR B 50 11.53 17.64 -31.09
CA TYR B 50 11.37 19.09 -31.15
C TYR B 50 11.18 19.70 -29.80
N VAL B 51 10.33 19.10 -29.02
CA VAL B 51 10.04 19.57 -27.66
C VAL B 51 11.30 19.43 -26.78
N GLU B 52 12.00 18.31 -26.93
CA GLU B 52 13.20 18.06 -26.19
C GLU B 52 14.23 19.17 -26.48
N ASN B 53 14.43 19.44 -27.77
CA ASN B 53 15.44 20.41 -28.15
C ASN B 53 15.04 21.82 -27.69
N GLN B 54 13.73 22.13 -27.72
CA GLN B 54 13.27 23.40 -27.11
C GLN B 54 13.57 23.48 -25.62
N PHE B 55 13.29 22.41 -24.87
CA PHE B 55 13.60 22.44 -23.44
C PHE B 55 15.06 22.71 -23.17
N ARG B 56 15.92 22.06 -23.95
CA ARG B 56 17.34 22.36 -23.91
C ARG B 56 17.71 23.81 -24.27
N GLU B 57 17.10 24.36 -25.30
CA GLU B 57 17.29 25.75 -25.63
C GLU B 57 16.91 26.71 -24.49
N PHE B 58 15.88 26.36 -23.73
CA PHE B 58 15.43 27.17 -22.56
C PHE B 58 16.37 27.02 -21.35
N LYS B 59 17.38 26.13 -21.41
CA LYS B 59 18.33 25.93 -20.34
C LYS B 59 17.65 25.46 -19.04
N LEU B 60 16.69 24.56 -19.18
CA LEU B 60 16.17 23.81 -18.03
C LEU B 60 17.32 23.09 -17.33
N SER B 61 17.19 22.83 -16.02
CA SER B 61 18.27 22.23 -15.21
C SER B 61 18.64 20.84 -15.79
N LYS B 62 17.65 20.12 -16.27
CA LYS B 62 17.84 18.79 -16.83
C LYS B 62 16.69 18.44 -17.76
N VAL B 63 17.03 17.78 -18.85
CA VAL B 63 16.03 17.33 -19.83
C VAL B 63 16.24 15.86 -20.12
N TRP B 64 15.21 15.04 -20.11
CA TRP B 64 15.40 13.60 -20.25
C TRP B 64 14.21 12.95 -20.95
N ARG B 65 14.45 11.76 -21.47
CA ARG B 65 13.44 10.96 -22.09
C ARG B 65 13.02 9.83 -21.22
N ASP B 66 11.76 9.46 -21.31
CA ASP B 66 11.20 8.29 -20.60
C ASP B 66 10.49 7.47 -21.67
N GLN B 67 11.04 6.33 -22.00
CA GLN B 67 10.50 5.50 -23.08
C GLN B 67 9.70 4.30 -22.52
N HIS B 68 8.68 3.86 -23.25
CA HIS B 68 7.91 2.67 -22.90
C HIS B 68 7.60 1.98 -24.19
N PHE B 69 7.55 0.68 -24.17
CA PHE B 69 6.89 -0.09 -25.22
C PHE B 69 5.50 -0.51 -24.77
N VAL B 70 4.49 -0.21 -25.56
CA VAL B 70 3.11 -0.46 -25.19
C VAL B 70 2.40 -1.02 -26.41
N LYS B 71 1.33 -1.74 -26.20
CA LYS B 71 0.48 -2.27 -27.30
C LYS B 71 -0.74 -1.38 -27.43
N ILE B 72 -0.92 -0.84 -28.63
CA ILE B 72 -2.13 -0.08 -28.95
C ILE B 72 -2.90 -0.89 -30.00
N GLN B 73 -4.08 -0.44 -30.33
CA GLN B 73 -4.82 -1.05 -31.42
C GLN B 73 -4.93 -0.05 -32.53
N VAL B 74 -4.88 -0.53 -33.76
CA VAL B 74 -4.97 0.31 -34.93
C VAL B 74 -5.81 -0.42 -35.97
N LYS B 75 -6.20 0.30 -37.02
CA LYS B 75 -6.86 -0.34 -38.17
C LYS B 75 -6.00 -1.34 -38.89
N ASP B 76 -6.65 -2.38 -39.40
CA ASP B 76 -6.01 -3.52 -40.08
C ASP B 76 -5.95 -3.08 -41.53
N SER B 77 -5.44 -3.93 -42.42
CA SER B 77 -5.55 -3.62 -43.85
C SER B 77 -6.93 -3.95 -44.45
N ALA B 78 -7.72 -4.84 -43.83
CA ALA B 78 -9.12 -5.02 -44.22
C ALA B 78 -10.01 -3.91 -43.62
N GLN B 79 -10.91 -3.36 -44.41
CA GLN B 79 -11.64 -2.17 -43.98
C GLN B 79 -12.77 -2.62 -43.04
N ASN B 80 -12.94 -1.89 -41.95
CA ASN B 80 -14.13 -2.00 -41.12
C ASN B 80 -15.31 -1.50 -41.95
N SER B 81 -16.49 -2.03 -41.68
CA SER B 81 -17.63 -1.71 -42.48
C SER B 81 -18.95 -1.80 -41.69
N VAL B 82 -19.94 -1.08 -42.25
CA VAL B 82 -21.31 -1.11 -41.81
C VAL B 82 -22.19 -1.37 -43.02
N ILE B 83 -22.95 -2.49 -42.97
CA ILE B 83 -23.69 -3.02 -44.07
C ILE B 83 -25.14 -3.21 -43.66
N ILE B 84 -26.05 -2.89 -44.58
CA ILE B 84 -27.46 -3.22 -44.43
C ILE B 84 -27.77 -4.55 -45.11
N VAL B 85 -28.39 -5.43 -44.34
CA VAL B 85 -28.91 -6.70 -44.83
C VAL B 85 -30.44 -6.66 -44.95
N ASP B 86 -30.95 -6.77 -46.16
CA ASP B 86 -32.40 -6.45 -46.38
C ASP B 86 -33.15 -7.68 -46.85
N GLY B 89 -31.75 -11.61 -46.68
CA GLY B 89 -30.65 -11.13 -47.55
C GLY B 89 -30.82 -11.48 -49.04
N ARG B 90 -31.97 -11.09 -49.63
CA ARG B 90 -32.09 -10.79 -51.07
C ARG B 90 -31.29 -9.54 -51.58
N LEU B 91 -31.00 -8.58 -50.69
CA LEU B 91 -29.88 -7.68 -50.93
C LEU B 91 -29.09 -7.25 -49.74
N VAL B 92 -27.88 -6.84 -50.04
CA VAL B 92 -26.96 -6.45 -49.01
C VAL B 92 -26.25 -5.25 -49.60
N TYR B 93 -26.17 -4.17 -48.85
CA TYR B 93 -25.41 -3.03 -49.35
C TYR B 93 -24.61 -2.29 -48.34
N LEU B 94 -23.50 -1.74 -48.81
CA LEU B 94 -22.57 -1.07 -47.96
C LEU B 94 -23.13 0.29 -47.57
N VAL B 95 -23.13 0.58 -46.28
CA VAL B 95 -23.43 1.95 -45.77
C VAL B 95 -22.20 2.81 -45.71
N GLU B 96 -21.16 2.31 -45.08
CA GLU B 96 -19.89 3.10 -45.02
C GLU B 96 -18.73 2.13 -44.73
N ASN B 97 -17.56 2.38 -45.32
CA ASN B 97 -16.24 2.01 -44.78
C ASN B 97 -15.61 3.15 -43.92
N PRO B 98 -15.85 3.18 -42.61
CA PRO B 98 -15.54 4.44 -41.88
C PRO B 98 -14.03 4.73 -41.86
N GLY B 99 -13.62 6.00 -41.88
CA GLY B 99 -12.19 6.33 -41.90
C GLY B 99 -11.59 6.27 -40.50
N GLY B 100 -12.40 6.48 -39.50
CA GLY B 100 -11.95 6.38 -38.12
C GLY B 100 -12.23 5.00 -37.51
N TYR B 101 -11.91 4.86 -36.23
CA TYR B 101 -12.12 3.60 -35.52
C TYR B 101 -12.12 3.87 -34.01
N VAL B 102 -12.49 2.84 -33.26
CA VAL B 102 -12.48 2.94 -31.81
C VAL B 102 -11.45 1.93 -31.28
N ALA B 103 -10.41 2.44 -30.66
CA ALA B 103 -9.33 1.60 -30.17
C ALA B 103 -9.88 0.78 -28.97
N TYR B 104 -9.45 -0.48 -28.96
CA TYR B 104 -9.72 -1.53 -27.94
C TYR B 104 -11.13 -2.13 -28.19
N SER B 105 -11.66 -1.88 -29.38
CA SER B 105 -12.84 -2.65 -29.88
C SER B 105 -12.48 -4.10 -29.97
N LYS B 106 -13.45 -4.99 -29.73
CA LYS B 106 -13.26 -6.37 -30.11
C LYS B 106 -13.22 -6.45 -31.64
N ALA B 107 -12.33 -7.26 -32.20
CA ALA B 107 -12.41 -7.56 -33.62
C ALA B 107 -13.43 -8.67 -33.86
N ALA B 108 -14.51 -8.38 -34.57
CA ALA B 108 -15.57 -9.32 -34.73
C ALA B 108 -16.52 -8.84 -35.84
N THR B 109 -17.35 -9.73 -36.31
CA THR B 109 -18.44 -9.37 -37.21
C THR B 109 -19.75 -9.79 -36.55
N VAL B 110 -20.68 -8.89 -36.46
CA VAL B 110 -21.98 -9.20 -35.86
C VAL B 110 -23.07 -8.66 -36.75
N THR B 111 -24.26 -9.29 -36.67
CA THR B 111 -25.39 -8.84 -37.45
C THR B 111 -26.61 -8.88 -36.54
N GLY B 112 -27.44 -7.88 -36.59
CA GLY B 112 -28.75 -7.98 -35.97
C GLY B 112 -29.57 -6.72 -36.16
N LYS B 113 -30.59 -6.57 -35.34
CA LYS B 113 -31.33 -5.32 -35.27
C LYS B 113 -30.45 -4.17 -34.80
N LEU B 114 -30.81 -2.94 -35.15
CA LEU B 114 -30.15 -1.75 -34.67
C LEU B 114 -31.13 -0.96 -33.84
N VAL B 115 -30.71 -0.62 -32.62
CA VAL B 115 -31.54 0.08 -31.66
C VAL B 115 -30.79 1.37 -31.21
N HIS B 116 -31.50 2.50 -31.23
CA HIS B 116 -30.94 3.74 -30.74
C HIS B 116 -31.04 3.76 -29.19
N ALA B 117 -29.95 4.15 -28.56
CA ALA B 117 -29.92 4.37 -27.11
C ALA B 117 -29.43 5.73 -26.69
N ASN B 118 -29.73 6.72 -27.51
CA ASN B 118 -29.39 8.13 -27.17
C ASN B 118 -27.89 8.30 -26.89
N PHE B 119 -27.47 8.74 -25.71
CA PHE B 119 -26.07 8.77 -25.38
C PHE B 119 -25.48 7.46 -24.77
N GLY B 120 -26.33 6.46 -24.55
CA GLY B 120 -25.87 5.22 -23.92
C GLY B 120 -25.61 5.29 -22.45
N THR B 121 -26.27 6.22 -21.74
CA THR B 121 -26.14 6.28 -20.30
C THR B 121 -27.05 5.15 -19.75
N LYS B 122 -26.86 4.80 -18.49
CA LYS B 122 -27.74 3.77 -17.88
C LYS B 122 -29.20 4.13 -17.90
N LYS B 123 -29.51 5.39 -17.58
CA LYS B 123 -30.88 5.89 -17.68
C LYS B 123 -31.41 5.88 -19.12
N ASP B 124 -30.59 6.28 -20.11
CA ASP B 124 -31.03 6.20 -21.51
C ASP B 124 -31.53 4.76 -21.88
N PHE B 125 -30.74 3.75 -21.56
CA PHE B 125 -31.13 2.36 -21.78
C PHE B 125 -32.41 1.99 -21.03
N GLU B 126 -32.52 2.40 -19.76
CA GLU B 126 -33.66 2.03 -18.92
C GLU B 126 -34.97 2.52 -19.54
N ASP B 127 -34.89 3.63 -20.27
CA ASP B 127 -36.11 4.33 -20.77
C ASP B 127 -36.54 3.91 -22.17
N LEU B 128 -35.76 3.07 -22.85
CA LEU B 128 -36.11 2.54 -24.14
C LEU B 128 -37.23 1.54 -24.02
N TYR B 129 -38.10 1.47 -25.02
CA TYR B 129 -39.12 0.45 -25.04
C TYR B 129 -38.61 -0.86 -25.64
N THR B 130 -37.46 -0.83 -26.32
CA THR B 130 -36.94 -1.98 -27.05
C THR B 130 -35.80 -2.60 -26.21
N PRO B 131 -35.94 -3.88 -25.79
CA PRO B 131 -34.74 -4.54 -25.20
C PRO B 131 -33.60 -4.60 -26.20
N VAL B 132 -32.40 -4.32 -25.73
CA VAL B 132 -31.26 -4.31 -26.62
C VAL B 132 -30.49 -5.64 -26.72
N ASN B 133 -30.85 -6.62 -25.92
CA ASN B 133 -30.15 -7.89 -25.93
C ASN B 133 -30.15 -8.54 -27.29
N GLY B 134 -28.94 -8.91 -27.76
CA GLY B 134 -28.81 -9.56 -29.06
C GLY B 134 -28.87 -8.58 -30.23
N SER B 135 -28.93 -7.28 -29.93
CA SER B 135 -28.93 -6.19 -30.94
C SER B 135 -27.70 -5.34 -30.94
N ILE B 136 -27.43 -4.70 -32.09
CA ILE B 136 -26.47 -3.64 -32.17
C ILE B 136 -27.14 -2.33 -31.71
N VAL B 137 -26.40 -1.52 -30.99
CA VAL B 137 -26.92 -0.25 -30.48
C VAL B 137 -26.21 0.89 -31.20
N ILE B 138 -26.94 1.96 -31.49
CA ILE B 138 -26.35 3.16 -32.02
C ILE B 138 -26.52 4.26 -31.01
N VAL B 139 -25.43 4.95 -30.70
CA VAL B 139 -25.47 6.05 -29.79
C VAL B 139 -24.81 7.31 -30.33
N ARG B 140 -25.20 8.44 -29.77
CA ARG B 140 -24.54 9.71 -29.98
C ARG B 140 -23.30 9.81 -29.12
N ALA B 141 -22.27 10.42 -29.69
CA ALA B 141 -21.10 10.84 -28.91
C ALA B 141 -21.56 11.88 -27.88
N GLY B 142 -20.81 11.96 -26.79
CA GLY B 142 -21.10 12.92 -25.76
C GLY B 142 -21.56 12.40 -24.42
N LYS B 143 -21.60 13.32 -23.48
CA LYS B 143 -22.05 13.12 -22.09
C LYS B 143 -21.18 12.18 -21.25
N ILE B 144 -20.89 10.99 -21.77
CA ILE B 144 -20.07 10.01 -21.06
C ILE B 144 -19.05 9.49 -22.05
N THR B 145 -18.04 8.80 -21.58
CA THR B 145 -16.98 8.30 -22.46
C THR B 145 -17.47 7.17 -23.36
N PHE B 146 -16.75 6.93 -24.46
CA PHE B 146 -17.02 5.76 -25.33
C PHE B 146 -16.97 4.51 -24.48
N ALA B 147 -15.97 4.43 -23.57
CA ALA B 147 -15.82 3.22 -22.77
C ALA B 147 -17.04 2.92 -21.93
N GLU B 148 -17.62 3.95 -21.34
CA GLU B 148 -18.82 3.78 -20.57
C GLU B 148 -20.06 3.40 -21.40
N LYS B 149 -20.20 3.97 -22.58
CA LYS B 149 -21.29 3.57 -23.48
C LYS B 149 -21.22 2.07 -23.77
N VAL B 150 -20.03 1.61 -24.09
CA VAL B 150 -19.83 0.24 -24.45
C VAL B 150 -20.09 -0.65 -23.27
N ALA B 151 -19.60 -0.29 -22.10
CA ALA B 151 -19.80 -1.10 -20.93
C ALA B 151 -21.31 -1.19 -20.64
N ASN B 152 -22.01 -0.06 -20.77
CA ASN B 152 -23.44 -0.01 -20.48
C ASN B 152 -24.22 -0.87 -21.43
N ALA B 153 -23.82 -0.85 -22.69
CA ALA B 153 -24.43 -1.69 -23.71
C ALA B 153 -24.18 -3.18 -23.45
N GLU B 154 -22.95 -3.50 -23.09
CA GLU B 154 -22.57 -4.90 -22.79
C GLU B 154 -23.25 -5.48 -21.59
N SER B 155 -23.50 -4.65 -20.59
CA SER B 155 -24.26 -5.12 -19.44
C SER B 155 -25.68 -5.52 -19.72
N LEU B 156 -26.20 -5.15 -20.88
CA LEU B 156 -27.52 -5.48 -21.27
C LEU B 156 -27.47 -6.42 -22.47
N ASN B 157 -26.29 -6.99 -22.70
CA ASN B 157 -26.14 -8.04 -23.72
C ASN B 157 -26.38 -7.54 -25.17
N ALA B 158 -26.08 -6.26 -25.44
CA ALA B 158 -25.94 -5.79 -26.83
C ALA B 158 -24.72 -6.47 -27.47
N ILE B 159 -24.74 -6.64 -28.79
CA ILE B 159 -23.68 -7.38 -29.48
C ILE B 159 -22.68 -6.50 -30.26
N GLY B 160 -22.95 -5.22 -30.35
CA GLY B 160 -22.07 -4.19 -30.99
C GLY B 160 -22.59 -2.78 -30.76
N VAL B 161 -21.74 -1.79 -30.99
CA VAL B 161 -22.05 -0.39 -30.75
C VAL B 161 -21.55 0.44 -31.93
N LEU B 162 -22.42 1.31 -32.44
CA LEU B 162 -22.07 2.31 -33.41
C LEU B 162 -22.19 3.65 -32.73
N ILE B 163 -21.21 4.53 -32.97
CA ILE B 163 -21.22 5.88 -32.36
C ILE B 163 -21.14 6.95 -33.46
N TYR B 164 -21.99 7.99 -33.38
CA TYR B 164 -22.01 9.04 -34.38
C TYR B 164 -22.20 10.41 -33.70
N MET B 165 -21.87 11.46 -34.46
CA MET B 165 -22.07 12.87 -34.03
C MET B 165 -23.31 13.47 -34.72
N ASP B 166 -24.42 13.64 -33.99
CA ASP B 166 -25.60 14.29 -34.52
C ASP B 166 -25.36 15.78 -34.76
N GLN B 167 -26.04 16.37 -35.74
CA GLN B 167 -25.89 17.76 -36.12
CA GLN B 167 -25.77 17.77 -36.07
C GLN B 167 -26.20 18.71 -34.95
N THR B 168 -27.25 18.37 -34.19
CA THR B 168 -27.72 19.29 -33.12
C THR B 168 -26.70 19.50 -32.00
N LYS B 169 -26.04 18.44 -31.61
CA LYS B 169 -25.03 18.57 -30.58
C LYS B 169 -23.67 18.92 -31.17
N PHE B 170 -23.44 18.48 -32.40
CA PHE B 170 -22.16 18.66 -33.12
C PHE B 170 -22.39 19.29 -34.49
N PRO B 171 -22.55 20.62 -34.50
CA PRO B 171 -22.98 21.27 -35.75
C PRO B 171 -21.78 21.44 -36.70
N ILE B 172 -21.60 20.46 -37.56
CA ILE B 172 -20.43 20.37 -38.41
C ILE B 172 -21.07 20.34 -39.79
N VAL B 173 -20.60 21.19 -40.69
CA VAL B 173 -21.17 21.23 -42.04
C VAL B 173 -20.96 19.90 -42.79
N ASN B 174 -19.77 19.39 -42.72
CA ASN B 174 -19.43 18.10 -43.37
C ASN B 174 -20.04 16.86 -42.65
N ALA B 175 -21.02 16.26 -43.30
CA ALA B 175 -21.73 15.11 -42.73
C ALA B 175 -20.97 13.79 -42.85
N GLU B 176 -19.92 13.78 -43.66
CA GLU B 176 -19.10 12.61 -43.92
C GLU B 176 -17.88 12.53 -43.00
N LEU B 177 -17.71 13.44 -42.06
CA LEU B 177 -16.50 13.50 -41.25
C LEU B 177 -16.37 12.20 -40.40
N SER B 178 -15.14 11.65 -40.39
CA SER B 178 -14.80 10.47 -39.57
C SER B 178 -14.30 10.91 -38.20
N PHE B 179 -14.26 9.98 -37.25
CA PHE B 179 -13.71 10.33 -35.95
C PHE B 179 -13.18 9.10 -35.18
N PHE B 180 -12.41 9.38 -34.14
CA PHE B 180 -11.65 8.41 -33.38
C PHE B 180 -11.88 8.59 -31.91
N GLY B 181 -11.90 7.45 -31.21
CA GLY B 181 -11.73 7.44 -29.78
C GLY B 181 -11.31 6.07 -29.29
N HIS B 182 -11.37 5.84 -27.98
CA HIS B 182 -11.07 4.53 -27.46
C HIS B 182 -12.09 4.11 -26.43
N ALA B 183 -12.18 2.81 -26.25
CA ALA B 183 -13.19 2.19 -25.37
C ALA B 183 -12.63 1.36 -24.23
N HIS B 184 -11.46 1.74 -23.72
CA HIS B 184 -10.92 1.08 -22.53
C HIS B 184 -11.50 1.80 -21.32
N LEU B 185 -12.14 1.04 -20.45
CA LEU B 185 -12.66 1.63 -19.18
C LEU B 185 -11.56 1.68 -18.12
N GLY B 186 -10.59 2.51 -18.37
CA GLY B 186 -9.41 2.61 -17.54
C GLY B 186 -8.40 3.49 -18.20
N THR B 187 -7.15 3.43 -17.70
CA THR B 187 -6.03 4.17 -18.33
C THR B 187 -4.87 3.14 -18.51
N GLY B 188 -3.86 3.57 -19.20
CA GLY B 188 -2.68 2.74 -19.36
C GLY B 188 -2.85 1.65 -20.38
N ASP B 189 -1.88 0.79 -20.47
CA ASP B 189 -1.87 -0.30 -21.42
C ASP B 189 -2.52 -1.51 -20.73
N PRO B 190 -3.67 -1.96 -21.24
CA PRO B 190 -4.35 -3.06 -20.56
C PRO B 190 -3.85 -4.43 -20.98
N TYR B 191 -2.99 -4.45 -22.00
CA TYR B 191 -2.60 -5.73 -22.63
C TYR B 191 -1.34 -6.38 -22.09
N THR B 192 -0.35 -5.60 -21.76
CA THR B 192 0.97 -6.18 -21.57
C THR B 192 1.07 -6.91 -20.22
N PRO B 193 1.47 -8.21 -20.25
CA PRO B 193 1.63 -8.88 -18.95
C PRO B 193 2.95 -8.49 -18.30
N GLY B 194 3.22 -9.08 -17.14
CA GLY B 194 4.45 -8.81 -16.38
C GLY B 194 5.56 -9.82 -16.66
N PHE B 195 5.40 -10.54 -17.78
CA PHE B 195 6.49 -11.33 -18.36
C PHE B 195 6.52 -11.20 -19.91
N PRO B 196 7.71 -11.39 -20.52
CA PRO B 196 7.79 -11.73 -21.96
C PRO B 196 7.22 -13.12 -22.33
N SER B 209 -10.10 -6.34 -17.50
CA SER B 209 -9.10 -5.26 -17.53
C SER B 209 -9.72 -3.93 -18.04
N GLY B 210 -11.08 -3.87 -18.05
CA GLY B 210 -11.89 -2.79 -18.68
C GLY B 210 -12.01 -2.85 -20.22
N LEU B 211 -11.76 -4.02 -20.81
CA LEU B 211 -11.82 -4.12 -22.28
C LEU B 211 -13.16 -4.58 -22.74
N PRO B 212 -13.61 -4.02 -23.85
CA PRO B 212 -14.85 -4.48 -24.49
C PRO B 212 -14.81 -5.89 -24.99
N ASN B 213 -15.91 -6.61 -24.88
CA ASN B 213 -16.06 -7.89 -25.50
C ASN B 213 -16.94 -7.89 -26.72
N ILE B 214 -17.24 -6.72 -27.26
CA ILE B 214 -18.09 -6.52 -28.43
C ILE B 214 -17.42 -5.50 -29.33
N PRO B 215 -17.71 -5.55 -30.62
CA PRO B 215 -17.18 -4.54 -31.55
C PRO B 215 -17.86 -3.20 -31.39
N VAL B 216 -17.08 -2.13 -31.58
CA VAL B 216 -17.57 -0.79 -31.43
C VAL B 216 -16.86 0.05 -32.47
N GLN B 217 -17.62 0.91 -33.12
CA GLN B 217 -17.16 1.61 -34.35
C GLN B 217 -17.82 3.01 -34.48
N THR B 218 -17.01 4.00 -34.82
CA THR B 218 -17.49 5.33 -35.15
C THR B 218 -17.94 5.38 -36.63
N ILE B 219 -19.04 6.09 -36.87
CA ILE B 219 -19.57 6.29 -38.21
C ILE B 219 -19.88 7.78 -38.41
N SER B 220 -19.89 8.19 -39.67
CA SER B 220 -20.21 9.57 -40.00
C SER B 220 -21.67 9.84 -39.74
N ARG B 221 -22.02 11.12 -39.69
CA ARG B 221 -23.44 11.50 -39.62
C ARG B 221 -24.24 11.06 -40.84
N ALA B 222 -23.64 11.19 -42.02
CA ALA B 222 -24.24 10.74 -43.24
C ALA B 222 -24.54 9.28 -43.19
N ALA B 223 -23.61 8.49 -42.68
CA ALA B 223 -23.84 7.05 -42.46
C ALA B 223 -24.98 6.79 -41.48
N ALA B 224 -25.02 7.52 -40.38
CA ALA B 224 -26.08 7.39 -39.42
C ALA B 224 -27.45 7.71 -40.06
N GLU B 225 -27.48 8.73 -40.90
CA GLU B 225 -28.70 9.10 -41.61
C GLU B 225 -29.18 8.06 -42.62
N LYS B 226 -28.26 7.40 -43.27
CA LYS B 226 -28.61 6.25 -44.11
C LYS B 226 -29.21 5.10 -43.29
N LEU B 227 -28.62 4.83 -42.12
CA LEU B 227 -29.23 3.88 -41.20
C LEU B 227 -30.64 4.27 -40.72
N PHE B 228 -30.82 5.53 -40.35
CA PHE B 228 -32.12 5.99 -39.92
C PHE B 228 -33.19 5.87 -41.00
N GLY B 229 -32.79 5.89 -42.27
CA GLY B 229 -33.69 5.68 -43.38
C GLY B 229 -34.15 4.23 -43.47
N ASN B 230 -33.56 3.34 -42.69
CA ASN B 230 -33.96 1.94 -42.59
C ASN B 230 -34.55 1.63 -41.21
N MET B 231 -34.97 2.67 -40.48
CA MET B 231 -35.43 2.52 -39.10
C MET B 231 -36.81 3.19 -38.90
N GLU B 232 -37.46 2.88 -37.79
CA GLU B 232 -38.84 3.26 -37.53
C GLU B 232 -38.87 3.86 -36.18
N GLY B 233 -39.77 4.81 -36.03
CA GLY B 233 -40.09 5.38 -34.73
C GLY B 233 -39.35 6.68 -34.49
N ASP B 234 -40.07 7.72 -34.16
CA ASP B 234 -39.41 8.98 -33.88
C ASP B 234 -38.66 8.90 -32.56
N CYS B 235 -37.58 9.67 -32.46
CA CYS B 235 -36.77 9.75 -31.24
C CYS B 235 -37.52 10.71 -30.32
N PRO B 236 -37.49 10.50 -29.01
CA PRO B 236 -38.17 11.44 -28.09
C PRO B 236 -37.66 12.88 -28.22
N SER B 237 -38.55 13.85 -28.12
CA SER B 237 -38.12 15.28 -28.24
C SER B 237 -37.21 15.75 -27.17
N ASP B 238 -37.28 15.13 -25.99
CA ASP B 238 -36.37 15.48 -24.92
C ASP B 238 -34.91 15.03 -25.16
N TRP B 239 -34.66 14.17 -26.15
CA TRP B 239 -33.28 13.92 -26.58
C TRP B 239 -32.65 15.14 -27.26
N LYS B 240 -33.48 16.04 -27.78
CA LYS B 240 -32.97 17.26 -28.46
C LYS B 240 -31.97 16.92 -29.56
N THR B 241 -32.38 15.99 -30.42
CA THR B 241 -31.54 15.57 -31.53
C THR B 241 -32.24 15.85 -32.86
N ASP B 242 -31.55 15.53 -33.94
CA ASP B 242 -31.96 15.88 -35.31
C ASP B 242 -33.34 15.25 -35.58
N SER B 243 -34.02 15.80 -36.57
CA SER B 243 -35.34 15.29 -36.90
C SER B 243 -35.27 13.96 -37.68
N THR B 244 -34.11 13.65 -38.22
CA THR B 244 -33.89 12.44 -39.00
C THR B 244 -33.69 11.19 -38.12
N CYS B 245 -33.35 11.41 -36.85
CA CYS B 245 -33.10 10.29 -35.88
C CYS B 245 -34.33 9.34 -35.85
N ARG B 246 -34.07 8.04 -35.83
CA ARG B 246 -35.10 7.03 -35.69
C ARG B 246 -34.63 5.97 -34.67
N MET B 247 -35.53 5.09 -34.24
CA MET B 247 -35.30 4.31 -33.02
C MET B 247 -34.90 2.86 -33.21
N VAL B 248 -35.53 2.16 -34.13
CA VAL B 248 -35.28 0.73 -34.34
C VAL B 248 -35.33 0.39 -35.81
N THR B 249 -34.47 -0.53 -36.26
CA THR B 249 -34.60 -1.08 -37.61
C THR B 249 -36.00 -1.64 -37.89
N SER B 250 -36.49 -1.38 -39.09
CA SER B 250 -37.65 -2.11 -39.59
C SER B 250 -37.46 -3.63 -39.45
N GLU B 251 -38.57 -4.37 -39.46
CA GLU B 251 -38.50 -5.84 -39.32
C GLU B 251 -37.69 -6.44 -40.47
N SER B 252 -37.80 -5.88 -41.66
CA SER B 252 -37.17 -6.51 -42.84
C SER B 252 -35.64 -6.22 -42.92
N LYS B 253 -35.12 -5.36 -42.04
CA LYS B 253 -33.71 -4.85 -42.16
C LYS B 253 -32.87 -5.26 -40.93
N ASN B 254 -31.63 -5.62 -41.17
CA ASN B 254 -30.63 -5.78 -40.09
C ASN B 254 -29.35 -5.10 -40.49
N VAL B 255 -28.48 -4.88 -39.53
CA VAL B 255 -27.24 -4.19 -39.76
C VAL B 255 -26.14 -5.18 -39.47
N LYS B 256 -25.12 -5.20 -40.35
CA LYS B 256 -23.90 -6.02 -40.13
C LYS B 256 -22.70 -5.09 -39.87
N LEU B 257 -22.06 -5.23 -38.71
CA LEU B 257 -20.89 -4.44 -38.37
C LEU B 257 -19.67 -5.36 -38.41
N THR B 258 -18.61 -4.94 -39.11
CA THR B 258 -17.39 -5.74 -39.21
C THR B 258 -16.24 -4.87 -38.76
N VAL B 259 -15.59 -5.28 -37.67
CA VAL B 259 -14.40 -4.56 -37.14
C VAL B 259 -13.22 -5.48 -37.16
N SER B 260 -12.11 -5.07 -37.80
CA SER B 260 -10.92 -5.95 -37.89
C SER B 260 -9.67 -5.32 -37.32
N ASN B 261 -9.82 -4.39 -36.44
CA ASN B 261 -8.67 -3.70 -35.78
C ASN B 261 -7.69 -4.75 -35.26
N VAL B 262 -6.39 -4.43 -35.28
CA VAL B 262 -5.30 -5.27 -34.82
C VAL B 262 -4.40 -4.56 -33.80
N LEU B 263 -3.69 -5.35 -33.01
CA LEU B 263 -2.76 -4.84 -31.97
C LEU B 263 -1.43 -4.61 -32.59
N LYS B 264 -0.76 -3.56 -32.15
CA LYS B 264 0.55 -3.23 -32.65
C LYS B 264 1.38 -2.75 -31.44
N GLU B 265 2.60 -3.25 -31.35
CA GLU B 265 3.57 -2.74 -30.37
C GLU B 265 4.19 -1.43 -30.86
N ILE B 266 4.16 -0.38 -30.03
CA ILE B 266 4.83 0.83 -30.41
C ILE B 266 5.79 1.27 -29.32
N LYS B 267 6.75 2.11 -29.67
CA LYS B 267 7.61 2.78 -28.71
C LYS B 267 7.05 4.16 -28.48
N ILE B 268 6.83 4.57 -27.24
CA ILE B 268 6.42 5.93 -26.99
C ILE B 268 7.42 6.63 -26.09
N LEU B 269 7.48 7.95 -26.25
CA LEU B 269 8.44 8.78 -25.56
C LEU B 269 7.69 9.84 -24.81
N ASN B 270 7.85 9.85 -23.49
CA ASN B 270 7.54 11.02 -22.69
C ASN B 270 8.80 11.87 -22.55
N ILE B 271 8.64 13.18 -22.81
CA ILE B 271 9.74 14.12 -22.74
C ILE B 271 9.58 15.01 -21.53
N PHE B 272 10.64 15.06 -20.71
CA PHE B 272 10.63 15.74 -19.42
C PHE B 272 11.71 16.83 -19.39
N GLY B 273 11.40 17.90 -18.68
CA GLY B 273 12.35 18.90 -18.27
C GLY B 273 12.07 19.40 -16.87
N VAL B 274 13.12 19.74 -16.13
CA VAL B 274 12.95 20.23 -14.79
C VAL B 274 13.72 21.53 -14.58
N ILE B 275 13.12 22.40 -13.78
CA ILE B 275 13.76 23.55 -13.15
C ILE B 275 13.90 23.17 -11.69
N LYS B 276 15.14 23.00 -11.27
CA LYS B 276 15.39 22.48 -9.90
C LYS B 276 15.11 23.52 -8.84
N GLY B 277 14.42 23.09 -7.78
CA GLY B 277 14.20 23.94 -6.63
C GLY B 277 15.46 24.34 -5.89
N PHE B 278 15.43 25.52 -5.25
CA PHE B 278 16.57 26.04 -4.57
C PHE B 278 16.76 25.52 -3.15
N VAL B 279 15.73 24.98 -2.55
CA VAL B 279 15.71 24.59 -1.14
C VAL B 279 15.36 23.08 -1.02
N GLU B 280 14.28 22.66 -1.66
CA GLU B 280 13.74 21.28 -1.63
C GLU B 280 13.59 20.80 -3.04
N PRO B 281 14.71 20.57 -3.78
CA PRO B 281 14.58 20.16 -5.16
C PRO B 281 13.95 18.80 -5.32
N ASP B 282 13.96 18.00 -4.26
CA ASP B 282 13.41 16.65 -4.32
C ASP B 282 11.88 16.56 -4.27
N HIS B 283 11.20 17.72 -4.13
CA HIS B 283 9.75 17.82 -4.16
C HIS B 283 9.40 18.63 -5.40
N TYR B 284 8.42 18.18 -6.15
CA TYR B 284 8.09 18.80 -7.43
C TYR B 284 6.62 18.98 -7.66
N VAL B 285 6.28 20.09 -8.33
CA VAL B 285 5.03 20.18 -9.09
C VAL B 285 5.28 19.73 -10.50
N VAL B 286 4.37 18.93 -11.03
CA VAL B 286 4.48 18.42 -12.38
C VAL B 286 3.37 19.03 -13.27
N VAL B 287 3.78 19.63 -14.37
CA VAL B 287 2.93 20.26 -15.37
C VAL B 287 3.00 19.47 -16.66
N GLY B 288 1.84 18.99 -17.15
CA GLY B 288 1.83 18.05 -18.23
C GLY B 288 0.87 18.39 -19.36
N ALA B 289 1.15 17.84 -20.52
CA ALA B 289 0.30 17.95 -21.71
C ALA B 289 0.51 16.80 -22.65
N GLN B 290 -0.60 16.33 -23.20
CA GLN B 290 -0.64 15.32 -24.28
C GLN B 290 -0.07 15.88 -25.61
N ARG B 291 0.82 15.11 -26.23
CA ARG B 291 1.44 15.49 -27.46
C ARG B 291 0.82 14.78 -28.68
N ASP B 292 0.37 13.54 -28.49
CA ASP B 292 -0.09 12.71 -29.61
C ASP B 292 -1.55 13.08 -29.97
N ALA B 293 -1.96 12.72 -31.21
CA ALA B 293 -3.37 12.77 -31.58
C ALA B 293 -3.57 11.97 -32.84
N TRP B 294 -4.72 11.33 -32.93
CA TRP B 294 -5.27 10.89 -34.25
C TRP B 294 -5.68 12.15 -35.00
N GLY B 295 -5.20 12.29 -36.23
CA GLY B 295 -5.46 13.51 -37.02
C GLY B 295 -4.57 14.65 -36.50
N PRO B 296 -4.94 15.89 -36.81
CA PRO B 296 -4.04 17.04 -36.50
C PRO B 296 -4.05 17.54 -35.06
N GLY B 297 -5.11 17.26 -34.33
CA GLY B 297 -5.13 17.48 -32.90
C GLY B 297 -4.80 18.88 -32.39
N ALA B 298 -5.19 19.91 -33.11
CA ALA B 298 -4.90 21.30 -32.65
C ALA B 298 -5.40 21.63 -31.24
N ALA B 299 -6.70 21.50 -31.00
CA ALA B 299 -7.25 21.73 -29.68
C ALA B 299 -6.91 20.60 -28.74
N LYS B 300 -6.83 19.40 -29.25
CA LYS B 300 -6.69 18.20 -28.38
C LYS B 300 -5.28 18.17 -27.76
N SER B 301 -4.29 18.49 -28.58
CA SER B 301 -2.88 18.35 -28.18
C SER B 301 -2.04 19.57 -28.43
N GLY B 302 -2.32 20.28 -29.52
CA GLY B 302 -1.51 21.42 -29.87
C GLY B 302 -1.52 22.56 -28.90
N VAL B 303 -2.70 22.93 -28.41
CA VAL B 303 -2.81 24.01 -27.45
C VAL B 303 -2.04 23.68 -26.14
N GLY B 304 -2.28 22.49 -25.56
CA GLY B 304 -1.58 22.10 -24.34
C GLY B 304 -0.08 22.08 -24.52
N THR B 305 0.36 21.49 -25.64
CA THR B 305 1.79 21.41 -25.93
C THR B 305 2.42 22.81 -26.07
N ALA B 306 1.72 23.74 -26.77
CA ALA B 306 2.12 25.16 -26.85
C ALA B 306 2.22 25.84 -25.46
N LEU B 307 1.20 25.63 -24.62
CA LEU B 307 1.23 26.14 -23.27
C LEU B 307 2.42 25.58 -22.49
N LEU B 308 2.70 24.30 -22.67
CA LEU B 308 3.78 23.66 -21.95
C LEU B 308 5.13 24.26 -22.30
N LEU B 309 5.33 24.46 -23.61
CA LEU B 309 6.53 25.06 -24.14
C LEU B 309 6.71 26.49 -23.66
N LYS B 310 5.65 27.28 -23.75
CA LYS B 310 5.73 28.67 -23.36
C LYS B 310 5.91 28.84 -21.85
N LEU B 311 5.26 28.02 -21.03
CA LEU B 311 5.51 28.01 -19.59
C LEU B 311 6.92 27.61 -19.22
N ALA B 312 7.47 26.57 -19.84
CA ALA B 312 8.86 26.20 -19.57
C ALA B 312 9.82 27.31 -19.92
N GLN B 313 9.63 27.92 -21.09
CA GLN B 313 10.46 29.06 -21.50
C GLN B 313 10.35 30.22 -20.54
N MET B 314 9.13 30.59 -20.19
CA MET B 314 8.94 31.75 -19.33
C MET B 314 9.54 31.51 -17.94
N PHE B 315 9.24 30.35 -17.35
CA PHE B 315 9.74 30.07 -16.03
C PHE B 315 11.24 29.97 -16.00
N SER B 316 11.82 29.36 -17.02
CA SER B 316 13.27 29.31 -17.08
C SER B 316 13.95 30.70 -17.17
N ASP B 317 13.39 31.56 -18.02
CA ASP B 317 13.77 32.98 -18.09
C ASP B 317 13.67 33.62 -16.71
N MET B 318 12.55 33.39 -16.00
CA MET B 318 12.33 34.07 -14.71
C MET B 318 13.39 33.72 -13.67
N VAL B 319 13.85 32.48 -13.75
CA VAL B 319 14.90 31.98 -12.83
C VAL B 319 16.25 32.49 -13.26
N LEU B 320 16.51 32.41 -14.56
CA LEU B 320 17.87 32.77 -15.03
C LEU B 320 18.09 34.26 -15.13
N LYS B 321 17.05 35.05 -15.41
CA LYS B 321 17.23 36.48 -15.58
C LYS B 321 16.55 37.35 -14.53
N ASP B 322 15.46 36.87 -13.94
CA ASP B 322 14.62 37.76 -13.14
C ASP B 322 14.68 37.48 -11.62
N GLY B 323 15.57 36.59 -11.20
CA GLY B 323 15.77 36.34 -9.80
C GLY B 323 14.76 35.40 -9.13
N PHE B 324 13.85 34.77 -9.88
CA PHE B 324 12.93 33.80 -9.30
C PHE B 324 13.70 32.60 -8.72
N GLN B 325 13.49 32.32 -7.44
CA GLN B 325 14.13 31.19 -6.79
C GLN B 325 13.08 30.19 -6.22
N PRO B 326 12.38 29.47 -7.08
CA PRO B 326 11.38 28.47 -6.57
C PRO B 326 12.00 27.56 -5.48
N SER B 327 11.34 27.39 -4.34
CA SER B 327 11.83 26.51 -3.24
C SER B 327 11.83 25.03 -3.73
N ARG B 328 10.83 24.71 -4.50
CA ARG B 328 10.62 23.34 -4.99
C ARG B 328 10.74 23.27 -6.51
N SER B 329 11.03 22.08 -7.03
CA SER B 329 11.17 21.87 -8.43
C SER B 329 9.87 21.96 -9.23
N ILE B 330 10.06 22.31 -10.48
CA ILE B 330 8.99 22.33 -11.49
C ILE B 330 9.36 21.42 -12.62
N ILE B 331 8.56 20.38 -12.82
CA ILE B 331 8.73 19.47 -13.95
C ILE B 331 7.71 19.73 -15.03
N PHE B 332 8.19 19.78 -16.27
CA PHE B 332 7.33 19.87 -17.51
C PHE B 332 7.38 18.52 -18.24
N ALA B 333 6.21 17.95 -18.51
CA ALA B 333 6.10 16.62 -19.10
C ALA B 333 5.25 16.64 -20.37
N SER B 334 5.85 16.28 -21.48
CA SER B 334 5.13 16.05 -22.72
C SER B 334 4.85 14.57 -22.96
N TRP B 335 3.60 14.17 -22.74
CA TRP B 335 3.19 12.75 -22.70
C TRP B 335 2.84 12.23 -24.10
N SER B 336 3.11 10.97 -24.37
CA SER B 336 2.51 10.34 -25.53
C SER B 336 1.40 9.36 -25.15
N ALA B 337 0.74 8.86 -26.19
CA ALA B 337 -0.41 7.93 -26.13
C ALA B 337 -1.51 8.36 -25.14
N GLY B 338 -1.71 9.66 -25.06
CA GLY B 338 -2.83 10.24 -24.32
C GLY B 338 -4.20 9.90 -24.94
N ASP B 339 -4.23 9.80 -26.25
CA ASP B 339 -5.44 9.49 -26.98
C ASP B 339 -5.97 8.11 -26.74
N PHE B 340 -5.10 7.22 -26.28
CA PHE B 340 -5.43 5.86 -25.95
C PHE B 340 -5.78 5.64 -24.50
N GLY B 341 -5.90 6.70 -23.72
CA GLY B 341 -6.26 6.60 -22.30
C GLY B 341 -5.11 6.98 -21.36
N SER B 342 -4.52 8.14 -21.61
CA SER B 342 -3.38 8.59 -20.79
C SER B 342 -2.35 7.53 -20.59
N VAL B 343 -1.98 6.83 -21.65
CA VAL B 343 -1.14 5.69 -21.54
C VAL B 343 0.31 6.06 -21.10
N GLY B 344 0.90 7.07 -21.74
CA GLY B 344 2.24 7.49 -21.42
C GLY B 344 2.41 8.01 -20.01
N ALA B 345 1.39 8.70 -19.52
CA ALA B 345 1.43 9.26 -18.17
C ALA B 345 1.22 8.12 -17.18
N THR B 346 0.28 7.24 -17.52
CA THR B 346 0.03 6.06 -16.66
C THR B 346 1.22 5.13 -16.50
N GLU B 347 1.90 4.84 -17.58
CA GLU B 347 3.09 4.01 -17.53
C GLU B 347 4.15 4.63 -16.60
N TRP B 348 4.30 5.94 -16.69
CA TRP B 348 5.26 6.67 -15.81
C TRP B 348 4.88 6.55 -14.33
N LEU B 349 3.62 6.82 -14.00
CA LEU B 349 3.03 6.61 -12.67
C LEU B 349 3.26 5.25 -12.13
N GLU B 350 3.07 4.26 -12.97
CA GLU B 350 3.21 2.88 -12.52
C GLU B 350 4.61 2.46 -12.11
N GLY B 351 5.60 3.13 -12.68
CA GLY B 351 6.99 2.89 -12.33
C GLY B 351 7.34 3.31 -10.89
N TYR B 352 6.49 4.13 -10.27
CA TYR B 352 6.75 4.69 -8.93
C TYR B 352 5.55 4.41 -8.02
N LEU B 353 4.92 3.26 -8.24
CA LEU B 353 3.87 2.77 -7.35
C LEU B 353 4.40 2.79 -5.90
N SER B 354 3.60 3.44 -5.07
CA SER B 354 3.77 3.55 -3.64
C SER B 354 4.68 4.69 -3.24
N SER B 355 5.45 5.24 -4.18
CA SER B 355 6.47 6.25 -3.73
C SER B 355 6.37 7.65 -4.41
N LEU B 356 5.62 7.76 -5.49
CA LEU B 356 5.65 8.99 -6.25
C LEU B 356 5.12 10.17 -5.43
N HIS B 357 4.09 9.92 -4.62
CA HIS B 357 3.50 10.95 -3.76
C HIS B 357 4.47 11.52 -2.69
N LEU B 358 5.60 10.87 -2.50
CA LEU B 358 6.64 11.39 -1.62
C LEU B 358 7.54 12.42 -2.32
N LYS B 359 7.38 12.59 -3.63
CA LYS B 359 8.22 13.45 -4.46
C LYS B 359 7.38 14.48 -5.18
N ALA B 360 6.39 14.04 -5.96
CA ALA B 360 5.47 14.94 -6.63
C ALA B 360 4.28 15.28 -5.76
N PHE B 361 4.06 16.58 -5.51
CA PHE B 361 3.05 17.01 -4.60
C PHE B 361 1.83 17.57 -5.27
N THR B 362 1.90 17.81 -6.59
CA THR B 362 0.72 18.30 -7.34
C THR B 362 0.99 18.09 -8.80
N TYR B 363 -0.06 17.79 -9.53
CA TYR B 363 -0.05 17.66 -11.01
C TYR B 363 -1.02 18.66 -11.64
N ILE B 364 -0.53 19.40 -12.65
CA ILE B 364 -1.34 20.37 -13.35
C ILE B 364 -1.45 19.98 -14.83
N ASN B 365 -2.67 19.64 -15.26
CA ASN B 365 -2.83 19.19 -16.62
C ASN B 365 -3.10 20.41 -17.49
N LEU B 366 -2.55 20.43 -18.68
CA LEU B 366 -2.81 21.54 -19.63
C LEU B 366 -3.68 21.20 -20.85
N ASP B 367 -4.13 19.97 -20.95
CA ASP B 367 -4.85 19.49 -22.14
C ASP B 367 -6.20 20.20 -22.25
N LYS B 368 -6.57 20.57 -23.48
CA LYS B 368 -7.86 21.08 -23.80
C LYS B 368 -8.18 22.26 -22.92
N ALA B 369 -7.16 23.08 -22.68
CA ALA B 369 -7.36 24.28 -21.85
C ALA B 369 -8.06 25.43 -22.55
N VAL B 370 -8.10 25.36 -23.88
CA VAL B 370 -8.74 26.39 -24.66
C VAL B 370 -9.70 25.81 -25.70
N LEU B 371 -10.99 25.84 -25.37
CA LEU B 371 -12.02 25.31 -26.27
C LEU B 371 -13.08 26.35 -26.62
N GLY B 372 -12.96 27.55 -26.05
CA GLY B 372 -13.96 28.59 -26.20
C GLY B 372 -13.63 29.73 -25.25
N THR B 373 -14.59 30.62 -25.08
CA THR B 373 -14.39 31.82 -24.26
C THR B 373 -15.44 32.02 -23.18
N SER B 374 -16.58 31.36 -23.25
CA SER B 374 -17.68 31.76 -22.38
C SER B 374 -17.38 31.45 -20.91
N ASN B 375 -16.95 30.23 -20.61
CA ASN B 375 -16.93 29.72 -19.21
C ASN B 375 -15.47 29.43 -18.80
N PHE B 376 -15.13 29.54 -17.51
CA PHE B 376 -13.92 28.99 -16.96
C PHE B 376 -14.37 27.84 -16.06
N LYS B 377 -13.90 26.63 -16.34
CA LYS B 377 -14.24 25.44 -15.55
C LYS B 377 -13.01 24.83 -14.94
N VAL B 378 -13.16 24.24 -13.78
CA VAL B 378 -12.06 23.62 -13.10
C VAL B 378 -12.52 22.37 -12.37
N SER B 379 -11.69 21.35 -12.44
CA SER B 379 -11.89 20.12 -11.67
C SER B 379 -10.59 19.78 -10.97
N ALA B 380 -10.65 19.39 -9.70
CA ALA B 380 -9.41 19.20 -8.96
C ALA B 380 -9.70 18.45 -7.67
N SER B 381 -8.63 17.88 -7.12
CA SER B 381 -8.62 17.53 -5.66
C SER B 381 -9.03 18.74 -4.82
N PRO B 382 -9.86 18.52 -3.80
CA PRO B 382 -10.12 19.58 -2.82
C PRO B 382 -8.89 20.15 -2.15
N LEU B 383 -7.78 19.44 -2.12
CA LEU B 383 -6.56 20.06 -1.57
C LEU B 383 -6.11 21.30 -2.37
N LEU B 384 -6.47 21.36 -3.64
CA LEU B 384 -6.15 22.52 -4.47
C LEU B 384 -7.20 23.65 -4.50
N TYR B 385 -8.29 23.53 -3.76
CA TYR B 385 -9.39 24.50 -3.91
C TYR B 385 -9.02 25.89 -3.47
N THR B 386 -8.27 26.05 -2.39
CA THR B 386 -7.84 27.39 -2.01
C THR B 386 -6.90 28.03 -3.00
N LEU B 387 -5.98 27.26 -3.51
CA LEU B 387 -5.08 27.75 -4.59
C LEU B 387 -5.86 28.20 -5.83
N ILE B 388 -6.86 27.42 -6.23
CA ILE B 388 -7.70 27.81 -7.34
C ILE B 388 -8.50 29.08 -7.09
N GLU B 389 -9.07 29.19 -5.88
CA GLU B 389 -9.82 30.36 -5.49
C GLU B 389 -8.94 31.64 -5.55
N LYS B 390 -7.75 31.57 -4.95
CA LYS B 390 -6.86 32.71 -4.93
C LYS B 390 -6.42 33.11 -6.34
N THR B 391 -6.23 32.13 -7.20
CA THR B 391 -5.80 32.37 -8.56
C THR B 391 -6.93 33.04 -9.35
N MET B 392 -8.16 32.56 -9.15
CA MET B 392 -9.32 33.21 -9.77
C MET B 392 -9.51 34.65 -9.35
N GLN B 393 -9.06 34.98 -8.14
CA GLN B 393 -9.10 36.34 -7.63
C GLN B 393 -8.09 37.24 -8.37
N ASN B 394 -7.13 36.63 -9.04
CA ASN B 394 -5.98 37.38 -9.56
C ASN B 394 -5.79 37.19 -11.05
N VAL B 395 -6.73 36.54 -11.75
CA VAL B 395 -6.64 36.42 -13.19
C VAL B 395 -7.96 36.95 -13.80
N LYS B 396 -7.87 37.72 -14.87
CA LYS B 396 -9.04 38.24 -15.55
C LYS B 396 -9.48 37.35 -16.70
N HIS B 397 -10.79 37.29 -16.84
CA HIS B 397 -11.39 36.67 -17.98
C HIS B 397 -10.91 37.33 -19.27
N PRO B 398 -10.50 36.53 -20.25
CA PRO B 398 -9.84 37.12 -21.42
C PRO B 398 -10.75 37.87 -22.37
N VAL B 399 -12.06 37.84 -22.15
CA VAL B 399 -12.96 38.62 -22.96
C VAL B 399 -13.58 39.74 -22.11
N THR B 400 -14.12 39.44 -20.95
CA THR B 400 -14.87 40.46 -20.24
C THR B 400 -14.00 41.39 -19.43
N GLY B 401 -12.79 40.97 -19.11
CA GLY B 401 -11.95 41.78 -18.23
C GLY B 401 -12.26 41.65 -16.73
N GLN B 402 -13.26 40.84 -16.37
CA GLN B 402 -13.64 40.70 -14.96
C GLN B 402 -12.78 39.61 -14.34
N PHE B 403 -12.44 39.76 -13.08
CA PHE B 403 -11.74 38.67 -12.43
C PHE B 403 -12.58 37.41 -12.42
N LEU B 404 -11.91 36.28 -12.46
CA LEU B 404 -12.62 35.02 -12.54
C LEU B 404 -13.45 34.65 -11.29
N TYR B 405 -13.06 35.11 -10.11
CA TYR B 405 -13.78 34.81 -8.89
C TYR B 405 -15.05 35.63 -8.72
N GLN B 406 -16.13 35.17 -9.32
CA GLN B 406 -17.40 35.90 -9.20
C GLN B 406 -18.45 35.05 -8.52
N ASP B 407 -18.07 33.88 -8.03
CA ASP B 407 -18.98 33.05 -7.21
C ASP B 407 -18.30 32.50 -5.99
N SER B 408 -18.65 33.02 -4.84
CA SER B 408 -17.98 32.57 -3.63
C SER B 408 -18.31 31.13 -3.23
N ASN B 409 -19.37 30.58 -3.80
CA ASN B 409 -19.81 29.19 -3.56
C ASN B 409 -19.40 28.27 -4.66
N TRP B 410 -18.38 28.68 -5.40
CA TRP B 410 -17.92 27.85 -6.51
C TRP B 410 -17.53 26.45 -6.12
N ALA B 411 -16.94 26.25 -4.94
CA ALA B 411 -16.26 24.98 -4.67
C ALA B 411 -17.32 23.90 -4.48
N SER B 412 -18.50 24.29 -4.05
CA SER B 412 -19.59 23.31 -3.85
C SER B 412 -20.20 22.84 -5.17
N LYS B 413 -19.77 23.38 -6.29
CA LYS B 413 -20.34 23.07 -7.60
C LYS B 413 -19.37 22.29 -8.48
N VAL B 414 -18.14 22.05 -8.03
CA VAL B 414 -17.11 21.47 -8.88
C VAL B 414 -17.48 20.03 -9.21
N GLU B 415 -17.22 19.58 -10.42
CA GLU B 415 -17.40 18.17 -10.80
C GLU B 415 -16.12 17.42 -10.70
N LYS B 416 -16.17 16.17 -10.26
CA LYS B 416 -14.91 15.39 -10.11
C LYS B 416 -14.26 15.10 -11.44
N LEU B 417 -12.96 14.82 -11.40
CA LEU B 417 -12.23 14.43 -12.61
C LEU B 417 -12.76 13.13 -13.17
N THR B 418 -12.80 13.04 -14.50
CA THR B 418 -13.30 11.80 -15.18
C THR B 418 -12.15 11.01 -15.80
N LEU B 419 -12.43 9.76 -16.17
CA LEU B 419 -11.45 8.84 -16.65
C LEU B 419 -10.73 9.26 -17.93
N ASP B 420 -11.32 10.13 -18.71
CA ASP B 420 -10.63 10.57 -19.93
C ASP B 420 -9.70 11.75 -19.71
N ASN B 421 -9.63 12.25 -18.49
CA ASN B 421 -8.74 13.42 -18.21
C ASN B 421 -7.43 12.90 -17.65
N ALA B 422 -6.31 13.37 -18.15
CA ALA B 422 -5.04 12.90 -17.72
C ALA B 422 -4.68 13.22 -16.27
N ALA B 423 -5.40 14.16 -15.66
CA ALA B 423 -5.22 14.39 -14.24
C ALA B 423 -5.81 13.29 -13.36
N PHE B 424 -6.72 12.51 -13.93
CA PHE B 424 -7.44 11.48 -13.15
C PHE B 424 -6.50 10.45 -12.54
N PRO B 425 -5.61 9.83 -13.32
CA PRO B 425 -4.79 8.79 -12.69
C PRO B 425 -3.82 9.36 -11.71
N PHE B 426 -3.39 10.63 -11.90
CA PHE B 426 -2.49 11.19 -10.88
C PHE B 426 -3.18 11.17 -9.50
N LEU B 427 -4.41 11.62 -9.47
CA LEU B 427 -5.16 11.70 -8.21
C LEU B 427 -5.63 10.35 -7.73
N ALA B 428 -6.32 9.63 -8.60
CA ALA B 428 -7.05 8.46 -8.18
C ALA B 428 -6.20 7.16 -8.10
N TYR B 429 -5.09 7.09 -8.84
CA TYR B 429 -4.19 5.94 -8.81
C TYR B 429 -2.96 6.21 -7.94
N SER B 430 -2.36 7.39 -8.07
CA SER B 430 -1.09 7.71 -7.36
C SER B 430 -1.26 8.54 -6.08
N GLY B 431 -2.42 9.12 -5.89
CA GLY B 431 -2.69 9.88 -4.69
C GLY B 431 -1.92 11.21 -4.69
N ILE B 432 -1.83 11.83 -5.87
CA ILE B 432 -1.21 13.17 -6.05
C ILE B 432 -2.32 14.15 -6.38
N PRO B 433 -2.47 15.21 -5.58
CA PRO B 433 -3.45 16.22 -5.90
C PRO B 433 -3.27 16.74 -7.31
N ALA B 434 -4.35 16.85 -8.05
CA ALA B 434 -4.29 17.19 -9.46
C ALA B 434 -5.40 18.13 -9.83
N VAL B 435 -5.16 18.94 -10.87
CA VAL B 435 -6.09 19.92 -11.36
C VAL B 435 -6.09 19.97 -12.90
N SER B 436 -7.28 20.12 -13.44
CA SER B 436 -7.51 20.38 -14.88
C SER B 436 -8.43 21.56 -15.01
N PHE B 437 -8.23 22.40 -16.03
CA PHE B 437 -9.07 23.57 -16.14
C PHE B 437 -9.19 23.91 -17.62
N CYS B 438 -10.18 24.73 -17.93
CA CYS B 438 -10.36 25.17 -19.35
C CYS B 438 -11.18 26.44 -19.48
N PHE B 439 -10.91 27.19 -20.52
CA PHE B 439 -11.90 28.11 -21.01
C PHE B 439 -12.66 27.35 -22.06
N CYS B 440 -13.97 27.36 -21.93
CA CYS B 440 -14.81 26.50 -22.77
C CYS B 440 -16.21 27.07 -22.97
N GLU B 441 -17.01 26.36 -23.77
CA GLU B 441 -18.42 26.65 -23.90
C GLU B 441 -19.27 25.63 -23.14
N ASP B 442 -20.60 25.81 -23.18
CA ASP B 442 -21.55 24.74 -22.76
C ASP B 442 -21.63 23.58 -23.72
N THR B 443 -21.40 23.86 -24.99
CA THR B 443 -21.34 22.82 -26.01
C THR B 443 -19.95 22.22 -26.08
N ASP B 444 -19.88 20.96 -26.48
CA ASP B 444 -18.59 20.33 -26.67
C ASP B 444 -17.85 20.98 -27.88
N TYR B 445 -16.52 20.93 -27.88
CA TYR B 445 -15.77 21.38 -29.07
C TYR B 445 -15.94 20.29 -30.14
N PRO B 446 -16.50 20.67 -31.29
CA PRO B 446 -17.06 19.62 -32.16
C PRO B 446 -16.02 18.81 -32.92
N TYR B 447 -14.80 19.33 -33.03
CA TYR B 447 -13.78 18.71 -33.90
C TYR B 447 -12.78 17.82 -33.23
N LEU B 448 -12.90 17.63 -31.92
CA LEU B 448 -12.04 16.73 -31.22
C LEU B 448 -12.17 15.33 -31.75
N GLY B 449 -11.03 14.70 -31.99
CA GLY B 449 -11.02 13.36 -32.55
C GLY B 449 -11.29 13.26 -34.01
N THR B 450 -11.19 14.37 -34.73
CA THR B 450 -11.46 14.38 -36.18
C THR B 450 -10.32 14.99 -36.98
N THR B 451 -10.39 14.89 -38.31
CA THR B 451 -9.43 15.61 -39.17
C THR B 451 -9.66 17.09 -39.28
N MET B 452 -10.74 17.62 -38.69
CA MET B 452 -10.98 19.04 -38.70
C MET B 452 -10.45 19.77 -37.48
N ASP B 453 -9.78 19.07 -36.57
CA ASP B 453 -9.21 19.72 -35.38
C ASP B 453 -7.89 20.42 -35.74
N THR B 454 -8.05 21.48 -36.52
CA THR B 454 -6.92 22.22 -37.09
C THR B 454 -6.78 23.59 -36.47
N TYR B 455 -5.61 24.18 -36.69
CA TYR B 455 -5.39 25.58 -36.28
C TYR B 455 -6.38 26.52 -36.98
N LYS B 456 -6.58 26.30 -38.28
CA LYS B 456 -7.54 27.10 -39.05
C LYS B 456 -8.93 27.12 -38.40
N GLU B 457 -9.44 25.96 -37.97
CA GLU B 457 -10.80 25.88 -37.37
C GLU B 457 -10.78 26.53 -36.01
N LEU B 458 -9.69 26.37 -35.26
CA LEU B 458 -9.58 26.87 -33.91
C LEU B 458 -9.59 28.41 -33.88
N ILE B 459 -8.80 29.00 -34.76
CA ILE B 459 -8.69 30.47 -34.84
C ILE B 459 -9.97 31.08 -35.43
N GLU B 460 -10.64 30.34 -36.33
CA GLU B 460 -11.93 30.82 -36.85
C GLU B 460 -12.96 30.89 -35.69
N ARG B 461 -13.01 29.86 -34.86
CA ARG B 461 -13.98 29.80 -33.77
C ARG B 461 -13.60 30.73 -32.62
N ILE B 462 -12.30 30.88 -32.37
CA ILE B 462 -11.84 31.75 -31.27
C ILE B 462 -10.81 32.77 -31.79
N PRO B 463 -11.27 33.86 -32.39
CA PRO B 463 -10.32 34.75 -33.05
C PRO B 463 -9.40 35.45 -32.04
N GLU B 464 -9.82 35.53 -30.78
CA GLU B 464 -8.92 35.94 -29.65
C GLU B 464 -8.14 34.79 -28.99
N LEU B 465 -7.80 33.76 -29.77
CA LEU B 465 -7.10 32.63 -29.30
C LEU B 465 -5.85 33.03 -28.54
N ASN B 466 -5.08 34.01 -29.05
CA ASN B 466 -3.85 34.36 -28.31
C ASN B 466 -4.12 34.87 -26.87
N LYS B 467 -5.11 35.74 -26.68
CA LYS B 467 -5.44 36.25 -25.36
C LYS B 467 -6.07 35.19 -24.46
N VAL B 468 -6.78 34.22 -25.07
CA VAL B 468 -7.36 33.16 -24.25
C VAL B 468 -6.27 32.18 -23.77
N ALA B 469 -5.32 31.86 -24.66
CA ALA B 469 -4.18 31.05 -24.33
C ALA B 469 -3.32 31.72 -23.29
N ARG B 470 -3.20 33.05 -23.40
CA ARG B 470 -2.51 33.83 -22.36
C ARG B 470 -3.16 33.68 -21.01
N ALA B 471 -4.50 33.76 -20.95
CA ALA B 471 -5.21 33.53 -19.65
C ALA B 471 -5.05 32.13 -19.09
N ALA B 472 -5.08 31.11 -19.96
CA ALA B 472 -4.84 29.74 -19.51
C ALA B 472 -3.42 29.60 -18.99
N ALA B 473 -2.46 30.25 -19.64
CA ALA B 473 -1.08 30.23 -19.15
C ALA B 473 -0.95 30.93 -17.84
N GLU B 474 -1.68 32.04 -17.65
CA GLU B 474 -1.58 32.78 -16.43
C GLU B 474 -2.11 31.95 -15.22
N VAL B 475 -3.24 31.28 -15.40
CA VAL B 475 -3.77 30.37 -14.39
C VAL B 475 -2.73 29.35 -14.00
N ALA B 476 -2.23 28.59 -14.98
CA ALA B 476 -1.22 27.55 -14.68
C ALA B 476 0.03 28.12 -14.05
N GLY B 477 0.47 29.27 -14.56
CA GLY B 477 1.68 29.99 -14.04
C GLY B 477 1.53 30.47 -12.62
N GLN B 478 0.35 30.99 -12.29
CA GLN B 478 0.10 31.38 -10.93
C GLN B 478 0.02 30.17 -10.00
N PHE B 479 -0.59 29.08 -10.46
CA PHE B 479 -0.58 27.82 -9.66
C PHE B 479 0.91 27.48 -9.32
N VAL B 480 1.75 27.44 -10.36
CA VAL B 480 3.12 27.02 -10.19
C VAL B 480 3.85 27.93 -9.18
N ILE B 481 3.73 29.24 -9.37
CA ILE B 481 4.41 30.18 -8.44
C ILE B 481 3.93 29.99 -7.00
N LYS B 482 2.61 29.87 -6.81
CA LYS B 482 2.10 29.66 -5.46
C LYS B 482 2.58 28.41 -4.83
N LEU B 483 2.64 27.35 -5.62
CA LEU B 483 3.07 26.08 -5.12
C LEU B 483 4.57 26.02 -4.81
N THR B 484 5.37 26.85 -5.48
CA THR B 484 6.82 26.69 -5.39
C THR B 484 7.54 27.77 -4.67
N HIS B 485 6.92 28.92 -4.45
CA HIS B 485 7.64 30.09 -4.04
C HIS B 485 7.99 30.00 -2.55
N ASP B 486 6.99 29.97 -1.70
CA ASP B 486 7.19 30.03 -0.22
C ASP B 486 7.86 28.79 0.43
N VAL B 487 8.09 28.89 1.72
CA VAL B 487 8.38 27.74 2.57
C VAL B 487 7.23 26.82 2.87
N GLU B 488 6.02 27.32 2.92
CA GLU B 488 4.84 26.52 3.11
C GLU B 488 4.31 25.96 1.82
N LEU B 489 3.73 24.75 1.91
CA LEU B 489 2.89 24.21 0.89
C LEU B 489 1.45 24.68 0.90
N ASN B 490 1.02 25.24 -0.23
CA ASN B 490 -0.33 25.78 -0.37
C ASN B 490 -1.29 24.62 -0.65
N LEU B 491 -1.28 23.55 0.19
CA LEU B 491 -2.28 22.43 0.05
C LEU B 491 -3.33 22.37 1.19
N ASP B 492 -4.61 22.35 0.83
CA ASP B 492 -5.68 22.71 1.80
C ASP B 492 -6.34 21.45 2.31
N TYR B 493 -5.64 20.77 3.20
CA TYR B 493 -6.10 19.43 3.69
C TYR B 493 -7.39 19.59 4.49
N GLU B 494 -7.64 20.76 5.06
CA GLU B 494 -8.89 20.94 5.80
C GLU B 494 -10.16 20.84 4.93
N ARG B 495 -10.00 20.98 3.60
CA ARG B 495 -11.13 20.85 2.69
C ARG B 495 -11.77 19.43 2.74
N TYR B 496 -11.01 18.43 3.22
CA TYR B 496 -11.61 17.11 3.37
C TYR B 496 -12.56 16.98 4.54
N ASN B 497 -12.57 17.94 5.47
CA ASN B 497 -13.55 17.93 6.55
C ASN B 497 -14.94 18.08 5.97
N SER B 498 -15.11 18.95 4.99
CA SER B 498 -16.42 19.14 4.35
C SER B 498 -16.80 17.90 3.49
N GLN B 499 -15.80 17.32 2.87
CA GLN B 499 -16.02 16.11 2.04
C GLN B 499 -16.46 14.89 2.86
N LEU B 500 -15.85 14.69 4.03
CA LEU B 500 -16.25 13.64 4.93
C LEU B 500 -17.61 13.91 5.50
N LEU B 501 -17.88 15.17 5.87
CA LEU B 501 -19.12 15.49 6.53
C LEU B 501 -20.32 15.36 5.59
N SER B 502 -20.07 15.60 4.33
CA SER B 502 -21.06 15.49 3.28
C SER B 502 -21.40 13.99 3.04
N PHE B 503 -20.37 13.16 3.07
CA PHE B 503 -20.54 11.69 3.03
C PHE B 503 -21.40 11.21 4.20
N VAL B 504 -21.06 11.62 5.42
CA VAL B 504 -21.78 11.24 6.60
C VAL B 504 -23.25 11.67 6.54
N ARG B 505 -23.49 12.83 5.97
CA ARG B 505 -24.84 13.29 5.76
C ARG B 505 -25.61 12.35 4.85
N ASP B 506 -25.01 12.01 3.72
CA ASP B 506 -25.59 11.02 2.80
C ASP B 506 -25.82 9.66 3.45
N LEU B 507 -24.87 9.21 4.26
CA LEU B 507 -25.00 7.91 4.92
C LEU B 507 -26.10 7.99 5.95
N ASN B 508 -26.28 9.18 6.54
CA ASN B 508 -27.17 9.35 7.66
C ASN B 508 -28.63 9.22 7.24
N GLN B 509 -28.91 9.30 5.95
CA GLN B 509 -30.29 9.07 5.45
C GLN B 509 -30.72 7.62 5.60
N TYR B 510 -29.74 6.72 5.72
CA TYR B 510 -30.02 5.30 5.85
C TYR B 510 -29.89 4.81 7.30
N ARG B 511 -30.04 5.71 8.27
CA ARG B 511 -29.82 5.38 9.67
C ARG B 511 -30.72 4.22 10.17
N ALA B 512 -31.93 4.11 9.59
CA ALA B 512 -32.89 3.08 10.02
C ALA B 512 -32.51 1.67 9.50
N ASP B 513 -32.03 1.63 8.26
CA ASP B 513 -31.41 0.44 7.68
C ASP B 513 -30.24 -0.03 8.53
N ILE B 514 -29.35 0.90 8.85
CA ILE B 514 -28.21 0.57 9.69
C ILE B 514 -28.62 -0.05 11.04
N LYS B 515 -29.57 0.56 11.74
CA LYS B 515 -30.10 0.00 12.99
C LYS B 515 -30.79 -1.33 12.74
N GLU B 516 -31.55 -1.46 11.66
CA GLU B 516 -32.20 -2.75 11.30
C GLU B 516 -31.17 -3.89 11.18
N MET B 517 -30.00 -3.61 10.63
CA MET B 517 -28.98 -4.65 10.42
C MET B 517 -28.13 -4.90 11.69
N GLY B 518 -28.43 -4.21 12.79
CA GLY B 518 -27.64 -4.39 14.04
C GLY B 518 -26.29 -3.66 14.12
N LEU B 519 -26.13 -2.62 13.31
CA LEU B 519 -24.85 -1.93 13.15
C LEU B 519 -24.90 -0.53 13.76
N SER B 520 -23.74 0.06 13.98
CA SER B 520 -23.70 1.38 14.58
C SER B 520 -22.65 2.16 13.81
N LEU B 521 -22.96 3.42 13.52
CA LEU B 521 -22.03 4.32 12.90
C LEU B 521 -21.07 4.97 13.90
N GLN B 522 -21.11 4.56 15.17
CA GLN B 522 -20.30 5.27 16.17
C GLN B 522 -18.82 5.42 15.73
N TRP B 523 -18.22 4.38 15.16
CA TRP B 523 -16.78 4.40 14.93
C TRP B 523 -16.46 5.21 13.68
N LEU B 524 -17.39 5.24 12.73
CA LEU B 524 -17.25 6.16 11.61
C LEU B 524 -17.38 7.63 12.06
N TYR B 525 -18.39 7.97 12.86
CA TYR B 525 -18.48 9.32 13.40
C TYR B 525 -17.20 9.72 14.12
N SER B 526 -16.75 8.81 14.96
CA SER B 526 -15.58 9.04 15.76
C SER B 526 -14.34 9.24 14.85
N ALA B 527 -14.23 8.51 13.76
CA ALA B 527 -13.13 8.73 12.82
C ALA B 527 -13.20 10.10 12.12
N ARG B 528 -14.40 10.55 11.78
CA ARG B 528 -14.58 11.84 11.20
C ARG B 528 -14.12 12.94 12.15
N GLY B 529 -14.52 12.84 13.40
CA GLY B 529 -14.06 13.76 14.46
C GLY B 529 -12.56 13.73 14.72
N ASP B 530 -11.94 12.57 14.64
CA ASP B 530 -10.48 12.45 14.77
C ASP B 530 -9.73 13.13 13.60
N PHE B 531 -10.25 12.99 12.39
CA PHE B 531 -9.66 13.68 11.22
C PHE B 531 -9.81 15.19 11.35
N PHE B 532 -10.98 15.62 11.81
CA PHE B 532 -11.25 17.02 12.02
C PHE B 532 -10.24 17.66 12.95
N ARG B 533 -10.09 17.09 14.14
CA ARG B 533 -9.18 17.61 15.15
C ARG B 533 -7.73 17.49 14.65
N ALA B 534 -7.45 16.44 13.93
CA ALA B 534 -6.09 16.24 13.46
C ALA B 534 -5.68 17.29 12.38
N THR B 535 -6.65 17.69 11.57
CA THR B 535 -6.40 18.79 10.61
C THR B 535 -6.18 20.09 11.37
N SER B 536 -7.00 20.38 12.39
CA SER B 536 -6.81 21.61 13.20
CA SER B 536 -6.81 21.60 13.20
C SER B 536 -5.41 21.68 13.83
N ARG B 537 -4.94 20.56 14.38
CA ARG B 537 -3.65 20.56 15.11
C ARG B 537 -2.53 20.83 14.13
N LEU B 538 -2.63 20.22 12.94
CA LEU B 538 -1.63 20.41 11.90
C LEU B 538 -1.60 21.88 11.45
N THR B 539 -2.77 22.49 11.37
CA THR B 539 -2.85 23.90 11.03
C THR B 539 -2.19 24.78 12.11
N THR B 540 -2.49 24.49 13.35
CA THR B 540 -1.84 25.17 14.50
C THR B 540 -0.30 25.03 14.47
N ASP B 541 0.17 23.83 14.16
CA ASP B 541 1.60 23.57 14.07
C ASP B 541 2.28 24.36 12.99
N PHE B 542 1.64 24.51 11.84
CA PHE B 542 2.12 25.41 10.77
C PHE B 542 2.14 26.86 11.27
N GLY B 543 1.07 27.29 11.91
CA GLY B 543 0.99 28.59 12.55
C GLY B 543 2.15 28.87 13.50
N ASN B 544 2.51 27.91 14.33
CA ASN B 544 3.57 28.10 15.33
C ASN B 544 4.97 27.89 14.77
N ALA B 545 5.13 27.27 13.61
CA ALA B 545 6.47 26.90 13.15
C ALA B 545 7.30 28.15 12.85
N GLU B 546 8.60 28.05 13.11
CA GLU B 546 9.58 29.04 12.71
C GLU B 546 9.81 28.85 11.22
N LYS B 547 9.25 29.74 10.41
CA LYS B 547 9.24 29.58 8.95
C LYS B 547 10.62 29.61 8.30
N THR B 548 11.62 30.16 8.98
CA THR B 548 12.99 30.20 8.47
C THR B 548 13.78 28.94 8.80
N ASP B 549 13.21 28.06 9.61
CA ASP B 549 13.90 26.84 10.00
C ASP B 549 13.58 25.76 8.96
N ARG B 550 14.56 25.48 8.09
CA ARG B 550 14.31 24.62 6.91
C ARG B 550 13.98 23.18 7.38
N PHE B 551 14.56 22.72 8.51
CA PHE B 551 14.27 21.36 9.09
C PHE B 551 12.82 21.19 9.64
N VAL B 552 12.29 22.16 10.37
CA VAL B 552 10.88 22.14 10.81
C VAL B 552 9.94 22.21 9.64
N MET B 553 10.24 23.04 8.64
CA MET B 553 9.29 23.20 7.57
C MET B 553 9.26 21.97 6.66
N LYS B 554 10.43 21.39 6.33
CA LYS B 554 10.52 20.12 5.58
C LYS B 554 9.69 19.04 6.20
N LYS B 555 9.86 18.81 7.50
CA LYS B 555 9.06 17.83 8.21
C LYS B 555 7.55 18.09 8.04
N LEU B 556 7.09 19.33 8.21
CA LEU B 556 5.65 19.65 8.14
C LEU B 556 5.11 19.50 6.73
N ASN B 557 5.89 20.00 5.78
CA ASN B 557 5.54 19.87 4.40
C ASN B 557 5.47 18.38 3.97
N ASP B 558 6.47 17.58 4.36
CA ASP B 558 6.43 16.12 4.12
C ASP B 558 5.10 15.50 4.58
N ARG B 559 4.62 15.89 5.77
CA ARG B 559 3.31 15.41 6.25
C ARG B 559 2.14 15.80 5.35
N VAL B 560 2.10 17.05 4.91
CA VAL B 560 1.01 17.50 4.07
C VAL B 560 1.03 16.82 2.73
N MET B 561 2.21 16.39 2.27
CA MET B 561 2.30 15.62 0.99
C MET B 561 1.75 14.23 1.02
N ARG B 562 1.50 13.71 2.20
CA ARG B 562 0.91 12.36 2.36
C ARG B 562 -0.62 12.32 2.57
N VAL B 563 -1.27 13.47 2.63
CA VAL B 563 -2.67 13.49 2.93
C VAL B 563 -3.51 12.81 1.85
N GLU B 564 -3.28 13.15 0.60
CA GLU B 564 -4.08 12.58 -0.48
C GLU B 564 -3.85 11.10 -0.60
N TYR B 565 -2.60 10.67 -0.40
CA TYR B 565 -2.26 9.27 -0.53
C TYR B 565 -3.03 8.41 0.48
N HIS B 566 -3.24 8.93 1.69
CA HIS B 566 -3.91 8.16 2.72
C HIS B 566 -5.41 8.02 2.51
N PHE B 567 -5.98 8.67 1.50
CA PHE B 567 -7.29 8.30 1.01
C PHE B 567 -7.32 7.26 -0.11
N LEU B 568 -6.17 6.69 -0.51
CA LEU B 568 -6.17 5.51 -1.35
C LEU B 568 -6.41 4.29 -0.49
N SER B 569 -7.37 3.45 -0.87
CA SER B 569 -7.70 2.32 0.00
C SER B 569 -6.48 1.40 0.03
N PRO B 570 -6.06 0.99 1.24
CA PRO B 570 -4.95 0.05 1.30
C PRO B 570 -5.38 -1.39 1.21
N TYR B 571 -6.67 -1.62 1.03
CA TYR B 571 -7.27 -2.91 1.06
C TYR B 571 -7.62 -3.48 -0.30
N VAL B 572 -7.14 -2.86 -1.36
CA VAL B 572 -7.39 -3.41 -2.67
C VAL B 572 -6.10 -3.36 -3.46
N SER B 573 -5.96 -4.29 -4.39
CA SER B 573 -4.80 -4.32 -5.29
C SER B 573 -4.94 -3.32 -6.41
N PRO B 574 -3.92 -2.50 -6.62
CA PRO B 574 -3.89 -1.62 -7.77
C PRO B 574 -3.88 -2.31 -9.14
N LYS B 575 -3.61 -3.59 -9.17
CA LYS B 575 -3.77 -4.36 -10.41
C LYS B 575 -5.23 -4.73 -10.70
N GLU B 576 -6.00 -4.97 -9.66
CA GLU B 576 -7.43 -5.27 -9.78
C GLU B 576 -8.25 -3.97 -9.86
N SER B 577 -7.94 -3.02 -9.01
CA SER B 577 -8.63 -1.80 -8.92
C SER B 577 -7.61 -0.68 -8.85
N PRO B 578 -7.24 -0.15 -9.99
CA PRO B 578 -6.13 0.83 -9.97
C PRO B 578 -6.57 2.14 -9.33
N PHE B 579 -7.85 2.46 -9.41
CA PHE B 579 -8.32 3.77 -8.94
C PHE B 579 -8.81 3.61 -7.52
N ARG B 580 -7.83 3.65 -6.61
CA ARG B 580 -8.01 3.23 -5.20
C ARG B 580 -8.54 4.36 -4.31
N HIS B 581 -8.54 5.60 -4.79
CA HIS B 581 -8.99 6.73 -3.99
C HIS B 581 -10.44 6.57 -3.61
N VAL B 582 -10.74 6.61 -2.30
CA VAL B 582 -12.06 6.27 -1.82
C VAL B 582 -13.06 7.38 -2.13
N PHE B 583 -12.60 8.60 -2.41
CA PHE B 583 -13.51 9.66 -2.86
C PHE B 583 -13.59 9.66 -4.39
N TRP B 584 -12.46 9.59 -5.05
CA TRP B 584 -12.37 10.00 -6.45
C TRP B 584 -12.16 8.84 -7.41
N GLY B 585 -12.01 7.64 -6.86
CA GLY B 585 -11.67 6.45 -7.63
C GLY B 585 -12.89 5.70 -8.14
N SER B 586 -12.69 4.43 -8.37
CA SER B 586 -13.69 3.57 -8.99
CA SER B 586 -13.70 3.58 -8.97
C SER B 586 -13.64 2.16 -8.44
N GLY B 587 -14.79 1.65 -8.02
CA GLY B 587 -14.93 0.29 -7.53
C GLY B 587 -15.59 0.18 -6.12
N SER B 588 -15.69 -1.02 -5.59
CA SER B 588 -16.52 -1.28 -4.42
C SER B 588 -15.91 -0.74 -3.12
N HIS B 589 -14.70 -0.19 -3.20
CA HIS B 589 -14.04 0.41 -2.03
C HIS B 589 -14.31 1.90 -1.92
N THR B 590 -15.03 2.47 -2.88
CA THR B 590 -15.27 3.92 -2.80
C THR B 590 -16.43 4.26 -1.90
N LEU B 591 -16.39 5.47 -1.38
CA LEU B 591 -17.51 5.97 -0.60
C LEU B 591 -18.80 6.10 -1.39
N PRO B 592 -18.72 6.54 -2.66
CA PRO B 592 -20.00 6.50 -3.37
C PRO B 592 -20.52 5.06 -3.56
N ALA B 593 -19.63 4.08 -3.74
CA ALA B 593 -20.09 2.67 -3.94
C ALA B 593 -20.79 2.11 -2.71
N LEU B 594 -20.37 2.54 -1.52
CA LEU B 594 -21.00 2.12 -0.29
C LEU B 594 -22.45 2.61 -0.30
N LEU B 595 -22.63 3.83 -0.79
CA LEU B 595 -23.99 4.44 -0.80
C LEU B 595 -24.87 3.86 -1.91
N GLU B 596 -24.28 3.53 -3.06
CA GLU B 596 -25.00 2.88 -4.16
C GLU B 596 -25.59 1.51 -3.76
N ASN B 597 -24.80 0.70 -3.05
CA ASN B 597 -25.26 -0.58 -2.45
C ASN B 597 -26.37 -0.33 -1.40
N LEU B 598 -26.11 0.53 -0.42
CA LEU B 598 -27.06 0.80 0.67
C LEU B 598 -28.38 1.28 0.13
N LYS B 599 -28.33 2.03 -0.96
CA LYS B 599 -29.54 2.50 -1.65
C LYS B 599 -30.44 1.37 -2.18
N LEU B 600 -29.88 0.19 -2.42
CA LEU B 600 -30.69 -0.95 -2.89
C LEU B 600 -31.57 -1.61 -1.81
N ARG B 601 -31.23 -1.49 -0.53
CA ARG B 601 -32.05 -2.05 0.51
C ARG B 601 -33.38 -1.26 0.57
N GLY B 606 -33.67 -8.39 -3.82
CA GLY B 606 -32.39 -8.70 -3.18
C GLY B 606 -31.14 -8.37 -3.99
N ALA B 607 -31.14 -7.23 -4.71
CA ALA B 607 -29.90 -6.69 -5.31
C ALA B 607 -28.94 -6.08 -4.26
N PHE B 608 -29.45 -5.74 -3.08
CA PHE B 608 -28.62 -5.27 -1.98
C PHE B 608 -27.79 -6.42 -1.43
N ASN B 609 -26.51 -6.18 -1.15
CA ASN B 609 -25.67 -7.21 -0.55
C ASN B 609 -25.18 -6.79 0.84
N GLU B 610 -25.68 -7.47 1.84
CA GLU B 610 -25.50 -7.00 3.21
C GLU B 610 -24.06 -7.31 3.66
N THR B 611 -23.53 -8.45 3.19
CA THR B 611 -22.19 -8.89 3.59
CA THR B 611 -22.18 -8.88 3.58
C THR B 611 -21.14 -7.94 3.02
N LEU B 612 -21.31 -7.54 1.76
CA LEU B 612 -20.54 -6.51 1.15
C LEU B 612 -20.65 -5.23 1.96
N PHE B 613 -21.87 -4.83 2.28
CA PHE B 613 -22.05 -3.55 2.99
C PHE B 613 -21.29 -3.55 4.33
N ARG B 614 -21.40 -4.63 5.10
CA ARG B 614 -20.67 -4.67 6.41
C ARG B 614 -19.14 -4.46 6.17
N ASN B 615 -18.60 -5.10 5.13
CA ASN B 615 -17.18 -4.98 4.85
C ASN B 615 -16.85 -3.53 4.42
N GLN B 616 -17.69 -2.98 3.54
CA GLN B 616 -17.51 -1.62 3.04
C GLN B 616 -17.52 -0.60 4.20
N LEU B 617 -18.41 -0.80 5.17
CA LEU B 617 -18.47 0.11 6.30
C LEU B 617 -17.22 -0.03 7.14
N ALA B 618 -16.77 -1.27 7.30
CA ALA B 618 -15.59 -1.53 8.15
C ALA B 618 -14.35 -0.88 7.50
N LEU B 619 -14.18 -1.11 6.20
CA LEU B 619 -12.98 -0.73 5.49
C LEU B 619 -12.90 0.78 5.31
N ALA B 620 -14.05 1.40 5.05
CA ALA B 620 -14.12 2.86 4.97
C ALA B 620 -13.73 3.45 6.29
N THR B 621 -14.24 2.85 7.36
CA THR B 621 -14.01 3.42 8.67
C THR B 621 -12.52 3.28 8.99
N TRP B 622 -11.95 2.11 8.73
CA TRP B 622 -10.53 1.93 8.97
C TRP B 622 -9.63 2.91 8.16
N THR B 623 -10.00 3.15 6.92
CA THR B 623 -9.31 4.05 6.03
C THR B 623 -9.38 5.49 6.52
N ILE B 624 -10.53 5.92 7.01
CA ILE B 624 -10.64 7.28 7.52
C ILE B 624 -9.89 7.45 8.82
N GLN B 625 -9.99 6.43 9.70
CA GLN B 625 -9.37 6.49 10.99
C GLN B 625 -7.86 6.48 10.80
N GLY B 626 -7.37 5.65 9.87
CA GLY B 626 -5.93 5.56 9.57
C GLY B 626 -5.39 6.85 8.94
N ALA B 627 -6.25 7.56 8.22
CA ALA B 627 -5.89 8.88 7.68
C ALA B 627 -5.82 9.94 8.78
N ALA B 628 -6.72 9.86 9.76
CA ALA B 628 -6.60 10.72 10.94
C ALA B 628 -5.32 10.44 11.73
N ASN B 629 -5.03 9.16 12.01
CA ASN B 629 -3.81 8.78 12.77
C ASN B 629 -2.52 9.20 12.06
N ALA B 630 -2.51 9.05 10.73
CA ALA B 630 -1.38 9.48 9.89
C ALA B 630 -1.07 10.97 9.94
N LEU B 631 -2.05 11.77 10.31
CA LEU B 631 -1.81 13.20 10.40
C LEU B 631 -1.09 13.62 11.70
N SER B 632 -1.07 12.76 12.70
CA SER B 632 -0.27 12.98 13.93
C SER B 632 1.22 12.98 13.57
N GLY B 633 1.99 13.79 14.27
CA GLY B 633 3.41 13.91 13.96
C GLY B 633 4.13 12.64 14.41
N ASP B 634 4.42 12.62 15.68
CA ASP B 634 5.16 11.52 16.25
C ASP B 634 4.19 10.52 16.92
N VAL B 635 4.70 9.32 17.24
CA VAL B 635 3.88 8.33 17.96
C VAL B 635 3.43 8.73 19.33
N TRP B 636 4.20 9.58 20.03
CA TRP B 636 3.87 10.00 21.34
C TRP B 636 2.91 11.23 21.38
N ASP B 637 2.44 11.68 20.23
CA ASP B 637 1.50 12.86 20.06
C ASP B 637 0.01 12.50 19.95
N ARG C 3 -4.87 34.12 10.24
CA ARG C 3 -4.88 33.87 11.72
C ARG C 3 -5.32 32.42 12.02
N GLU C 4 -6.59 32.09 11.76
CA GLU C 4 -7.22 30.81 12.21
C GLU C 4 -7.69 30.01 10.98
N GLY C 5 -7.47 28.70 10.96
CA GLY C 5 -8.10 27.84 9.96
C GLY C 5 -9.61 27.64 10.13
N CYS C 6 -10.22 27.02 9.13
CA CYS C 6 -11.64 26.83 9.09
C CYS C 6 -12.03 25.82 10.16
N ALA C 7 -11.18 24.86 10.44
CA ALA C 7 -11.52 23.85 11.40
C ALA C 7 -11.55 24.47 12.82
N SER C 8 -10.56 25.28 13.18
CA SER C 8 -10.62 26.03 14.45
C SER C 8 -11.81 26.98 14.54
N ARG C 9 -12.08 27.67 13.45
CA ARG C 9 -13.21 28.56 13.37
C ARG C 9 -14.54 27.81 13.56
N CYS C 10 -14.65 26.59 13.06
CA CYS C 10 -15.90 25.85 13.07
C CYS C 10 -15.98 24.81 14.19
N MET C 11 -15.02 24.89 15.11
CA MET C 11 -14.80 23.84 16.10
C MET C 11 -15.99 23.74 17.03
N LYS C 12 -16.58 24.88 17.38
CA LYS C 12 -17.76 24.89 18.27
C LYS C 12 -18.85 24.05 17.61
N TYR C 13 -19.02 24.15 16.31
CA TYR C 13 -20.09 23.40 15.66
C TYR C 13 -19.80 21.90 15.59
N ASN C 14 -18.52 21.56 15.47
CA ASN C 14 -18.11 20.17 15.44
C ASN C 14 -18.42 19.56 16.81
N ASP C 15 -18.14 20.32 17.87
CA ASP C 15 -18.37 19.86 19.26
C ASP C 15 -19.84 19.64 19.52
N GLU C 16 -20.67 20.54 19.00
CA GLU C 16 -22.13 20.40 19.15
C GLU C 16 -22.57 19.14 18.43
N LEU C 17 -21.96 18.86 17.27
CA LEU C 17 -22.42 17.68 16.51
C LEU C 17 -22.07 16.42 17.24
N GLU C 18 -20.89 16.40 17.84
CA GLU C 18 -20.40 15.24 18.56
C GLU C 18 -21.19 14.97 19.85
N LYS C 19 -21.41 16.00 20.64
CA LYS C 19 -22.30 15.92 21.80
C LYS C 19 -23.72 15.44 21.43
N CYS C 20 -24.23 15.86 20.28
CA CYS C 20 -25.55 15.41 19.81
C CYS C 20 -25.55 13.97 19.32
N GLU C 21 -24.48 13.58 18.62
CA GLU C 21 -24.33 12.18 18.22
C GLU C 21 -24.32 11.30 19.49
N ALA C 22 -23.60 11.73 20.54
CA ALA C 22 -23.49 10.95 21.77
C ALA C 22 -24.84 10.80 22.52
N ARG C 23 -25.68 11.84 22.49
CA ARG C 23 -27.07 11.75 22.98
C ARG C 23 -27.90 10.75 22.17
N MET C 24 -27.82 10.81 20.83
CA MET C 24 -28.59 9.90 19.95
C MET C 24 -28.19 8.42 20.11
N MET C 25 -26.95 8.14 20.53
CA MET C 25 -26.47 6.75 20.70
C MET C 25 -26.75 6.27 22.12
N SER C 26 -28.00 6.44 22.57
CA SER C 26 -28.38 6.20 23.96
C SER C 26 -29.85 5.78 24.09
N ASP C 33 -31.93 12.62 15.37
CA ASP C 33 -31.51 12.50 13.99
C ASP C 33 -30.25 13.31 13.71
N CYS C 34 -30.01 14.32 14.56
CA CYS C 34 -28.85 15.18 14.44
C CYS C 34 -28.68 15.73 13.02
N GLU C 35 -29.75 16.28 12.47
CA GLU C 35 -29.72 16.84 11.12
C GLU C 35 -29.30 18.30 11.13
N GLN C 36 -29.78 19.04 12.12
CA GLN C 36 -29.45 20.48 12.26
C GLN C 36 -28.01 20.71 12.69
N GLU C 37 -27.48 19.92 13.60
CA GLU C 37 -26.14 20.18 14.09
C GLU C 37 -25.15 19.93 12.92
N LEU C 38 -25.49 18.99 12.04
CA LEU C 38 -24.69 18.72 10.86
C LEU C 38 -24.77 19.88 9.84
N GLU C 39 -25.98 20.29 9.46
CA GLU C 39 -26.18 21.39 8.52
C GLU C 39 -25.44 22.65 8.97
N ASP C 40 -25.43 22.91 10.28
CA ASP C 40 -24.73 24.08 10.85
C ASP C 40 -23.23 23.99 10.67
N LEU C 41 -22.67 22.81 10.95
CA LEU C 41 -21.26 22.60 10.71
C LEU C 41 -20.92 22.69 9.22
N LEU C 42 -21.71 22.03 8.38
CA LEU C 42 -21.42 22.00 6.94
C LEU C 42 -21.49 23.41 6.38
N TYR C 43 -22.45 24.20 6.87
CA TYR C 43 -22.59 25.57 6.44
C TYR C 43 -21.31 26.37 6.76
N CYS C 44 -20.88 26.25 8.01
CA CYS C 44 -19.73 26.98 8.51
C CYS C 44 -18.48 26.62 7.73
N LEU C 45 -18.29 25.33 7.49
CA LEU C 45 -17.19 24.86 6.69
C LEU C 45 -17.22 25.40 5.26
N ASP C 46 -18.37 25.35 4.58
CA ASP C 46 -18.40 25.64 3.16
C ASP C 46 -18.36 27.14 2.89
N HIS C 47 -18.67 27.94 3.92
CA HIS C 47 -18.61 29.39 3.81
C HIS C 47 -17.36 30.05 4.44
N CYS C 48 -16.43 29.23 4.87
CA CYS C 48 -15.24 29.71 5.52
C CYS C 48 -14.16 29.78 4.45
N HIS C 49 -13.48 30.92 4.33
CA HIS C 49 -12.42 31.07 3.33
C HIS C 49 -11.14 31.24 4.11
N SER C 50 -10.21 30.33 3.98
CA SER C 50 -9.06 30.38 4.88
C SER C 50 -8.08 31.51 4.51
N GLN C 51 -8.17 32.01 3.28
CA GLN C 51 -7.28 33.07 2.83
C GLN C 51 -8.08 34.21 2.18
N GLU D 4 34.73 0.68 -0.57
CA GLU D 4 33.71 0.16 -1.55
C GLU D 4 32.77 -0.80 -0.83
N GLY D 5 31.48 -0.74 -1.18
CA GLY D 5 30.52 -1.77 -0.78
C GLY D 5 30.68 -3.11 -1.50
N CYS D 6 29.88 -4.08 -1.05
CA CYS D 6 29.97 -5.42 -1.59
C CYS D 6 29.49 -5.45 -3.03
N ALA D 7 28.45 -4.68 -3.35
CA ALA D 7 27.93 -4.67 -4.71
C ALA D 7 28.95 -4.12 -5.72
N SER D 8 29.69 -3.08 -5.35
CA SER D 8 30.77 -2.64 -6.23
CA SER D 8 30.81 -2.57 -6.16
C SER D 8 31.94 -3.61 -6.27
N ARG D 9 32.31 -4.21 -5.13
CA ARG D 9 33.38 -5.20 -5.14
C ARG D 9 32.99 -6.36 -6.05
N CYS D 10 31.71 -6.72 -6.12
CA CYS D 10 31.30 -7.94 -6.79
C CYS D 10 30.71 -7.64 -8.17
N MET D 11 30.86 -6.38 -8.59
CA MET D 11 30.20 -5.91 -9.83
C MET D 11 30.63 -6.71 -11.06
N LYS D 12 31.92 -7.01 -11.16
CA LYS D 12 32.42 -7.75 -12.31
C LYS D 12 31.67 -9.08 -12.41
N TYR D 13 31.39 -9.73 -11.29
CA TYR D 13 30.67 -11.00 -11.35
C TYR D 13 29.20 -10.84 -11.72
N ASN D 14 28.59 -9.71 -11.34
CA ASN D 14 27.23 -9.42 -11.73
C ASN D 14 27.19 -9.24 -13.25
N ASP D 15 28.15 -8.49 -13.78
CA ASP D 15 28.24 -8.25 -15.24
C ASP D 15 28.40 -9.54 -16.02
N GLU D 16 29.27 -10.41 -15.54
CA GLU D 16 29.47 -11.74 -16.18
C GLU D 16 28.15 -12.53 -16.15
N LEU D 17 27.39 -12.47 -15.07
CA LEU D 17 26.12 -13.22 -15.03
C LEU D 17 25.15 -12.65 -16.04
N GLU D 18 25.07 -11.33 -16.13
CA GLU D 18 24.11 -10.71 -17.04
C GLU D 18 24.48 -10.98 -18.52
N LYS D 19 25.76 -10.79 -18.84
CA LYS D 19 26.30 -11.17 -20.14
C LYS D 19 25.96 -12.65 -20.50
N CYS D 20 26.05 -13.55 -19.53
CA CYS D 20 25.76 -14.98 -19.75
C CYS D 20 24.26 -15.27 -19.89
N GLU D 21 23.44 -14.61 -19.07
CA GLU D 21 21.99 -14.72 -19.23
C GLU D 21 21.62 -14.23 -20.66
N ALA D 22 22.25 -13.15 -21.13
CA ALA D 22 21.94 -12.58 -22.46
C ALA D 22 22.30 -13.52 -23.62
N ARG D 23 23.50 -14.13 -23.57
CA ARG D 23 23.84 -15.26 -24.46
C ARG D 23 22.79 -16.37 -24.44
N MET D 24 22.40 -16.79 -23.23
CA MET D 24 21.60 -18.02 -23.01
C MET D 24 20.15 -17.90 -23.53
N MET D 25 19.77 -16.69 -23.93
CA MET D 25 18.43 -16.42 -24.41
C MET D 25 18.52 -16.01 -25.89
N SER D 26 19.09 -16.92 -26.69
CA SER D 26 19.16 -16.80 -28.16
C SER D 26 19.75 -18.07 -28.77
N ASP D 33 24.10 -22.53 -19.25
CA ASP D 33 23.09 -22.49 -18.19
C ASP D 33 23.36 -21.46 -17.06
N CYS D 34 24.47 -20.74 -17.16
CA CYS D 34 24.83 -19.71 -16.19
C CYS D 34 24.91 -20.13 -14.69
N GLU D 35 24.93 -21.44 -14.37
CA GLU D 35 25.04 -21.89 -12.97
C GLU D 35 26.37 -21.48 -12.29
N GLN D 36 27.49 -21.60 -13.01
CA GLN D 36 28.77 -21.16 -12.48
C GLN D 36 28.86 -19.65 -12.31
N GLU D 37 28.32 -18.89 -13.24
CA GLU D 37 28.44 -17.45 -13.15
C GLU D 37 27.61 -16.97 -11.93
N LEU D 38 26.48 -17.64 -11.70
CA LEU D 38 25.71 -17.34 -10.48
C LEU D 38 26.45 -17.73 -9.20
N GLU D 39 26.98 -18.97 -9.15
CA GLU D 39 27.73 -19.47 -7.98
C GLU D 39 28.89 -18.54 -7.63
N ASP D 40 29.49 -17.95 -8.66
CA ASP D 40 30.64 -17.08 -8.42
C ASP D 40 30.16 -15.79 -7.76
N LEU D 41 29.08 -15.24 -8.29
CA LEU D 41 28.57 -14.00 -7.74
C LEU D 41 28.16 -14.23 -6.32
N LEU D 42 27.41 -15.31 -6.10
CA LEU D 42 26.85 -15.59 -4.78
C LEU D 42 27.95 -15.79 -3.76
N TYR D 43 29.02 -16.45 -4.18
CA TYR D 43 30.18 -16.66 -3.33
C TYR D 43 30.78 -15.32 -2.91
N CYS D 44 30.95 -14.43 -3.89
CA CYS D 44 31.58 -13.15 -3.66
C CYS D 44 30.73 -12.30 -2.74
N LEU D 45 29.42 -12.30 -2.96
CA LEU D 45 28.50 -11.59 -2.06
C LEU D 45 28.53 -12.16 -0.63
N ASP D 46 28.52 -13.48 -0.46
CA ASP D 46 28.37 -14.04 0.87
C ASP D 46 29.65 -13.98 1.69
N HIS D 47 30.79 -13.77 1.01
CA HIS D 47 32.07 -13.72 1.71
C HIS D 47 32.63 -12.29 1.84
N CYS D 48 31.85 -11.33 1.42
CA CYS D 48 32.22 -9.95 1.47
C CYS D 48 31.70 -9.38 2.77
N HIS D 49 32.58 -8.67 3.46
CA HIS D 49 32.19 -8.02 4.71
C HIS D 49 32.38 -6.53 4.50
N SER D 50 31.31 -5.77 4.52
CA SER D 50 31.38 -4.35 4.14
C SER D 50 32.11 -3.54 5.20
N GLN D 51 31.98 -4.00 6.43
CA GLN D 51 32.58 -3.38 7.59
C GLN D 51 33.38 -4.44 8.40
O1 MES E . -1.19 -44.21 4.75
C2 MES E . -2.39 -43.80 5.41
C3 MES E . -2.13 -42.67 6.40
N4 MES E . -1.42 -41.57 5.74
C5 MES E . -0.26 -41.98 4.94
C6 MES E . -0.61 -43.14 3.99
C7 MES E . -1.07 -40.44 6.64
C8 MES E . -2.18 -39.93 7.55
S MES E . -3.47 -39.16 6.76
O1S MES E . -4.15 -40.19 5.94
O2S MES E . -2.88 -38.14 5.89
O3S MES E . -4.33 -38.64 7.81
C1 GOL F . 16.30 -17.48 18.20
O1 GOL F . 16.87 -16.80 17.07
C2 GOL F . 15.28 -16.64 18.99
O2 GOL F . 15.70 -15.32 19.40
C3 GOL F . 14.05 -16.52 18.14
O3 GOL F . 14.47 -15.90 16.91
C1 GOL G . 16.58 16.57 22.48
O1 GOL G . 17.17 17.88 22.43
C2 GOL G . 16.87 15.90 23.82
O2 GOL G . 16.36 16.73 24.85
C3 GOL G . 16.12 14.59 23.88
O3 GOL G . 16.73 13.58 24.69
C1 GOL H . 3.16 -21.57 24.95
O1 GOL H . 3.07 -20.63 26.06
C2 GOL H . 4.53 -22.25 24.90
O2 GOL H . 5.45 -21.28 25.43
C3 GOL H . 4.47 -23.55 25.73
O3 GOL H . 4.76 -24.74 24.98
C1 GOL I . 6.42 -27.12 9.90
O1 GOL I . 7.47 -27.99 9.44
C2 GOL I . 5.09 -27.29 9.14
O2 GOL I . 4.86 -28.66 9.01
C3 GOL I . 3.88 -26.76 9.92
O3 GOL I . 3.55 -25.41 9.63
C1 NAG J . -11.99 -41.33 7.12
C2 NAG J . -13.21 -41.93 7.82
C3 NAG J . -13.69 -43.24 7.15
C4 NAG J . -13.79 -43.07 5.63
C5 NAG J . -12.45 -42.55 5.10
C6 NAG J . -12.36 -42.44 3.57
C7 NAG J . -13.55 -41.73 10.25
C8 NAG J . -13.09 -42.22 11.59
N2 NAG J . -12.90 -42.24 9.21
O3 NAG J . -14.97 -43.53 7.73
O4 NAG J . -14.21 -44.29 5.02
O5 NAG J . -12.21 -41.25 5.70
O6 NAG J . -13.25 -41.45 3.03
O7 NAG J . -14.39 -40.84 10.17
C1 NAG K . -5.67 -21.50 -9.75
C2 NAG K . -7.02 -21.86 -9.11
C3 NAG K . -8.12 -20.90 -9.54
C4 NAG K . -7.68 -19.44 -9.35
C5 NAG K . -6.30 -19.19 -9.99
C6 NAG K . -5.78 -17.79 -9.70
C7 NAG K . -7.50 -24.22 -8.62
C8 NAG K . -7.91 -25.55 -9.21
N2 NAG K . -7.43 -23.21 -9.49
O3 NAG K . -9.26 -21.16 -8.73
O4 NAG K . -8.68 -18.56 -9.87
O5 NAG K . -5.35 -20.13 -9.44
O6 NAG K . -5.49 -17.69 -8.30
O7 NAG K . -7.24 -24.10 -7.44
O1 MES L . -39.12 -2.22 -21.23
C2 MES L . -38.29 -3.07 -22.02
C3 MES L . -36.97 -2.36 -22.37
N4 MES L . -36.30 -1.89 -21.17
C5 MES L . -37.19 -1.15 -20.25
C6 MES L . -38.49 -1.89 -19.98
C7 MES L . -35.07 -1.12 -21.41
C8 MES L . -34.01 -1.75 -22.35
S MES L . -33.34 -3.22 -21.81
O1S MES L . -32.36 -3.59 -22.82
O2S MES L . -34.42 -4.22 -21.74
O3S MES L . -32.82 -2.95 -20.47
C1 GOL M . -10.87 20.79 -17.70
O1 GOL M . -10.52 20.12 -18.91
C2 GOL M . -12.25 20.36 -17.23
O2 GOL M . -12.23 19.02 -16.68
C3 GOL M . -12.59 21.37 -16.16
O3 GOL M . -13.78 20.96 -15.47
C1 GOL N . 20.25 26.22 -8.27
O1 GOL N . 20.08 25.36 -7.14
C2 GOL N . 19.58 25.58 -9.48
O2 GOL N . 19.67 24.16 -9.29
C3 GOL N . 18.13 26.06 -9.57
O3 GOL N . 17.37 25.52 -10.67
C1 GOL O . -22.64 5.35 -16.70
O1 GOL O . -21.35 5.49 -17.31
C2 GOL O . -23.57 6.50 -17.07
O2 GOL O . -24.87 6.02 -16.99
C3 GOL O . -23.45 7.69 -16.11
O3 GOL O . -24.27 8.81 -16.51
C1 GOL P . -12.23 10.90 -28.78
O1 GOL P . -11.06 11.31 -29.53
C2 GOL P . -13.29 12.00 -28.65
O2 GOL P . -12.56 13.24 -28.57
C3 GOL P . -14.29 11.93 -29.82
O3 GOL P . -15.66 12.08 -29.41
C1 GOL Q . -14.36 8.66 -24.71
O1 GOL Q . -15.35 9.36 -25.41
C2 GOL Q . -13.04 9.31 -25.09
O2 GOL Q . -11.95 9.04 -24.17
C3 GOL Q . -12.92 8.65 -26.45
O3 GOL Q . -11.56 8.37 -26.68
C1 GOL R . -18.96 15.42 -6.66
O1 GOL R . -17.80 15.16 -5.89
C2 GOL R . -18.74 14.68 -7.95
O2 GOL R . -19.53 13.50 -7.93
C3 GOL R . -19.08 15.60 -9.11
O3 GOL R . -19.12 15.00 -10.42
C1 NAG S . -33.51 -11.12 -25.76
C2 NAG S . -33.67 -11.99 -27.01
C3 NAG S . -34.99 -12.74 -27.04
C4 NAG S . -35.30 -13.40 -25.70
C5 NAG S . -35.18 -12.35 -24.59
C6 NAG S . -35.56 -12.86 -23.20
C7 NAG S . -32.56 -11.36 -29.09
C8 NAG S . -32.62 -10.50 -30.30
N2 NAG S . -33.56 -11.20 -28.22
O3 NAG S . -34.84 -13.73 -28.06
O4 NAG S . -36.59 -14.03 -25.72
O5 NAG S . -33.83 -11.86 -24.58
O6 NAG S . -34.66 -13.89 -22.75
O7 NAG S . -31.59 -12.08 -28.87
C1 NAG T . -22.01 -10.30 -1.60
C2 NAG T . -21.83 -11.32 -2.74
C3 NAG T . -20.84 -12.43 -2.36
C4 NAG T . -19.58 -11.88 -1.70
C5 NAG T . -19.89 -10.83 -0.63
C6 NAG T . -18.64 -10.14 -0.10
C7 NAG T . -23.71 -11.70 -4.25
C8 NAG T . -25.02 -12.43 -4.44
N2 NAG T . -23.11 -11.92 -3.09
O3 NAG T . -20.49 -13.13 -3.56
O4 NAG T . -18.83 -12.96 -1.15
O5 NAG T . -20.75 -9.82 -1.18
O6 NAG T . -17.98 -9.42 -1.17
O7 NAG T . -23.24 -10.98 -5.11
#